data_5XIP
#
_entry.id   5XIP
#
_cell.length_a   138.757
_cell.length_b   138.757
_cell.length_c   425.671
_cell.angle_alpha   90.000
_cell.angle_beta   90.000
_cell.angle_gamma   120.000
#
_symmetry.space_group_name_H-M   'H 3'
#
loop_
_entity.id
_entity.type
_entity.pdbx_description
1 polymer 'Prolyl-tRNA synthetase, putative'
2 non-polymer 'PHOSPHOAMINOPHOSPHONIC ACID-ADENYLATE ESTER'
3 non-polymer 'MAGNESIUM ION'
4 non-polymer 7-bromo-6-chloro-3-{3-[(2R,3S)-3-hydroxypiperidin-2-yl]-2-oxopropyl}quinazolin-4(3H)-one
5 water water
#
_entity_poly.entity_id   1
_entity_poly.type   'polypeptide(L)'
_entity_poly.pdbx_seq_one_letter_code
;GAMGVTAKKSTNFADWYTQVIVRGELVEYYDISGCYIIRPWAYRIWEAVQKFFDDGIKRLGVENCYFPMFVSQAKLEKEK
DHVEGFKPEVAWVTHYGDSELPEKVAIRPTSETIMYPAYAKWIRSHRDLPLKLNQWNNVVRWEFKQPTPFLRTREFLWQE
GHTAHATEEEAYTLVLEILELYRQWYEDYLAVPVIKGEKSENEKFAGGKKTTTIEGIIPDTGRGIQAATSHLLGQNFSRM
FSIEFEDEKGAKQLVHQTSWGCTTRSLGVMIMTHGDDKGLVLPPRVVAVQAVIIPIIFKETGGMEIVAKCRELERLLNAA
GVRVKVDDRTNYTPGWKFNDWELKGVPLRLEIGPRDVESCQTRVVRRDTSEARNVPWAEAASTIPAMLETMQKDLFNKAK
AKFEASIEQITTFDEVMPALNRRHVVLAPWCEDPETETQIKRETQRLSEIQARENADGMTGAMKPLCIPFDQPPMPEGTR
CFFTGRPAKRWCLFGRSY
;
_entity_poly.pdbx_strand_id   A,B,C,D
#
loop_
_chem_comp.id
_chem_comp.type
_chem_comp.name
_chem_comp.formula
ANP non-polymer 'PHOSPHOAMINOPHOSPHONIC ACID-ADENYLATE ESTER' 'C10 H17 N6 O12 P3'
HFG non-polymer 7-bromo-6-chloro-3-{3-[(2R,3S)-3-hydroxypiperidin-2-yl]-2-oxopropyl}quinazolin-4(3H)-one 'C16 H17 Br Cl N3 O3'
MG non-polymer 'MAGNESIUM ION' 'Mg 2'
#
# COMPACT_ATOMS: atom_id res chain seq x y z
N VAL A 5 1.49 50.76 -4.45
CA VAL A 5 2.57 51.83 -4.49
C VAL A 5 2.00 53.28 -4.25
N THR A 6 2.73 54.06 -3.46
CA THR A 6 2.44 55.44 -3.09
C THR A 6 3.11 56.37 -4.12
N ALA A 7 4.39 56.17 -4.39
CA ALA A 7 5.14 57.08 -5.26
C ALA A 7 4.76 56.85 -6.71
N LYS A 8 5.34 57.66 -7.61
CA LYS A 8 4.98 57.59 -9.02
C LYS A 8 6.23 57.77 -9.85
N LYS A 9 6.33 56.97 -10.87
CA LYS A 9 7.52 56.90 -11.65
C LYS A 9 7.84 58.23 -12.18
N SER A 10 6.85 58.93 -12.65
CA SER A 10 7.04 60.26 -13.18
C SER A 10 7.40 61.35 -12.16
N THR A 11 6.78 61.31 -11.00
CA THR A 11 6.98 62.27 -9.93
C THR A 11 8.08 62.05 -8.90
N ASN A 12 8.14 60.90 -8.24
CA ASN A 12 9.16 60.65 -7.23
C ASN A 12 9.79 59.36 -7.62
N PHE A 13 10.65 59.47 -8.57
CA PHE A 13 11.24 58.29 -9.18
C PHE A 13 12.04 57.40 -8.24
N ALA A 14 12.94 57.98 -7.47
CA ALA A 14 13.72 57.20 -6.52
C ALA A 14 12.86 56.48 -5.51
N ASP A 15 11.86 57.14 -4.95
CA ASP A 15 10.99 56.46 -3.96
C ASP A 15 10.16 55.36 -4.63
N TRP A 16 9.80 55.58 -5.86
CA TRP A 16 8.99 54.61 -6.54
C TRP A 16 9.71 53.35 -6.64
N TYR A 17 10.94 53.40 -7.13
CA TYR A 17 11.73 52.24 -7.35
C TYR A 17 11.91 51.51 -6.10
N THR A 18 12.27 52.19 -5.05
CA THR A 18 12.49 51.54 -3.80
C THR A 18 11.27 50.82 -3.42
N GLN A 19 10.14 51.42 -3.68
CA GLN A 19 8.83 50.84 -3.40
C GLN A 19 8.51 49.57 -4.20
N VAL A 20 8.81 49.62 -5.51
CA VAL A 20 8.39 48.52 -6.40
C VAL A 20 9.20 47.27 -6.13
N ILE A 21 10.49 47.45 -5.92
CA ILE A 21 11.32 46.33 -5.59
C ILE A 21 11.05 45.80 -4.17
N VAL A 22 10.47 46.56 -3.26
CA VAL A 22 10.24 45.96 -1.95
C VAL A 22 8.88 45.34 -1.93
N ARG A 23 7.91 46.08 -2.45
CA ARG A 23 6.54 45.57 -2.56
C ARG A 23 6.50 44.44 -3.64
N GLY A 24 7.45 44.42 -4.56
CA GLY A 24 7.55 43.36 -5.57
C GLY A 24 8.37 42.14 -5.21
N GLU A 25 8.89 42.09 -3.98
CA GLU A 25 9.59 40.93 -3.39
C GLU A 25 10.92 40.55 -4.08
N LEU A 26 11.54 41.54 -4.71
CA LEU A 26 12.84 41.36 -5.30
C LEU A 26 13.93 41.46 -4.29
N VAL A 27 13.95 42.52 -3.51
CA VAL A 27 14.92 42.58 -2.43
C VAL A 27 14.29 42.76 -1.08
N GLU A 28 15.18 42.68 -0.10
CA GLU A 28 14.90 42.94 1.29
C GLU A 28 16.03 43.83 1.84
N TYR A 29 15.66 44.75 2.71
CA TYR A 29 16.60 45.75 3.16
C TYR A 29 17.37 45.14 4.32
N TYR A 30 18.58 45.66 4.52
CA TYR A 30 19.60 44.97 5.31
C TYR A 30 20.42 45.93 6.11
N ASP A 31 20.77 45.54 7.34
CA ASP A 31 21.51 46.43 8.29
C ASP A 31 22.95 46.82 7.95
N ILE A 32 23.59 46.19 6.98
CA ILE A 32 24.87 46.69 6.49
C ILE A 32 24.58 47.61 5.32
N SER A 33 25.03 48.85 5.42
CA SER A 33 24.78 49.82 4.38
C SER A 33 25.41 49.36 3.05
N GLY A 34 24.61 49.34 1.96
CA GLY A 34 25.08 49.04 0.57
C GLY A 34 24.92 47.60 0.03
N CYS A 35 24.08 46.81 0.69
CA CYS A 35 24.10 45.39 0.55
C CYS A 35 22.73 44.92 0.78
N TYR A 36 22.14 44.28 -0.21
CA TYR A 36 20.76 43.89 -0.10
C TYR A 36 20.55 42.39 -0.36
N ILE A 37 19.63 41.80 0.40
CA ILE A 37 19.20 40.42 0.18
C ILE A 37 18.45 40.27 -1.14
N ILE A 38 19.08 39.64 -2.12
CA ILE A 38 18.40 39.26 -3.35
C ILE A 38 17.44 38.11 -3.05
N ARG A 39 16.15 38.32 -3.25
CA ARG A 39 15.15 37.31 -2.93
C ARG A 39 14.90 36.37 -4.10
N PRO A 40 14.25 35.25 -3.84
CA PRO A 40 14.01 34.27 -4.88
C PRO A 40 13.47 34.86 -6.18
N TRP A 41 12.45 35.68 -6.05
CA TRP A 41 11.75 36.21 -7.19
C TRP A 41 12.73 36.94 -8.13
N ALA A 42 13.66 37.68 -7.56
CA ALA A 42 14.66 38.35 -8.36
C ALA A 42 15.80 37.45 -8.71
N TYR A 43 16.16 36.56 -7.79
CA TYR A 43 17.34 35.73 -7.97
C TYR A 43 17.21 34.82 -9.20
N ARG A 44 16.00 34.32 -9.42
CA ARG A 44 15.73 33.42 -10.53
C ARG A 44 16.07 34.10 -11.84
N ILE A 45 15.72 35.37 -11.94
CA ILE A 45 16.05 36.07 -13.16
C ILE A 45 17.55 36.10 -13.40
N TRP A 46 18.34 36.32 -12.34
CA TRP A 46 19.81 36.23 -12.46
C TRP A 46 20.21 34.84 -13.00
N GLU A 47 19.59 33.77 -12.47
CA GLU A 47 19.83 32.43 -12.99
C GLU A 47 19.52 32.41 -14.47
N ALA A 48 18.34 32.90 -14.86
CA ALA A 48 17.95 32.90 -16.29
C ALA A 48 19.02 33.45 -17.28
N VAL A 49 19.35 34.73 -17.16
CA VAL A 49 20.38 35.30 -18.04
C VAL A 49 21.80 34.69 -17.87
N GLN A 50 22.06 34.14 -16.68
CA GLN A 50 23.37 33.56 -16.39
C GLN A 50 23.60 32.29 -17.16
N LYS A 51 22.57 31.44 -17.18
CA LYS A 51 22.65 30.21 -17.97
C LYS A 51 22.82 30.58 -19.44
N PHE A 52 22.03 31.55 -19.89
CA PHE A 52 22.15 31.98 -21.26
C PHE A 52 23.60 32.30 -21.53
N PHE A 53 24.16 33.17 -20.72
CA PHE A 53 25.46 33.71 -20.97
C PHE A 53 26.54 32.66 -20.83
N ASP A 54 26.33 31.76 -19.87
CA ASP A 54 27.29 30.72 -19.60
C ASP A 54 27.40 29.74 -20.78
N ASP A 55 26.24 29.33 -21.28
CA ASP A 55 26.15 28.52 -22.49
C ASP A 55 26.81 29.22 -23.67
N GLY A 56 26.59 30.53 -23.74
CA GLY A 56 27.14 31.34 -24.80
C GLY A 56 28.64 31.32 -24.77
N ILE A 57 29.23 31.52 -23.58
CA ILE A 57 30.69 31.59 -23.51
C ILE A 57 31.28 30.24 -23.74
N LYS A 58 30.64 29.21 -23.19
CA LYS A 58 31.04 27.83 -23.41
C LYS A 58 31.14 27.49 -24.89
N ARG A 59 30.15 27.90 -25.67
CA ARG A 59 30.23 27.78 -27.13
C ARG A 59 31.43 28.48 -27.70
N LEU A 60 31.93 29.50 -27.03
CA LEU A 60 33.17 30.17 -27.46
C LEU A 60 34.46 29.56 -26.89
N GLY A 61 34.34 28.55 -26.04
CA GLY A 61 35.50 27.81 -25.61
C GLY A 61 36.02 28.30 -24.27
N VAL A 62 35.18 29.00 -23.55
CA VAL A 62 35.61 29.68 -22.36
C VAL A 62 35.20 28.75 -21.26
N GLU A 63 36.17 28.30 -20.51
CA GLU A 63 35.90 27.47 -19.37
C GLU A 63 35.96 28.31 -18.10
N ASN A 64 35.12 27.93 -17.15
CA ASN A 64 35.03 28.58 -15.85
C ASN A 64 36.03 28.03 -14.84
N CYS A 65 36.35 28.83 -13.84
CA CYS A 65 37.28 28.43 -12.77
C CYS A 65 36.96 29.26 -11.60
N TYR A 66 37.71 29.09 -10.54
CA TYR A 66 37.49 29.87 -9.35
C TYR A 66 38.81 30.28 -8.73
N PHE A 67 39.07 31.58 -8.65
CA PHE A 67 40.18 32.04 -7.90
C PHE A 67 39.68 32.44 -6.53
N PRO A 68 40.61 32.73 -5.60
CA PRO A 68 40.15 33.06 -4.24
C PRO A 68 39.72 34.53 -4.17
N MET A 69 38.86 34.82 -3.19
CA MET A 69 38.37 36.16 -3.00
C MET A 69 39.30 37.11 -2.23
N PHE A 70 40.19 36.55 -1.38
CA PHE A 70 41.26 37.32 -0.68
C PHE A 70 42.52 37.55 -1.50
N VAL A 71 43.04 38.76 -1.44
CA VAL A 71 44.29 39.07 -2.11
C VAL A 71 45.38 39.71 -1.15
N SER A 72 46.64 39.41 -1.44
CA SER A 72 47.74 40.03 -0.75
C SER A 72 47.84 41.49 -1.18
N GLN A 73 48.32 42.31 -0.24
CA GLN A 73 48.62 43.72 -0.47
C GLN A 73 49.75 43.82 -1.48
N ALA A 74 50.67 42.88 -1.39
CA ALA A 74 51.78 42.78 -2.33
C ALA A 74 51.24 42.83 -3.75
N LYS A 75 50.39 41.84 -4.06
CA LYS A 75 49.90 41.59 -5.41
C LYS A 75 48.97 42.70 -5.81
N LEU A 76 48.01 42.99 -4.93
CA LEU A 76 47.02 44.03 -5.20
C LEU A 76 47.63 45.35 -5.61
N GLU A 77 48.58 45.82 -4.80
CA GLU A 77 49.11 47.19 -4.97
C GLU A 77 50.22 47.29 -5.99
N LYS A 78 50.41 46.23 -6.79
CA LYS A 78 51.23 46.33 -7.99
C LYS A 78 50.65 47.41 -8.91
N GLU A 79 51.49 48.15 -9.63
CA GLU A 79 51.02 49.07 -10.73
C GLU A 79 51.01 50.58 -10.40
N PHE A 86 41.72 54.24 -6.55
CA PHE A 86 40.51 53.93 -5.76
C PHE A 86 40.86 53.08 -4.52
N LYS A 87 42.01 53.37 -3.93
CA LYS A 87 42.34 52.85 -2.62
C LYS A 87 41.16 52.89 -1.63
N PRO A 88 40.37 53.99 -1.63
CA PRO A 88 39.24 54.02 -0.68
C PRO A 88 38.22 52.91 -0.89
N GLU A 89 38.19 52.34 -2.10
CA GLU A 89 37.19 51.31 -2.45
C GLU A 89 37.48 49.92 -1.85
N VAL A 90 38.77 49.59 -1.60
CA VAL A 90 39.14 48.25 -1.05
C VAL A 90 38.68 47.92 0.38
N ALA A 91 38.21 46.70 0.60
CA ALA A 91 37.87 46.23 1.95
C ALA A 91 38.99 45.30 2.39
N TRP A 92 39.47 45.47 3.63
CA TRP A 92 40.64 44.75 4.15
C TRP A 92 40.25 43.93 5.31
N VAL A 93 40.61 42.66 5.28
CA VAL A 93 40.45 41.81 6.46
C VAL A 93 41.75 41.90 7.25
N THR A 94 41.60 42.07 8.56
CA THR A 94 42.70 42.34 9.45
C THR A 94 42.79 41.35 10.61
N HIS A 95 41.64 40.88 11.10
CA HIS A 95 41.59 40.06 12.30
C HIS A 95 40.92 38.73 12.03
N TYR A 96 41.51 37.64 12.51
CA TYR A 96 40.77 36.39 12.67
C TYR A 96 40.41 36.27 14.13
N GLY A 97 39.12 36.11 14.42
CA GLY A 97 38.59 36.27 15.77
C GLY A 97 39.10 37.58 16.34
N ASP A 98 40.02 37.48 17.30
CA ASP A 98 40.68 38.66 17.91
C ASP A 98 42.06 38.97 17.35
N SER A 99 42.72 38.02 16.71
CA SER A 99 44.14 38.19 16.36
C SER A 99 44.39 38.87 15.04
N GLU A 100 45.15 39.95 15.04
CA GLU A 100 45.61 40.58 13.79
C GLU A 100 46.37 39.58 12.99
N LEU A 101 46.07 39.50 11.70
CA LEU A 101 46.84 38.63 10.84
C LEU A 101 48.23 39.27 10.72
N PRO A 102 49.29 38.46 10.69
CA PRO A 102 50.58 39.00 10.27
C PRO A 102 50.44 40.09 9.21
N GLU A 103 49.73 39.77 8.13
CA GLU A 103 49.53 40.73 7.03
C GLU A 103 48.02 40.87 6.72
N LYS A 104 47.57 42.11 6.50
CA LYS A 104 46.20 42.36 6.05
C LYS A 104 46.02 41.85 4.60
N VAL A 105 44.82 41.29 4.34
CA VAL A 105 44.44 40.78 3.01
C VAL A 105 43.20 41.51 2.49
N ALA A 106 43.29 41.95 1.23
CA ALA A 106 42.20 42.66 0.59
C ALA A 106 41.15 41.69 0.09
N ILE A 107 39.89 42.13 0.07
CA ILE A 107 38.79 41.37 -0.56
C ILE A 107 38.61 41.87 -2.00
N ARG A 108 38.68 40.96 -2.96
CA ARG A 108 38.79 41.34 -4.37
C ARG A 108 37.70 42.36 -4.86
N PRO A 109 38.12 43.38 -5.63
CA PRO A 109 37.26 44.28 -6.39
C PRO A 109 37.12 43.83 -7.87
N THR A 110 38.19 43.24 -8.36
CA THR A 110 38.22 42.63 -9.64
C THR A 110 39.24 41.54 -9.35
N SER A 111 39.61 40.72 -10.32
CA SER A 111 40.47 39.58 -10.00
C SER A 111 41.74 39.62 -10.87
N GLU A 112 42.03 40.79 -11.45
CA GLU A 112 43.14 40.90 -12.42
C GLU A 112 44.52 40.67 -11.86
N THR A 113 44.70 41.17 -10.65
CA THR A 113 45.94 41.03 -9.90
C THR A 113 46.12 39.62 -9.31
N ILE A 114 45.06 38.83 -9.27
CA ILE A 114 45.10 37.42 -8.84
C ILE A 114 45.33 36.45 -10.01
N MET A 115 44.83 36.79 -11.18
CA MET A 115 44.85 35.89 -12.31
C MET A 115 46.10 36.11 -13.14
N TYR A 116 46.40 37.36 -13.49
CA TYR A 116 47.46 37.61 -14.45
C TYR A 116 48.85 37.11 -14.02
N PRO A 117 49.08 37.00 -12.68
CA PRO A 117 50.24 36.25 -12.20
C PRO A 117 50.22 34.75 -12.63
N ALA A 118 49.19 34.00 -12.27
CA ALA A 118 49.05 32.62 -12.75
C ALA A 118 49.21 32.48 -14.27
N TYR A 119 48.67 33.43 -15.03
CA TYR A 119 48.74 33.34 -16.48
C TYR A 119 50.20 33.37 -16.93
N ALA A 120 50.99 34.20 -16.27
CA ALA A 120 52.42 34.33 -16.57
C ALA A 120 53.14 32.99 -16.40
N LYS A 121 52.71 32.24 -15.39
CA LYS A 121 53.26 30.94 -15.06
C LYS A 121 52.82 29.91 -16.07
N TRP A 122 51.49 29.78 -16.18
CA TRP A 122 50.83 28.86 -17.12
C TRP A 122 51.13 29.04 -18.62
N ILE A 123 51.26 30.25 -19.10
CA ILE A 123 51.46 30.38 -20.50
C ILE A 123 52.90 30.56 -20.81
N ARG A 124 53.49 29.62 -21.51
CA ARG A 124 54.87 29.67 -21.88
C ARG A 124 55.17 29.47 -23.33
N SER A 125 54.34 28.72 -24.01
CA SER A 125 54.60 28.38 -25.38
C SER A 125 53.42 28.69 -26.25
N HIS A 126 53.65 28.99 -27.50
CA HIS A 126 52.49 29.22 -28.38
C HIS A 126 51.44 28.10 -28.22
N ARG A 127 51.90 26.93 -27.80
CA ARG A 127 51.05 25.79 -27.56
C ARG A 127 50.17 25.92 -26.33
N ASP A 128 50.24 27.03 -25.62
CA ASP A 128 49.36 27.23 -24.45
C ASP A 128 48.24 28.23 -24.71
N LEU A 129 48.13 28.69 -25.95
CA LEU A 129 47.15 29.69 -26.35
C LEU A 129 46.17 29.14 -27.38
N PRO A 130 44.93 29.62 -27.36
CA PRO A 130 44.42 30.65 -26.46
C PRO A 130 44.09 30.12 -25.06
N LEU A 131 44.15 31.00 -24.06
CA LEU A 131 43.65 30.69 -22.73
C LEU A 131 42.42 31.54 -22.50
N LYS A 132 41.29 30.89 -22.22
CA LYS A 132 40.00 31.57 -22.09
C LYS A 132 39.27 31.22 -20.80
N LEU A 133 39.49 31.98 -19.73
CA LEU A 133 38.84 31.66 -18.48
C LEU A 133 37.84 32.68 -18.05
N ASN A 134 36.96 32.28 -17.15
CA ASN A 134 35.89 33.15 -16.68
C ASN A 134 35.50 32.67 -15.32
N GLN A 135 35.02 33.56 -14.45
CA GLN A 135 34.38 33.06 -13.25
C GLN A 135 33.10 33.76 -12.89
N TRP A 136 32.29 33.05 -12.12
CA TRP A 136 31.05 33.57 -11.68
C TRP A 136 31.37 33.76 -10.25
N ASN A 137 31.65 34.99 -9.84
CA ASN A 137 31.98 35.27 -8.44
C ASN A 137 31.31 36.53 -7.89
N ASN A 138 31.45 36.74 -6.58
CA ASN A 138 31.08 38.00 -5.92
C ASN A 138 32.28 38.90 -5.75
N VAL A 139 31.99 40.19 -5.62
CA VAL A 139 33.01 41.19 -5.61
C VAL A 139 32.59 42.31 -4.66
N VAL A 140 33.53 42.81 -3.86
CA VAL A 140 33.29 43.96 -2.95
C VAL A 140 34.12 45.19 -3.33
N ARG A 141 33.45 46.32 -3.35
CA ARG A 141 34.06 47.62 -3.61
C ARG A 141 33.35 48.57 -2.68
N TRP A 142 34.08 49.15 -1.72
CA TRP A 142 33.43 50.08 -0.78
C TRP A 142 33.22 51.45 -1.45
N GLU A 143 32.02 51.68 -1.96
CA GLU A 143 31.68 52.85 -2.73
C GLU A 143 31.37 54.16 -2.08
N PHE A 144 31.99 55.22 -2.59
CA PHE A 144 31.78 56.61 -2.20
C PHE A 144 30.45 57.11 -2.65
N LYS A 145 30.11 56.75 -3.86
CA LYS A 145 28.89 57.13 -4.48
C LYS A 145 27.74 56.44 -3.83
N GLN A 146 26.56 57.03 -3.86
CA GLN A 146 25.45 56.41 -3.16
C GLN A 146 24.97 55.08 -3.67
N PRO A 147 24.82 54.14 -2.75
CA PRO A 147 24.26 52.79 -3.01
C PRO A 147 22.81 52.72 -3.46
N THR A 148 22.58 51.97 -4.54
CA THR A 148 21.25 51.72 -5.08
C THR A 148 21.12 50.22 -5.39
N PRO A 149 19.99 49.60 -5.04
CA PRO A 149 19.78 48.19 -5.31
C PRO A 149 19.99 47.78 -6.78
N PHE A 150 20.78 46.71 -6.96
CA PHE A 150 21.26 46.21 -8.27
C PHE A 150 22.22 47.15 -8.98
N LEU A 151 21.91 48.43 -9.07
CA LEU A 151 22.62 49.27 -10.04
C LEU A 151 24.05 49.61 -9.71
N ARG A 152 24.25 49.96 -8.45
CA ARG A 152 25.56 50.17 -7.85
C ARG A 152 25.45 49.72 -6.39
N THR A 153 26.05 48.57 -6.09
CA THR A 153 26.08 48.07 -4.71
C THR A 153 27.50 47.78 -4.32
N ARG A 154 27.73 47.71 -2.98
CA ARG A 154 29.08 47.41 -2.40
C ARG A 154 29.54 45.97 -2.64
N GLU A 155 28.72 44.98 -2.27
CA GLU A 155 28.97 43.66 -2.76
C GLU A 155 28.13 43.45 -4.01
N PHE A 156 28.67 42.82 -5.03
CA PHE A 156 27.82 42.30 -6.09
C PHE A 156 28.29 41.01 -6.79
N LEU A 157 27.31 40.21 -7.21
CA LEU A 157 27.55 39.07 -8.07
C LEU A 157 27.85 39.59 -9.48
N TRP A 158 28.79 38.97 -10.15
CA TRP A 158 29.02 39.30 -11.51
C TRP A 158 29.63 38.07 -12.16
N GLN A 159 29.97 38.24 -13.41
CA GLN A 159 30.68 37.25 -14.14
C GLN A 159 31.89 38.06 -14.57
N GLU A 160 33.07 37.45 -14.67
CA GLU A 160 34.23 38.21 -15.16
C GLU A 160 35.14 37.33 -15.95
N GLY A 161 35.42 37.75 -17.16
CA GLY A 161 36.10 36.88 -18.08
C GLY A 161 37.41 37.47 -18.48
N HIS A 162 38.44 36.63 -18.49
CA HIS A 162 39.80 37.03 -18.86
C HIS A 162 40.39 36.04 -19.87
N THR A 163 40.95 36.55 -20.95
CA THR A 163 41.56 35.67 -21.92
C THR A 163 42.88 36.22 -22.44
N ALA A 164 43.61 35.33 -23.11
CA ALA A 164 44.94 35.58 -23.64
C ALA A 164 45.19 34.82 -24.96
N HIS A 165 45.73 35.56 -25.93
CA HIS A 165 45.81 35.12 -27.31
C HIS A 165 47.17 35.47 -27.91
N ALA A 166 47.57 34.69 -28.93
CA ALA A 166 48.76 35.00 -29.75
C ALA A 166 48.66 36.27 -30.60
N THR A 167 47.46 36.63 -31.03
CA THR A 167 47.26 37.81 -31.86
C THR A 167 46.15 38.69 -31.35
N GLU A 168 46.25 39.98 -31.68
CA GLU A 168 45.23 40.94 -31.35
C GLU A 168 43.94 40.61 -32.09
N GLU A 169 44.15 40.32 -33.36
CA GLU A 169 43.16 39.81 -34.25
C GLU A 169 42.15 38.85 -33.57
N GLU A 170 42.69 37.82 -32.96
CA GLU A 170 41.88 36.82 -32.36
C GLU A 170 41.27 37.33 -31.06
N ALA A 171 42.04 38.10 -30.30
CA ALA A 171 41.54 38.66 -29.06
C ALA A 171 40.32 39.48 -29.39
N TYR A 172 40.52 40.47 -30.27
CA TYR A 172 39.47 41.43 -30.66
C TYR A 172 38.16 40.79 -31.10
N THR A 173 38.30 39.75 -31.91
CA THR A 173 37.16 39.00 -32.37
C THR A 173 36.33 38.51 -31.22
N LEU A 174 36.98 37.96 -30.21
CA LEU A 174 36.27 37.49 -29.04
C LEU A 174 35.58 38.62 -28.26
N VAL A 175 36.24 39.77 -28.12
CA VAL A 175 35.64 40.93 -27.48
C VAL A 175 34.25 41.24 -28.08
N LEU A 176 34.23 41.31 -29.41
CA LEU A 176 33.03 41.58 -30.18
C LEU A 176 31.98 40.48 -30.05
N GLU A 177 32.42 39.23 -30.05
CA GLU A 177 31.53 38.12 -29.76
C GLU A 177 30.86 38.27 -28.40
N ILE A 178 31.67 38.59 -27.38
CA ILE A 178 31.14 38.69 -26.04
C ILE A 178 30.14 39.84 -25.93
N LEU A 179 30.36 40.87 -26.73
CA LEU A 179 29.49 42.04 -26.68
C LEU A 179 28.09 41.73 -27.21
N GLU A 180 28.10 41.13 -28.40
CA GLU A 180 26.91 40.60 -29.03
C GLU A 180 26.15 39.66 -28.09
N LEU A 181 26.88 38.90 -27.28
CA LEU A 181 26.19 38.09 -26.28
C LEU A 181 25.52 38.97 -25.27
N TYR A 182 26.14 40.11 -24.96
CA TYR A 182 25.57 41.02 -23.95
C TYR A 182 24.32 41.75 -24.50
N ARG A 183 24.42 42.19 -25.75
CA ARG A 183 23.26 42.76 -26.40
C ARG A 183 22.09 41.82 -26.23
N GLN A 184 22.29 40.56 -26.58
CA GLN A 184 21.26 39.53 -26.39
C GLN A 184 20.86 39.35 -24.96
N TRP A 185 21.81 39.34 -24.04
CA TRP A 185 21.51 39.25 -22.60
C TRP A 185 20.36 40.20 -22.25
N TYR A 186 20.47 41.40 -22.84
CA TYR A 186 19.59 42.51 -22.50
C TYR A 186 18.35 42.54 -23.39
N GLU A 187 18.56 42.49 -24.71
CA GLU A 187 17.49 42.64 -25.69
C GLU A 187 16.57 41.41 -25.73
N ASP A 188 17.16 40.21 -25.83
CA ASP A 188 16.34 39.00 -25.99
C ASP A 188 15.71 38.47 -24.71
N TYR A 189 16.28 38.77 -23.54
CA TYR A 189 15.77 38.18 -22.27
C TYR A 189 15.18 39.18 -21.29
N LEU A 190 15.79 40.35 -21.19
CA LEU A 190 15.30 41.42 -20.34
C LEU A 190 14.40 42.40 -21.11
N ALA A 191 14.39 42.30 -22.44
CA ALA A 191 13.67 43.24 -23.28
C ALA A 191 14.11 44.67 -22.95
N VAL A 192 15.42 44.88 -22.91
CA VAL A 192 15.96 46.21 -22.68
C VAL A 192 16.80 46.61 -23.90
N PRO A 193 16.51 47.76 -24.48
CA PRO A 193 17.35 48.15 -25.61
C PRO A 193 18.67 48.76 -25.16
N VAL A 194 19.70 48.48 -25.95
CA VAL A 194 21.04 48.91 -25.64
C VAL A 194 21.76 49.13 -26.95
N ILE A 195 22.69 50.07 -26.95
CA ILE A 195 23.50 50.35 -28.12
C ILE A 195 24.93 49.93 -27.90
N LYS A 196 25.44 49.15 -28.81
CA LYS A 196 26.85 48.86 -28.82
C LYS A 196 27.65 50.07 -29.26
N GLY A 197 28.89 50.11 -28.81
CA GLY A 197 29.79 51.14 -29.20
C GLY A 197 31.13 50.99 -28.52
N GLU A 198 32.05 51.85 -28.94
CA GLU A 198 33.39 51.93 -28.42
C GLU A 198 33.46 53.14 -27.53
N LYS A 199 34.08 53.04 -26.36
CA LYS A 199 34.30 54.18 -25.46
C LYS A 199 35.40 55.13 -25.91
N SER A 200 35.39 56.30 -25.29
CA SER A 200 36.44 57.31 -25.47
C SER A 200 37.59 57.05 -24.48
N GLU A 201 38.76 57.65 -24.72
CA GLU A 201 39.96 57.36 -23.93
C GLU A 201 39.76 57.60 -22.43
N ASN A 202 39.23 58.76 -22.09
CA ASN A 202 39.03 59.10 -20.67
C ASN A 202 37.95 58.27 -19.98
N GLU A 203 37.15 57.55 -20.78
CA GLU A 203 36.00 56.78 -20.28
C GLU A 203 36.21 55.31 -20.38
N LYS A 204 37.23 54.88 -21.13
CA LYS A 204 37.52 53.45 -21.27
C LYS A 204 38.21 52.93 -20.03
N PHE A 205 38.61 51.67 -20.09
CA PHE A 205 39.41 51.05 -19.05
C PHE A 205 40.85 51.45 -19.18
N ALA A 206 41.37 51.97 -18.06
CA ALA A 206 42.72 52.53 -17.93
C ALA A 206 43.74 51.63 -18.58
N GLY A 207 43.89 50.42 -18.03
CA GLY A 207 44.83 49.43 -18.57
C GLY A 207 44.46 48.83 -19.93
N GLY A 208 43.30 49.23 -20.48
CA GLY A 208 42.83 48.67 -21.73
C GLY A 208 43.35 49.41 -22.95
N LYS A 209 43.59 48.68 -24.04
CA LYS A 209 43.78 49.32 -25.32
C LYS A 209 42.49 50.02 -25.75
N LYS A 210 41.40 49.25 -25.82
CA LYS A 210 40.11 49.78 -26.22
C LYS A 210 39.01 49.16 -25.35
N THR A 211 37.95 49.92 -25.11
CA THR A 211 36.81 49.45 -24.35
C THR A 211 35.57 49.59 -25.20
N THR A 212 34.86 48.48 -25.38
CA THR A 212 33.58 48.49 -26.04
C THR A 212 32.57 48.18 -24.97
N THR A 213 31.33 48.44 -25.31
CA THR A 213 30.31 48.58 -24.29
C THR A 213 28.89 48.62 -24.91
N ILE A 214 27.93 48.14 -24.14
CA ILE A 214 26.53 48.36 -24.44
C ILE A 214 25.98 49.38 -23.43
N GLU A 215 25.38 50.45 -23.95
CA GLU A 215 24.87 51.55 -23.13
C GLU A 215 23.36 51.52 -23.18
N GLY A 216 22.73 51.69 -22.03
CA GLY A 216 21.27 51.88 -21.92
C GLY A 216 20.87 53.34 -21.65
N ILE A 217 19.56 53.64 -21.62
CA ILE A 217 19.06 54.98 -21.24
C ILE A 217 17.84 54.87 -20.34
N ILE A 218 18.04 55.03 -19.03
CA ILE A 218 16.93 55.06 -18.10
C ILE A 218 15.87 56.04 -18.61
N PRO A 219 14.64 55.53 -18.88
CA PRO A 219 13.77 56.14 -19.89
C PRO A 219 13.30 57.55 -19.51
N ASP A 220 12.65 57.67 -18.33
CA ASP A 220 12.28 58.98 -17.77
C ASP A 220 13.54 59.89 -17.55
N THR A 221 14.50 59.41 -16.74
CA THR A 221 15.70 60.13 -16.31
C THR A 221 16.43 60.99 -17.36
N GLY A 222 16.34 60.64 -18.65
CA GLY A 222 17.20 61.26 -19.68
C GLY A 222 18.69 60.92 -19.53
N ARG A 223 19.03 60.02 -18.58
CA ARG A 223 20.41 59.72 -18.25
C ARG A 223 20.84 58.34 -18.75
N GLY A 224 21.98 58.27 -19.41
CA GLY A 224 22.51 57.01 -19.91
C GLY A 224 23.12 56.16 -18.80
N ILE A 225 23.60 54.97 -19.14
CA ILE A 225 24.15 54.04 -18.16
C ILE A 225 24.86 52.85 -18.82
N GLN A 226 25.93 52.38 -18.18
CA GLN A 226 26.72 51.26 -18.71
C GLN A 226 26.19 49.92 -18.20
N ALA A 227 25.92 49.01 -19.14
CA ALA A 227 25.28 47.72 -18.83
C ALA A 227 26.30 46.58 -18.73
N ALA A 228 27.32 46.69 -19.58
CA ALA A 228 28.35 45.69 -19.66
C ALA A 228 29.53 46.22 -20.40
N THR A 229 30.72 45.70 -20.07
CA THR A 229 31.94 46.13 -20.74
C THR A 229 32.64 44.97 -21.38
N SER A 230 33.42 45.27 -22.39
CA SER A 230 34.21 44.23 -22.97
C SER A 230 35.47 44.81 -23.57
N HIS A 231 36.60 44.57 -22.91
CA HIS A 231 37.84 45.24 -23.25
C HIS A 231 38.79 44.43 -24.13
N LEU A 232 39.36 45.11 -25.12
CA LEU A 232 40.62 44.69 -25.71
C LEU A 232 41.73 45.26 -24.81
N LEU A 233 42.42 44.39 -24.08
CA LEU A 233 43.53 44.81 -23.24
C LEU A 233 44.83 45.04 -24.01
N GLY A 234 44.94 44.44 -25.20
CA GLY A 234 46.21 44.37 -25.92
C GLY A 234 47.36 43.77 -25.10
N GLN A 235 48.57 44.26 -25.37
CA GLN A 235 49.78 43.74 -24.75
C GLN A 235 50.11 44.44 -23.43
N ASN A 236 49.22 45.32 -23.01
CA ASN A 236 49.44 46.08 -21.78
C ASN A 236 49.75 45.23 -20.55
N PHE A 237 48.79 44.46 -20.07
CA PHE A 237 49.03 43.67 -18.86
C PHE A 237 50.09 42.56 -19.05
N SER A 238 50.32 42.18 -20.29
CA SER A 238 51.29 41.17 -20.61
C SER A 238 52.68 41.72 -20.36
N ARG A 239 52.85 43.02 -20.58
CA ARG A 239 54.10 43.69 -20.20
C ARG A 239 54.18 43.66 -18.70
N MET A 240 53.27 44.35 -18.05
CA MET A 240 53.16 44.41 -16.60
C MET A 240 53.41 43.15 -15.79
N PHE A 241 52.83 42.03 -16.23
CA PHE A 241 52.91 40.77 -15.48
C PHE A 241 53.79 39.76 -16.20
N SER A 242 54.47 40.21 -17.25
CA SER A 242 55.34 39.34 -18.04
C SER A 242 54.59 38.08 -18.37
N ILE A 243 53.57 38.21 -19.19
CA ILE A 243 52.90 37.05 -19.72
C ILE A 243 53.49 36.93 -21.11
N GLU A 244 54.36 35.93 -21.28
CA GLU A 244 55.09 35.76 -22.54
C GLU A 244 54.97 34.33 -23.07
N PHE A 245 55.26 34.16 -24.36
CA PHE A 245 55.22 32.83 -24.98
C PHE A 245 56.24 32.65 -26.13
N GLU A 246 56.81 31.44 -26.28
CA GLU A 246 57.72 31.13 -27.41
C GLU A 246 56.85 30.85 -28.63
N ASP A 247 56.90 31.71 -29.66
CA ASP A 247 55.99 31.59 -30.81
C ASP A 247 56.29 30.38 -31.70
N GLU A 248 55.48 30.17 -32.75
CA GLU A 248 55.75 29.15 -33.78
C GLU A 248 57.23 29.21 -34.27
N LYS A 249 57.73 30.42 -34.58
CA LYS A 249 59.16 30.64 -35.01
C LYS A 249 60.25 30.56 -33.90
N GLY A 250 59.88 30.31 -32.64
CA GLY A 250 60.84 30.28 -31.51
C GLY A 250 61.13 31.59 -30.76
N ALA A 251 60.45 32.69 -31.10
CA ALA A 251 60.72 34.04 -30.54
C ALA A 251 59.81 34.51 -29.37
N LYS A 252 60.32 34.50 -28.13
CA LYS A 252 59.58 34.95 -26.92
C LYS A 252 58.76 36.20 -27.25
N GLN A 253 57.46 36.21 -26.88
CA GLN A 253 56.55 37.33 -27.20
C GLN A 253 55.46 37.56 -26.17
N LEU A 254 54.81 38.72 -26.26
CA LEU A 254 53.73 39.13 -25.32
C LEU A 254 52.32 38.73 -25.80
N VAL A 255 51.50 38.16 -24.93
CA VAL A 255 50.13 37.82 -25.31
C VAL A 255 49.26 39.08 -25.57
N HIS A 256 48.20 38.93 -26.36
CA HIS A 256 47.12 39.93 -26.46
C HIS A 256 45.96 39.44 -25.65
N GLN A 257 45.37 40.32 -24.84
CA GLN A 257 44.34 39.91 -23.86
C GLN A 257 43.00 40.67 -23.97
N THR A 258 41.99 40.12 -23.29
CA THR A 258 40.65 40.70 -23.22
C THR A 258 40.09 40.44 -21.83
N SER A 259 39.23 41.33 -21.37
CA SER A 259 38.40 41.09 -20.19
C SER A 259 37.06 41.75 -20.43
N TRP A 260 36.08 41.29 -19.65
CA TRP A 260 34.66 41.58 -19.88
C TRP A 260 33.86 41.22 -18.67
N GLY A 261 32.72 41.87 -18.51
CA GLY A 261 31.94 41.67 -17.30
C GLY A 261 30.61 42.41 -17.31
N CYS A 262 29.66 41.91 -16.50
CA CYS A 262 28.26 42.34 -16.48
C CYS A 262 27.61 41.83 -15.19
N THR A 263 26.85 42.67 -14.50
CA THR A 263 26.53 42.35 -13.10
C THR A 263 25.06 42.22 -12.87
N THR A 264 24.70 42.07 -11.61
CA THR A 264 23.33 42.16 -11.20
C THR A 264 22.70 43.55 -11.45
N ARG A 265 23.47 44.49 -11.99
CA ARG A 265 22.93 45.78 -12.41
C ARG A 265 21.90 45.58 -13.52
N SER A 266 22.19 44.67 -14.43
CA SER A 266 21.28 44.30 -15.50
C SER A 266 19.85 44.14 -14.97
N LEU A 267 19.71 43.48 -13.83
CA LEU A 267 18.40 43.29 -13.25
C LEU A 267 17.76 44.64 -12.99
N GLY A 268 18.56 45.60 -12.57
CA GLY A 268 18.07 46.90 -12.19
C GLY A 268 17.64 47.75 -13.38
N VAL A 269 18.43 47.80 -14.43
CA VAL A 269 17.95 48.43 -15.66
C VAL A 269 16.58 47.86 -16.12
N MET A 270 16.49 46.54 -16.06
CA MET A 270 15.33 45.82 -16.52
C MET A 270 14.10 46.27 -15.77
N ILE A 271 14.22 46.48 -14.46
CA ILE A 271 13.08 46.94 -13.66
C ILE A 271 12.65 48.33 -14.06
N MET A 272 13.63 49.19 -14.21
CA MET A 272 13.38 50.56 -14.53
C MET A 272 12.80 50.68 -15.92
N THR A 273 13.16 49.76 -16.79
CA THR A 273 12.75 49.92 -18.17
C THR A 273 11.30 49.55 -18.43
N HIS A 274 10.63 48.80 -17.55
CA HIS A 274 9.29 48.27 -17.82
C HIS A 274 8.24 48.54 -16.78
N GLY A 275 8.66 48.88 -15.58
CA GLY A 275 7.73 49.02 -14.45
C GLY A 275 6.90 50.28 -14.56
N ASP A 276 5.70 50.23 -13.98
CA ASP A 276 4.76 51.31 -14.06
C ASP A 276 4.24 51.64 -12.65
N ASP A 277 3.24 52.50 -12.52
CA ASP A 277 2.80 52.88 -11.17
C ASP A 277 2.06 51.74 -10.40
N LYS A 278 1.49 50.74 -11.09
CA LYS A 278 0.87 49.59 -10.38
C LYS A 278 1.92 48.68 -9.75
N GLY A 279 3.14 48.72 -10.32
CA GLY A 279 4.27 48.00 -9.78
C GLY A 279 5.24 47.48 -10.82
N LEU A 280 5.78 46.29 -10.55
CA LEU A 280 6.74 45.65 -11.43
C LEU A 280 6.08 45.11 -12.69
N VAL A 281 6.86 45.05 -13.75
CA VAL A 281 6.38 44.51 -14.98
C VAL A 281 7.57 43.83 -15.56
N LEU A 282 7.54 42.50 -15.54
CA LEU A 282 8.73 41.69 -15.84
C LEU A 282 8.54 40.96 -17.13
N PRO A 283 9.63 40.77 -17.91
CA PRO A 283 9.62 40.11 -19.22
C PRO A 283 9.34 38.64 -19.09
N PRO A 284 8.41 38.10 -19.91
CA PRO A 284 8.00 36.72 -19.69
C PRO A 284 9.11 35.70 -19.92
N ARG A 285 10.12 35.99 -20.74
CA ARG A 285 11.19 35.02 -20.96
C ARG A 285 12.00 34.70 -19.70
N VAL A 286 12.04 35.63 -18.72
CA VAL A 286 12.82 35.41 -17.50
C VAL A 286 12.01 35.41 -16.20
N VAL A 287 10.78 35.86 -16.24
CA VAL A 287 9.99 35.91 -15.04
C VAL A 287 9.81 34.52 -14.39
N ALA A 288 9.62 34.49 -13.09
CA ALA A 288 9.52 33.22 -12.37
C ALA A 288 8.22 32.43 -12.63
N VAL A 289 7.09 33.12 -12.55
CA VAL A 289 5.78 32.59 -12.94
C VAL A 289 5.28 33.46 -14.09
N GLN A 290 4.94 32.83 -15.20
CA GLN A 290 4.49 33.53 -16.39
C GLN A 290 2.97 33.77 -16.33
N ALA A 291 2.26 32.89 -15.63
CA ALA A 291 0.82 32.95 -15.59
C ALA A 291 0.37 32.43 -14.25
N VAL A 292 -0.46 33.21 -13.56
CA VAL A 292 -0.93 32.76 -12.26
C VAL A 292 -2.43 32.60 -12.38
N ILE A 293 -2.91 31.37 -12.24
CA ILE A 293 -4.33 31.10 -12.30
C ILE A 293 -4.92 31.51 -10.98
N ILE A 294 -6.06 32.20 -11.02
CA ILE A 294 -6.76 32.66 -9.82
C ILE A 294 -8.26 32.33 -9.85
N PRO A 295 -8.74 31.52 -8.88
CA PRO A 295 -10.16 31.18 -8.78
C PRO A 295 -10.95 32.28 -8.11
N ILE A 296 -12.17 32.49 -8.57
CA ILE A 296 -13.06 33.45 -7.99
C ILE A 296 -14.32 32.69 -7.57
N ILE A 297 -14.64 32.73 -6.27
CA ILE A 297 -15.72 31.92 -5.68
C ILE A 297 -16.75 32.81 -4.96
N PHE A 298 -17.99 32.33 -4.86
CA PHE A 298 -19.07 33.05 -4.15
C PHE A 298 -19.49 32.28 -2.90
N GLY A 303 -16.84 26.16 -3.94
CA GLY A 303 -15.99 26.31 -5.11
C GLY A 303 -15.00 25.17 -5.35
N MET A 304 -15.46 23.94 -5.09
CA MET A 304 -14.72 22.69 -5.39
C MET A 304 -14.43 22.48 -6.88
N GLU A 305 -15.47 22.51 -7.71
CA GLU A 305 -15.32 22.48 -9.17
C GLU A 305 -14.33 23.57 -9.61
N ILE A 306 -14.48 24.78 -9.10
CA ILE A 306 -13.66 25.87 -9.58
C ILE A 306 -12.18 25.60 -9.35
N VAL A 307 -11.85 25.21 -8.14
CA VAL A 307 -10.45 24.92 -7.81
C VAL A 307 -9.95 23.75 -8.67
N ALA A 308 -10.81 22.76 -8.88
CA ALA A 308 -10.49 21.59 -9.69
C ALA A 308 -10.10 21.96 -11.10
N LYS A 309 -10.92 22.77 -11.75
CA LYS A 309 -10.61 23.23 -13.10
C LYS A 309 -9.30 24.02 -13.12
N CYS A 310 -9.06 24.78 -12.06
CA CYS A 310 -7.82 25.55 -11.94
C CYS A 310 -6.59 24.65 -11.97
N ARG A 311 -6.62 23.50 -11.29
CA ARG A 311 -5.49 22.53 -11.31
C ARG A 311 -5.38 21.81 -12.66
N GLU A 312 -6.57 21.52 -13.22
CA GLU A 312 -6.69 20.79 -14.47
C GLU A 312 -6.04 21.67 -15.54
N LEU A 313 -6.42 22.94 -15.55
CA LEU A 313 -5.82 23.90 -16.47
C LEU A 313 -4.35 24.19 -16.16
N GLU A 314 -4.01 24.12 -14.87
CA GLU A 314 -2.62 24.33 -14.45
C GLU A 314 -1.74 23.28 -15.05
N ARG A 315 -2.23 22.03 -15.00
CA ARG A 315 -1.49 20.86 -15.50
C ARG A 315 -1.28 20.95 -16.98
N LEU A 316 -2.34 21.32 -17.66
CA LEU A 316 -2.36 21.43 -19.11
C LEU A 316 -1.35 22.45 -19.61
N LEU A 317 -1.15 23.50 -18.83
CA LEU A 317 -0.30 24.62 -19.24
C LEU A 317 1.12 24.35 -18.92
N ASN A 318 1.30 23.76 -17.75
CA ASN A 318 2.60 23.24 -17.37
C ASN A 318 3.18 22.39 -18.48
N ALA A 319 2.35 21.43 -18.89
CA ALA A 319 2.66 20.51 -19.96
C ALA A 319 2.94 21.22 -21.25
N ALA A 320 2.40 22.42 -21.43
CA ALA A 320 2.63 23.19 -22.65
C ALA A 320 3.93 23.98 -22.61
N GLY A 321 4.67 23.86 -21.50
CA GLY A 321 5.92 24.62 -21.28
C GLY A 321 5.80 25.83 -20.34
N VAL A 322 4.59 26.18 -19.95
CA VAL A 322 4.35 27.46 -19.28
C VAL A 322 4.62 27.34 -17.78
N ARG A 323 5.30 28.33 -17.22
CA ARG A 323 5.52 28.39 -15.78
C ARG A 323 4.27 28.83 -14.99
N VAL A 324 3.40 27.88 -14.70
CA VAL A 324 2.10 28.16 -14.13
C VAL A 324 2.21 28.17 -12.62
N LYS A 325 1.21 28.71 -11.94
CA LYS A 325 1.01 28.57 -10.49
C LYS A 325 -0.45 28.92 -10.15
N VAL A 326 -1.09 28.20 -9.25
CA VAL A 326 -2.46 28.51 -8.88
C VAL A 326 -2.43 29.13 -7.51
N ASP A 327 -2.97 30.35 -7.38
CA ASP A 327 -3.09 30.98 -6.09
C ASP A 327 -4.41 30.52 -5.50
N ASP A 328 -4.35 29.68 -4.49
CA ASP A 328 -5.55 29.02 -3.91
C ASP A 328 -5.89 29.50 -2.50
N ARG A 329 -5.06 30.40 -1.98
CA ARG A 329 -5.11 30.80 -0.57
C ARG A 329 -6.53 31.09 -0.07
N THR A 330 -6.94 30.30 0.93
CA THR A 330 -8.25 30.45 1.54
C THR A 330 -8.23 31.67 2.41
N ASN A 331 -9.42 32.24 2.62
CA ASN A 331 -9.59 33.48 3.40
C ASN A 331 -8.79 34.65 2.84
N TYR A 332 -8.81 34.83 1.54
CA TYR A 332 -8.01 35.85 0.96
C TYR A 332 -8.66 36.15 -0.37
N THR A 333 -9.37 37.27 -0.41
CA THR A 333 -10.25 37.59 -1.53
C THR A 333 -9.49 37.82 -2.81
N PRO A 334 -10.04 37.31 -3.91
CA PRO A 334 -9.46 37.41 -5.24
C PRO A 334 -8.80 38.76 -5.57
N GLY A 335 -9.52 39.84 -5.35
CA GLY A 335 -9.02 41.15 -5.72
C GLY A 335 -7.68 41.42 -5.08
N TRP A 336 -7.54 40.99 -3.83
CA TRP A 336 -6.28 41.13 -3.12
C TRP A 336 -5.19 40.44 -3.89
N LYS A 337 -5.46 39.20 -4.29
CA LYS A 337 -4.51 38.39 -5.02
C LYS A 337 -4.10 39.11 -6.32
N PHE A 338 -5.10 39.59 -7.07
CA PHE A 338 -4.88 40.26 -8.37
C PHE A 338 -3.73 41.23 -8.23
N ASN A 339 -3.74 41.88 -7.08
CA ASN A 339 -2.81 42.95 -6.74
C ASN A 339 -1.40 42.47 -6.40
N ASP A 340 -1.35 41.50 -5.47
CA ASP A 340 -0.11 40.80 -5.09
C ASP A 340 0.68 40.43 -6.32
N TRP A 341 0.00 39.78 -7.26
CA TRP A 341 0.69 39.33 -8.46
C TRP A 341 1.02 40.44 -9.46
N GLU A 342 0.20 41.49 -9.49
CA GLU A 342 0.45 42.61 -10.38
C GLU A 342 1.73 43.28 -9.90
N LEU A 343 1.80 43.44 -8.59
CA LEU A 343 2.97 44.01 -7.93
C LEU A 343 4.25 43.27 -8.25
N LYS A 344 4.16 41.95 -8.15
CA LYS A 344 5.26 41.03 -8.48
C LYS A 344 5.60 40.90 -9.98
N GLY A 345 4.84 41.53 -10.87
CA GLY A 345 5.20 41.53 -12.30
C GLY A 345 4.80 40.35 -13.20
N VAL A 346 3.97 39.45 -12.66
CA VAL A 346 3.60 38.28 -13.39
C VAL A 346 2.90 38.75 -14.66
N PRO A 347 3.39 38.34 -15.85
CA PRO A 347 2.83 38.80 -17.15
C PRO A 347 1.33 38.54 -17.38
N LEU A 348 0.78 37.42 -16.93
CA LEU A 348 -0.59 37.07 -17.24
C LEU A 348 -1.31 36.64 -16.03
N ARG A 349 -2.55 37.13 -15.90
CA ARG A 349 -3.45 36.77 -14.82
C ARG A 349 -4.59 36.00 -15.49
N LEU A 350 -4.90 34.82 -14.96
CA LEU A 350 -5.93 33.97 -15.54
C LEU A 350 -7.03 33.84 -14.51
N GLU A 351 -8.13 34.53 -14.74
CA GLU A 351 -9.20 34.50 -13.77
C GLU A 351 -10.05 33.30 -14.16
N ILE A 352 -10.69 32.69 -13.16
CA ILE A 352 -11.67 31.63 -13.37
C ILE A 352 -12.72 31.79 -12.28
N GLY A 353 -13.85 32.36 -12.68
CA GLY A 353 -15.06 32.45 -11.85
C GLY A 353 -16.16 31.57 -12.42
N PRO A 354 -17.32 31.51 -11.73
CA PRO A 354 -18.39 30.57 -12.06
C PRO A 354 -18.71 30.52 -13.55
N ARG A 355 -18.84 31.68 -14.17
CA ARG A 355 -19.16 31.76 -15.58
C ARG A 355 -18.06 31.22 -16.51
N ASP A 356 -16.80 31.44 -16.11
CA ASP A 356 -15.66 30.97 -16.87
C ASP A 356 -15.60 29.46 -16.87
N VAL A 357 -16.11 28.86 -15.80
CA VAL A 357 -16.16 27.41 -15.67
C VAL A 357 -17.25 26.83 -16.56
N GLU A 358 -18.39 27.47 -16.55
CA GLU A 358 -19.51 27.03 -17.35
C GLU A 358 -19.28 27.22 -18.84
N SER A 359 -18.76 28.39 -19.25
CA SER A 359 -18.06 28.53 -20.54
C SER A 359 -16.83 27.73 -20.25
N CYS A 360 -16.04 27.36 -21.23
CA CYS A 360 -14.95 26.50 -20.82
C CYS A 360 -13.69 27.26 -21.03
N GLN A 361 -13.56 28.31 -20.23
CA GLN A 361 -12.57 29.31 -20.52
C GLN A 361 -12.01 29.97 -19.30
N THR A 362 -10.88 30.62 -19.50
CA THR A 362 -10.28 31.47 -18.51
C THR A 362 -10.19 32.84 -19.16
N ARG A 363 -10.25 33.86 -18.31
CA ARG A 363 -10.19 35.24 -18.72
C ARG A 363 -8.80 35.79 -18.39
N VAL A 364 -8.12 36.22 -19.43
CA VAL A 364 -6.70 36.41 -19.40
C VAL A 364 -6.34 37.87 -19.47
N VAL A 365 -5.70 38.39 -18.43
CA VAL A 365 -5.42 39.83 -18.32
C VAL A 365 -3.94 40.18 -18.40
N ARG A 366 -3.55 41.03 -19.35
CA ARG A 366 -2.14 41.39 -19.53
C ARG A 366 -1.66 42.35 -18.47
N ARG A 367 -0.46 42.10 -17.98
CA ARG A 367 0.09 42.94 -16.97
C ARG A 367 0.42 44.31 -17.59
N ASP A 368 1.02 44.32 -18.77
CA ASP A 368 1.58 45.58 -19.28
C ASP A 368 0.51 46.54 -19.74
N THR A 369 -0.53 46.03 -20.37
CA THR A 369 -1.58 46.90 -20.90
C THR A 369 -2.87 46.76 -20.13
N SER A 370 -3.07 45.66 -19.45
CA SER A 370 -4.34 45.43 -18.78
C SER A 370 -5.47 45.01 -19.68
N GLU A 371 -5.24 44.81 -20.97
CA GLU A 371 -6.29 44.22 -21.79
C GLU A 371 -6.66 42.76 -21.39
N ALA A 372 -7.95 42.53 -21.20
CA ALA A 372 -8.50 41.21 -20.86
C ALA A 372 -8.89 40.47 -22.12
N ARG A 373 -9.02 39.17 -22.04
CA ARG A 373 -9.34 38.37 -23.20
C ARG A 373 -9.90 37.07 -22.72
N ASN A 374 -10.87 36.49 -23.43
CA ASN A 374 -11.30 35.14 -23.07
C ASN A 374 -10.58 34.06 -23.86
N VAL A 375 -10.00 33.11 -23.13
CA VAL A 375 -9.32 32.01 -23.78
C VAL A 375 -10.01 30.76 -23.33
N PRO A 376 -10.54 29.98 -24.29
CA PRO A 376 -11.11 28.69 -23.93
C PRO A 376 -9.99 27.73 -23.56
N TRP A 377 -10.25 26.90 -22.54
CA TRP A 377 -9.28 25.92 -22.10
C TRP A 377 -8.76 25.09 -23.31
N ALA A 378 -9.65 24.76 -24.23
CA ALA A 378 -9.29 23.99 -25.42
C ALA A 378 -8.23 24.65 -26.30
N GLU A 379 -8.16 25.98 -26.30
CA GLU A 379 -7.14 26.70 -27.08
C GLU A 379 -5.97 27.22 -26.24
N ALA A 380 -6.04 27.01 -24.93
CA ALA A 380 -5.07 27.60 -24.00
C ALA A 380 -3.61 27.21 -24.27
N ALA A 381 -3.33 25.91 -24.45
CA ALA A 381 -1.94 25.47 -24.59
C ALA A 381 -1.26 25.93 -25.86
N SER A 382 -2.04 26.39 -26.83
CA SER A 382 -1.50 27.12 -27.98
C SER A 382 -1.37 28.62 -27.72
N THR A 383 -2.43 29.19 -27.14
CA THR A 383 -2.61 30.63 -27.08
C THR A 383 -1.72 31.25 -26.06
N ILE A 384 -1.68 30.69 -24.87
CA ILE A 384 -0.90 31.31 -23.80
C ILE A 384 0.58 31.51 -24.19
N PRO A 385 1.23 30.45 -24.71
CA PRO A 385 2.57 30.67 -25.19
C PRO A 385 2.62 31.76 -26.20
N ALA A 386 1.60 31.80 -27.05
CA ALA A 386 1.51 32.78 -28.12
C ALA A 386 1.42 34.17 -27.54
N MET A 387 0.63 34.28 -26.47
CA MET A 387 0.41 35.57 -25.82
C MET A 387 1.68 36.13 -25.20
N LEU A 388 2.33 35.36 -24.32
CA LEU A 388 3.62 35.72 -23.72
C LEU A 388 4.63 36.12 -24.75
N GLU A 389 4.77 35.34 -25.81
CA GLU A 389 5.79 35.64 -26.82
C GLU A 389 5.55 36.95 -27.54
N THR A 390 4.27 37.31 -27.63
CA THR A 390 3.84 38.61 -28.11
C THR A 390 4.35 39.63 -27.11
N MET A 391 3.95 39.41 -25.83
CA MET A 391 4.12 40.38 -24.75
C MET A 391 5.58 40.80 -24.57
N GLN A 392 6.47 39.82 -24.62
CA GLN A 392 7.91 40.04 -24.53
C GLN A 392 8.37 40.99 -25.62
N LYS A 393 7.89 40.78 -26.84
CA LYS A 393 8.26 41.64 -27.98
C LYS A 393 7.67 43.02 -27.84
N ASP A 394 6.46 43.08 -27.36
CA ASP A 394 5.82 44.35 -27.11
C ASP A 394 6.63 45.18 -26.11
N LEU A 395 7.12 44.52 -25.05
CA LEU A 395 7.92 45.21 -24.05
C LEU A 395 9.19 45.72 -24.71
N PHE A 396 9.88 44.89 -25.47
CA PHE A 396 11.09 45.39 -26.10
C PHE A 396 10.72 46.52 -27.04
N ASN A 397 9.54 46.44 -27.64
CA ASN A 397 9.21 47.41 -28.70
C ASN A 397 8.80 48.76 -28.20
N LYS A 398 7.92 48.82 -27.20
CA LYS A 398 7.68 50.10 -26.55
C LYS A 398 9.02 50.66 -26.07
N ALA A 399 9.73 49.87 -25.27
CA ALA A 399 11.02 50.22 -24.76
C ALA A 399 11.94 50.77 -25.83
N LYS A 400 12.09 50.04 -26.92
CA LYS A 400 13.02 50.49 -27.95
C LYS A 400 12.60 51.80 -28.54
N ALA A 401 11.29 52.04 -28.57
CA ALA A 401 10.72 53.23 -29.17
C ALA A 401 11.00 54.45 -28.32
N LYS A 402 10.70 54.36 -27.03
CA LYS A 402 11.06 55.41 -26.06
C LYS A 402 12.52 55.79 -26.19
N PHE A 403 13.33 54.76 -26.29
CA PHE A 403 14.78 54.91 -26.38
C PHE A 403 15.18 55.68 -27.65
N GLU A 404 14.76 55.21 -28.82
CA GLU A 404 14.99 55.88 -30.09
C GLU A 404 14.57 57.36 -30.02
N ALA A 405 13.49 57.60 -29.27
CA ALA A 405 12.94 58.92 -29.12
C ALA A 405 13.85 59.83 -28.29
N SER A 406 14.66 59.25 -27.40
CA SER A 406 15.52 60.00 -26.51
C SER A 406 16.84 60.45 -27.15
N ILE A 407 17.00 60.31 -28.45
CA ILE A 407 18.30 60.57 -29.04
C ILE A 407 18.12 61.58 -30.15
N GLU A 408 18.56 62.81 -29.93
CA GLU A 408 18.46 63.83 -30.96
C GLU A 408 19.77 63.94 -31.67
N GLN A 409 19.75 63.90 -32.98
CA GLN A 409 20.99 63.97 -33.70
C GLN A 409 21.37 65.42 -34.01
N ILE A 410 22.30 65.98 -33.24
CA ILE A 410 22.63 67.41 -33.35
C ILE A 410 23.81 67.69 -34.25
N THR A 411 24.18 68.97 -34.36
CA THR A 411 25.30 69.38 -35.20
C THR A 411 26.19 70.50 -34.64
N THR A 412 25.71 71.20 -33.62
CA THR A 412 26.52 72.19 -32.99
C THR A 412 26.18 72.31 -31.55
N PHE A 413 27.05 73.00 -30.83
CA PHE A 413 26.88 73.19 -29.41
C PHE A 413 25.56 73.89 -29.10
N ASP A 414 25.17 74.80 -29.99
CA ASP A 414 23.92 75.55 -29.84
C ASP A 414 22.74 74.62 -29.43
N GLU A 415 22.67 73.43 -30.04
CA GLU A 415 21.52 72.53 -29.91
C GLU A 415 21.49 71.70 -28.62
N VAL A 416 22.58 71.72 -27.85
CA VAL A 416 22.78 70.74 -26.82
C VAL A 416 21.91 70.96 -25.58
N MET A 417 22.02 72.14 -24.98
CA MET A 417 21.28 72.40 -23.73
C MET A 417 19.75 72.25 -23.83
N PRO A 418 19.15 72.72 -24.96
CA PRO A 418 17.74 72.37 -25.24
C PRO A 418 17.48 70.87 -25.11
N ALA A 419 18.14 70.05 -25.91
CA ALA A 419 17.99 68.59 -25.83
C ALA A 419 18.22 68.06 -24.42
N LEU A 420 19.33 68.46 -23.82
CA LEU A 420 19.61 68.03 -22.46
C LEU A 420 18.46 68.40 -21.53
N ASN A 421 17.92 69.62 -21.66
CA ASN A 421 16.78 70.08 -20.85
C ASN A 421 15.46 69.44 -21.22
N ARG A 422 15.40 68.89 -22.42
CA ARG A 422 14.26 68.09 -22.86
C ARG A 422 14.30 66.67 -22.35
N ARG A 423 15.25 66.33 -21.47
CA ARG A 423 15.45 64.96 -20.98
C ARG A 423 16.03 64.04 -22.05
N HIS A 424 16.71 64.60 -23.04
CA HIS A 424 17.25 63.76 -24.13
C HIS A 424 18.79 63.64 -24.11
N VAL A 425 19.29 62.79 -24.99
CA VAL A 425 20.70 62.51 -25.17
C VAL A 425 21.01 63.01 -26.59
N VAL A 426 22.26 63.15 -26.98
CA VAL A 426 22.51 63.66 -28.31
C VAL A 426 23.48 62.81 -29.07
N LEU A 427 23.41 62.87 -30.39
CA LEU A 427 24.34 62.18 -31.25
C LEU A 427 24.95 63.20 -32.21
N ALA A 428 26.23 63.49 -32.01
CA ALA A 428 26.90 64.58 -32.71
C ALA A 428 28.23 64.17 -33.29
N PRO A 429 28.61 64.77 -34.42
CA PRO A 429 29.92 64.45 -35.00
C PRO A 429 31.03 65.05 -34.11
N TRP A 430 32.15 64.32 -33.99
CA TRP A 430 33.17 64.65 -33.01
C TRP A 430 34.55 64.38 -33.56
N CYS A 431 35.50 65.17 -33.10
CA CYS A 431 36.92 65.00 -33.44
C CYS A 431 37.55 63.87 -32.61
N GLU A 432 36.94 63.59 -31.46
CA GLU A 432 37.38 62.50 -30.56
C GLU A 432 38.67 62.78 -29.80
N ASP A 433 39.12 64.04 -29.77
CA ASP A 433 40.29 64.44 -28.97
C ASP A 433 39.92 64.40 -27.47
N PRO A 434 40.61 63.55 -26.68
CA PRO A 434 40.37 63.29 -25.24
C PRO A 434 40.32 64.55 -24.38
N GLU A 435 41.08 65.54 -24.85
CA GLU A 435 41.20 66.82 -24.18
C GLU A 435 39.85 67.50 -24.11
N THR A 436 39.02 67.32 -25.15
CA THR A 436 37.70 67.94 -25.17
C THR A 436 36.71 67.35 -24.17
N GLU A 437 36.88 66.08 -23.81
CA GLU A 437 35.91 65.41 -22.93
C GLU A 437 35.69 66.15 -21.62
N THR A 438 36.82 66.51 -21.01
CA THR A 438 36.84 67.22 -19.71
C THR A 438 36.27 68.62 -19.86
N GLN A 439 36.52 69.25 -21.02
CA GLN A 439 35.97 70.56 -21.33
C GLN A 439 34.46 70.46 -21.37
N ILE A 440 34.00 69.62 -22.29
CA ILE A 440 32.59 69.37 -22.53
C ILE A 440 31.88 69.07 -21.21
N LYS A 441 32.53 68.33 -20.31
CA LYS A 441 31.92 68.00 -19.02
C LYS A 441 31.74 69.30 -18.25
N ARG A 442 32.79 70.14 -18.18
CA ARG A 442 32.75 71.42 -17.45
C ARG A 442 31.77 72.38 -18.07
N GLU A 443 31.98 72.69 -19.34
CA GLU A 443 31.17 73.69 -20.01
C GLU A 443 29.67 73.47 -19.83
N THR A 444 29.22 72.23 -20.03
CA THR A 444 27.83 71.83 -19.78
C THR A 444 27.44 71.85 -18.29
N GLN A 445 28.30 71.32 -17.42
CA GLN A 445 28.04 71.36 -15.96
C GLN A 445 27.83 72.77 -15.51
N ARG A 446 28.48 73.70 -16.21
CA ARG A 446 28.35 75.12 -15.92
C ARG A 446 26.93 75.60 -16.24
N LEU A 447 26.51 75.40 -17.48
CA LEU A 447 25.25 75.96 -17.94
C LEU A 447 23.96 75.34 -17.33
N GLY A 461 24.58 66.68 -13.06
CA GLY A 461 24.54 67.92 -13.85
C GLY A 461 25.28 67.99 -15.21
N ALA A 462 26.49 67.45 -15.28
CA ALA A 462 27.31 67.55 -16.51
C ALA A 462 26.91 66.59 -17.66
N MET A 463 27.74 66.50 -18.69
CA MET A 463 27.47 65.63 -19.80
C MET A 463 28.76 65.03 -20.37
N LYS A 464 28.89 63.72 -20.31
CA LYS A 464 30.10 63.10 -20.81
C LYS A 464 29.82 62.30 -22.08
N PRO A 465 30.88 61.85 -22.77
CA PRO A 465 30.70 60.99 -23.91
C PRO A 465 30.42 59.56 -23.47
N LEU A 466 29.23 59.08 -23.85
CA LEU A 466 28.70 57.76 -23.45
C LEU A 466 29.26 56.62 -24.32
N CYS A 467 29.16 56.75 -25.64
CA CYS A 467 29.86 55.84 -26.55
C CYS A 467 29.68 56.23 -27.99
N ILE A 468 30.70 55.91 -28.78
CA ILE A 468 30.68 56.07 -30.21
C ILE A 468 30.02 54.82 -30.75
N PRO A 469 28.84 54.95 -31.38
CA PRO A 469 28.14 53.71 -31.66
C PRO A 469 28.69 53.03 -32.86
N PHE A 470 28.54 51.71 -32.87
CA PHE A 470 29.00 50.87 -33.98
C PHE A 470 28.27 51.14 -35.26
N ASP A 471 26.93 51.18 -35.15
CA ASP A 471 26.04 51.63 -36.23
C ASP A 471 26.11 53.16 -36.40
N GLN A 472 26.90 53.61 -37.39
CA GLN A 472 27.25 55.02 -37.55
C GLN A 472 26.43 55.63 -38.66
N PRO A 473 25.58 56.64 -38.37
CA PRO A 473 24.96 57.37 -39.49
C PRO A 473 26.04 58.03 -40.38
N PRO A 474 25.76 58.25 -41.68
CA PRO A 474 26.82 58.69 -42.63
C PRO A 474 27.40 60.08 -42.35
N MET A 475 28.65 60.26 -42.75
CA MET A 475 29.42 61.45 -42.41
C MET A 475 29.76 62.26 -43.66
N PRO A 476 28.85 63.17 -44.07
CA PRO A 476 29.20 64.03 -45.19
C PRO A 476 30.67 64.52 -45.09
N GLU A 477 31.44 64.32 -46.15
CA GLU A 477 32.76 64.92 -46.22
C GLU A 477 32.55 66.37 -45.84
N GLY A 478 33.53 66.92 -45.13
CA GLY A 478 33.45 68.29 -44.66
C GLY A 478 32.89 68.47 -43.25
N THR A 479 32.19 67.48 -42.69
CA THR A 479 31.49 67.67 -41.40
C THR A 479 32.37 68.20 -40.24
N ARG A 480 32.03 69.36 -39.67
CA ARG A 480 32.83 69.92 -38.56
C ARG A 480 32.44 69.23 -37.24
N CYS A 481 33.36 69.22 -36.29
CA CYS A 481 33.11 68.67 -34.97
C CYS A 481 32.19 69.63 -34.25
N PHE A 482 31.17 69.12 -33.58
CA PHE A 482 30.20 70.01 -32.96
C PHE A 482 30.75 70.91 -31.86
N PHE A 483 31.97 70.65 -31.42
CA PHE A 483 32.55 71.35 -30.26
C PHE A 483 33.81 72.16 -30.57
N THR A 484 34.39 71.99 -31.75
CA THR A 484 35.70 72.57 -32.05
C THR A 484 35.83 73.06 -33.47
N GLY A 485 34.89 72.69 -34.32
CA GLY A 485 35.02 72.99 -35.73
C GLY A 485 36.08 72.19 -36.46
N ARG A 486 36.92 71.44 -35.72
CA ARG A 486 37.86 70.51 -36.35
C ARG A 486 37.09 69.46 -37.15
N PRO A 487 37.74 68.85 -38.15
CA PRO A 487 37.03 67.78 -38.83
C PRO A 487 36.57 66.69 -37.86
N ALA A 488 35.36 66.23 -38.06
CA ALA A 488 34.78 65.22 -37.20
C ALA A 488 35.28 63.90 -37.71
N LYS A 489 35.65 63.02 -36.76
CA LYS A 489 35.89 61.62 -37.04
C LYS A 489 34.55 60.89 -37.13
N ARG A 490 33.76 60.88 -36.05
CA ARG A 490 32.58 60.01 -35.96
C ARG A 490 31.47 60.48 -35.03
N TRP A 491 30.26 60.08 -35.35
CA TRP A 491 29.11 60.35 -34.50
C TRP A 491 29.37 59.73 -33.14
N CYS A 492 29.16 60.50 -32.08
CA CYS A 492 29.31 59.93 -30.76
C CYS A 492 28.10 60.29 -29.95
N LEU A 493 27.79 59.47 -28.97
CA LEU A 493 26.70 59.78 -28.08
C LEU A 493 27.24 60.56 -26.92
N PHE A 494 26.46 61.56 -26.50
CA PHE A 494 26.74 62.38 -25.33
C PHE A 494 25.46 62.58 -24.55
N GLY A 495 25.56 62.70 -23.23
CA GLY A 495 24.41 63.02 -22.40
C GLY A 495 24.73 62.89 -20.93
N ARG A 496 23.78 63.24 -20.09
CA ARG A 496 24.02 63.09 -18.64
C ARG A 496 23.93 61.61 -18.31
N SER A 497 24.52 61.19 -17.19
CA SER A 497 24.74 59.78 -16.92
C SER A 497 24.42 59.36 -15.49
N TYR A 498 24.86 58.18 -15.11
CA TYR A 498 24.61 57.67 -13.76
C TYR A 498 25.91 57.42 -13.02
N VAL B 5 54.98 10.91 -11.36
CA VAL B 5 54.76 11.25 -9.90
C VAL B 5 55.86 10.57 -9.03
N THR B 6 56.58 11.36 -8.23
CA THR B 6 57.51 10.87 -7.21
C THR B 6 56.80 10.05 -6.10
N ALA B 7 55.96 10.65 -5.28
CA ALA B 7 55.53 10.00 -4.05
C ALA B 7 54.60 8.86 -4.40
N LYS B 8 54.31 7.99 -3.43
CA LYS B 8 53.44 6.86 -3.69
C LYS B 8 52.27 6.90 -2.72
N LYS B 9 51.11 6.51 -3.22
CA LYS B 9 49.86 6.68 -2.50
C LYS B 9 49.80 5.90 -1.14
N SER B 10 50.59 4.84 -1.01
CA SER B 10 50.52 3.96 0.16
C SER B 10 51.71 4.14 1.12
N THR B 11 52.78 4.70 0.57
CA THR B 11 54.02 5.05 1.25
C THR B 11 53.95 6.44 1.81
N ASN B 12 53.54 7.39 0.97
CA ASN B 12 53.71 8.83 1.19
C ASN B 12 52.44 9.62 0.76
N PHE B 13 51.34 9.30 1.42
CA PHE B 13 50.04 9.75 0.93
C PHE B 13 49.92 11.27 0.83
N ALA B 14 50.32 11.99 1.88
CA ALA B 14 50.20 13.44 1.91
C ALA B 14 50.86 14.06 0.71
N ASP B 15 52.09 13.68 0.45
CA ASP B 15 52.83 14.23 -0.68
C ASP B 15 52.33 13.74 -2.04
N TRP B 16 51.78 12.54 -2.07
CA TRP B 16 51.17 12.03 -3.29
C TRP B 16 50.09 13.04 -3.71
N TYR B 17 49.08 13.18 -2.86
CA TYR B 17 47.95 14.07 -3.08
C TYR B 17 48.37 15.43 -3.62
N THR B 18 49.13 16.16 -2.82
CA THR B 18 49.75 17.38 -3.29
C THR B 18 50.27 17.29 -4.72
N GLN B 19 50.87 16.16 -5.07
CA GLN B 19 51.47 16.01 -6.40
C GLN B 19 50.49 15.79 -7.53
N VAL B 20 49.54 14.88 -7.30
CA VAL B 20 48.54 14.55 -8.32
C VAL B 20 47.66 15.75 -8.63
N ILE B 21 47.15 16.42 -7.60
CA ILE B 21 46.38 17.62 -7.82
C ILE B 21 47.17 18.77 -8.48
N VAL B 22 48.47 18.89 -8.28
CA VAL B 22 49.17 19.97 -8.98
C VAL B 22 49.57 19.55 -10.38
N ARG B 23 50.00 18.30 -10.51
CA ARG B 23 50.40 17.77 -11.79
C ARG B 23 49.20 17.51 -12.69
N GLY B 24 48.06 17.19 -12.08
CA GLY B 24 46.85 16.94 -12.84
C GLY B 24 46.05 18.18 -13.19
N GLU B 25 46.67 19.36 -13.04
CA GLU B 25 46.08 20.70 -13.36
C GLU B 25 44.75 21.04 -12.66
N LEU B 26 44.55 20.47 -11.47
CA LEU B 26 43.36 20.72 -10.68
C LEU B 26 43.46 21.97 -9.88
N VAL B 27 44.48 22.11 -9.04
CA VAL B 27 44.68 23.38 -8.34
C VAL B 27 46.01 23.99 -8.67
N GLU B 28 46.11 25.24 -8.26
CA GLU B 28 47.31 26.02 -8.27
C GLU B 28 47.52 26.52 -6.84
N TYR B 29 48.77 26.70 -6.48
CA TYR B 29 49.05 26.99 -5.10
C TYR B 29 49.07 28.50 -5.06
N TYR B 30 48.87 29.04 -3.86
CA TYR B 30 48.52 30.44 -3.68
C TYR B 30 49.15 31.04 -2.45
N ASP B 31 49.55 32.31 -2.56
CA ASP B 31 50.21 33.05 -1.45
C ASP B 31 49.41 33.32 -0.17
N ILE B 32 48.11 33.07 -0.11
CA ILE B 32 47.42 33.10 1.17
C ILE B 32 47.31 31.67 1.66
N SER B 33 47.89 31.37 2.80
CA SER B 33 47.73 30.09 3.43
C SER B 33 46.22 29.68 3.53
N GLY B 34 45.85 28.50 3.03
CA GLY B 34 44.47 27.96 3.17
C GLY B 34 43.54 28.19 1.98
N CYS B 35 44.08 28.79 0.92
CA CYS B 35 43.31 29.21 -0.22
C CYS B 35 43.99 28.75 -1.47
N TYR B 36 43.21 28.22 -2.39
CA TYR B 36 43.77 27.63 -3.55
C TYR B 36 42.94 27.89 -4.80
N ILE B 37 43.61 28.23 -5.88
CA ILE B 37 43.00 28.39 -7.18
C ILE B 37 42.42 27.12 -7.79
N ILE B 38 41.11 26.97 -7.82
CA ILE B 38 40.50 25.89 -8.58
C ILE B 38 40.61 26.15 -10.08
N ARG B 39 41.25 25.25 -10.80
CA ARG B 39 41.49 25.41 -12.24
C ARG B 39 40.38 24.81 -13.10
N PRO B 40 40.34 25.19 -14.38
CA PRO B 40 39.24 24.77 -15.22
C PRO B 40 38.90 23.29 -15.05
N TRP B 41 39.95 22.48 -15.11
CA TRP B 41 39.84 21.03 -15.13
C TRP B 41 39.10 20.51 -13.90
N ALA B 42 39.36 21.12 -12.77
CA ALA B 42 38.61 20.75 -11.57
C ALA B 42 37.30 21.50 -11.47
N TYR B 43 37.28 22.75 -11.93
CA TYR B 43 36.11 23.56 -11.72
C TYR B 43 34.94 22.93 -12.42
N ARG B 44 35.19 22.38 -13.61
CA ARG B 44 34.14 21.80 -14.43
C ARG B 44 33.44 20.69 -13.67
N ILE B 45 34.20 19.86 -12.97
CA ILE B 45 33.52 18.85 -12.16
C ILE B 45 32.64 19.47 -11.08
N TRP B 46 33.03 20.58 -10.50
CA TRP B 46 32.14 21.23 -9.53
C TRP B 46 30.83 21.61 -10.28
N GLU B 47 30.97 22.18 -11.49
CA GLU B 47 29.81 22.50 -12.33
C GLU B 47 28.95 21.24 -12.50
N ALA B 48 29.55 20.13 -12.89
CA ALA B 48 28.78 18.88 -13.09
C ALA B 48 27.85 18.46 -11.92
N VAL B 49 28.42 18.17 -10.77
CA VAL B 49 27.60 17.80 -9.62
C VAL B 49 26.66 18.92 -9.13
N GLN B 50 26.99 20.18 -9.43
CA GLN B 50 26.19 21.32 -8.97
C GLN B 50 24.88 21.40 -9.72
N LYS B 51 24.97 21.32 -11.04
CA LYS B 51 23.79 21.29 -11.90
C LYS B 51 22.90 20.12 -11.52
N PHE B 52 23.53 18.96 -11.31
CA PHE B 52 22.78 17.78 -10.88
C PHE B 52 21.98 18.10 -9.64
N PHE B 53 22.66 18.68 -8.67
CA PHE B 53 22.12 18.89 -7.36
C PHE B 53 21.07 19.97 -7.41
N ASP B 54 21.39 20.99 -8.20
CA ASP B 54 20.54 22.14 -8.34
C ASP B 54 19.20 21.77 -9.00
N ASP B 55 19.25 20.96 -10.06
CA ASP B 55 18.06 20.41 -10.66
C ASP B 55 17.29 19.62 -9.63
N GLY B 56 18.01 18.80 -8.88
CA GLY B 56 17.41 17.92 -7.92
C GLY B 56 16.60 18.69 -6.93
N ILE B 57 17.17 19.78 -6.43
CA ILE B 57 16.48 20.54 -5.36
C ILE B 57 15.35 21.39 -5.91
N LYS B 58 15.52 21.90 -7.12
CA LYS B 58 14.41 22.55 -7.85
C LYS B 58 13.16 21.67 -7.99
N ARG B 59 13.40 20.39 -8.26
CA ARG B 59 12.32 19.44 -8.41
C ARG B 59 11.63 19.43 -7.07
N LEU B 60 12.40 19.50 -5.99
CA LEU B 60 11.77 19.54 -4.66
C LEU B 60 11.18 20.91 -4.34
N GLY B 61 11.36 21.87 -5.22
CA GLY B 61 10.68 23.13 -5.06
C GLY B 61 11.43 24.13 -4.21
N VAL B 62 12.71 23.90 -4.05
CA VAL B 62 13.55 24.83 -3.34
C VAL B 62 13.84 25.87 -4.40
N GLU B 63 13.96 27.11 -3.99
CA GLU B 63 14.40 28.16 -4.87
C GLU B 63 15.62 28.82 -4.27
N ASN B 64 16.52 29.20 -5.17
CA ASN B 64 17.78 29.85 -4.83
C ASN B 64 17.64 31.37 -4.60
N CYS B 65 18.52 31.92 -3.80
CA CYS B 65 18.55 33.35 -3.50
C CYS B 65 19.94 33.69 -3.19
N TYR B 66 20.16 34.92 -2.80
CA TYR B 66 21.48 35.35 -2.42
C TYR B 66 21.40 36.35 -1.29
N PHE B 67 21.89 36.00 -0.11
CA PHE B 67 22.06 36.93 0.97
C PHE B 67 23.47 37.51 0.87
N PRO B 68 23.78 38.49 1.72
CA PRO B 68 25.08 39.15 1.54
C PRO B 68 26.18 38.43 2.31
N MET B 69 27.42 38.56 1.85
CA MET B 69 28.50 37.84 2.50
C MET B 69 28.96 38.45 3.81
N PHE B 70 28.68 39.76 4.00
CA PHE B 70 29.01 40.49 5.24
C PHE B 70 27.94 40.43 6.30
N VAL B 71 28.37 40.16 7.52
CA VAL B 71 27.48 40.16 8.68
C VAL B 71 27.96 41.11 9.85
N SER B 72 26.97 41.61 10.59
CA SER B 72 27.23 42.47 11.72
C SER B 72 27.54 41.63 12.96
N GLN B 73 28.43 42.20 13.78
CA GLN B 73 28.73 41.75 15.14
C GLN B 73 27.45 41.50 15.94
N ALA B 74 26.51 42.43 15.80
CA ALA B 74 25.24 42.41 16.54
C ALA B 74 24.47 41.15 16.23
N LYS B 75 24.31 40.92 14.93
CA LYS B 75 23.47 39.87 14.41
C LYS B 75 24.16 38.53 14.52
N LEU B 76 25.49 38.52 14.42
CA LEU B 76 26.28 37.29 14.50
C LEU B 76 26.23 36.55 15.85
N GLU B 77 25.54 37.08 16.86
CA GLU B 77 25.58 36.49 18.20
C GLU B 77 24.28 35.89 18.88
N LYS B 78 24.50 34.75 19.53
CA LYS B 78 23.62 34.14 20.53
C LYS B 78 24.57 33.43 21.55
N GLU B 79 25.42 34.22 22.23
CA GLU B 79 26.52 33.77 23.13
C GLU B 79 26.87 32.27 23.11
N PHE B 86 34.83 29.00 17.99
CA PHE B 86 34.18 29.56 16.81
C PHE B 86 34.58 31.02 16.61
N LYS B 87 34.98 31.68 17.68
CA LYS B 87 35.38 33.07 17.63
C LYS B 87 36.62 33.26 16.75
N PRO B 88 37.56 32.33 16.87
CA PRO B 88 38.80 32.38 16.08
C PRO B 88 38.53 32.21 14.59
N GLU B 89 37.69 31.25 14.25
CA GLU B 89 37.36 31.00 12.90
C GLU B 89 36.73 32.19 12.15
N VAL B 90 36.25 33.25 12.81
CA VAL B 90 35.61 34.35 12.02
C VAL B 90 36.60 35.35 11.40
N ALA B 91 36.38 35.79 10.17
CA ALA B 91 37.23 36.81 9.59
C ALA B 91 36.45 38.11 9.61
N TRP B 92 37.12 39.23 9.95
CA TRP B 92 36.47 40.53 10.21
C TRP B 92 37.03 41.60 9.35
N VAL B 93 36.15 42.36 8.72
CA VAL B 93 36.59 43.45 7.89
C VAL B 93 36.49 44.72 8.73
N THR B 94 37.59 45.50 8.75
CA THR B 94 37.73 46.62 9.67
C THR B 94 38.01 47.95 8.97
N HIS B 95 38.64 47.91 7.80
CA HIS B 95 39.01 49.14 7.12
C HIS B 95 38.47 49.19 5.70
N TYR B 96 38.12 50.38 5.24
CA TYR B 96 37.95 50.60 3.81
C TYR B 96 39.06 51.54 3.37
N GLY B 97 39.90 51.05 2.47
CA GLY B 97 41.20 51.63 2.22
C GLY B 97 41.86 51.80 3.59
N ASP B 98 42.20 53.06 3.91
CA ASP B 98 42.83 53.44 5.19
C ASP B 98 41.81 53.62 6.31
N SER B 99 40.70 54.32 6.03
CA SER B 99 39.66 54.60 7.05
C SER B 99 39.12 53.38 7.78
N GLU B 100 38.92 53.48 9.09
CA GLU B 100 38.20 52.43 9.80
C GLU B 100 36.76 52.50 9.42
N LEU B 101 36.05 51.41 9.64
CA LEU B 101 34.61 51.45 9.62
C LEU B 101 34.26 51.78 11.07
N PRO B 102 33.15 52.52 11.27
CA PRO B 102 32.69 52.75 12.63
C PRO B 102 32.29 51.45 13.30
N GLU B 103 31.98 50.42 12.50
CA GLU B 103 31.62 49.10 13.02
C GLU B 103 32.22 47.95 12.18
N LYS B 104 32.87 47.00 12.85
CA LYS B 104 33.48 45.86 12.16
C LYS B 104 32.40 44.83 11.71
N VAL B 105 32.61 44.27 10.51
CA VAL B 105 31.69 43.31 9.90
C VAL B 105 32.40 42.00 9.62
N ALA B 106 31.71 40.92 9.95
CA ALA B 106 32.21 39.57 9.76
C ALA B 106 31.96 39.10 8.34
N ILE B 107 32.89 38.31 7.80
CA ILE B 107 32.65 37.53 6.57
C ILE B 107 32.02 36.18 6.94
N ARG B 108 30.86 35.90 6.35
CA ARG B 108 30.04 34.79 6.80
C ARG B 108 30.78 33.42 6.82
N PRO B 109 30.62 32.66 7.91
CA PRO B 109 31.08 31.27 8.02
C PRO B 109 29.98 30.29 7.62
N THR B 110 28.82 30.80 7.81
CA THR B 110 27.55 30.21 7.56
C THR B 110 26.57 31.36 7.46
N SER B 111 25.36 31.09 7.03
CA SER B 111 24.51 32.25 6.80
C SER B 111 23.27 32.19 7.71
N GLU B 112 23.32 31.35 8.74
CA GLU B 112 22.17 31.15 9.64
C GLU B 112 21.67 32.42 10.35
N THR B 113 22.64 33.19 10.82
CA THR B 113 22.38 34.43 11.55
C THR B 113 21.98 35.59 10.62
N ILE B 114 22.15 35.40 9.31
CA ILE B 114 21.73 36.38 8.28
C ILE B 114 20.30 36.09 7.81
N MET B 115 19.97 34.83 7.63
CA MET B 115 18.69 34.42 7.03
C MET B 115 17.57 34.35 8.05
N TYR B 116 17.84 33.83 9.21
CA TYR B 116 16.80 33.66 10.16
C TYR B 116 16.14 34.94 10.60
N PRO B 117 16.85 36.03 10.76
CA PRO B 117 16.17 37.29 11.11
C PRO B 117 15.13 37.63 10.04
N ALA B 118 15.50 37.44 8.78
CA ALA B 118 14.60 37.67 7.66
C ALA B 118 13.41 36.70 7.65
N TYR B 119 13.68 35.44 7.97
CA TYR B 119 12.63 34.43 7.98
C TYR B 119 11.49 34.81 8.93
N ALA B 120 11.84 35.28 10.13
CA ALA B 120 10.85 35.74 11.14
C ALA B 120 9.90 36.84 10.65
N LYS B 121 10.45 37.70 9.80
CA LYS B 121 9.72 38.79 9.16
C LYS B 121 8.77 38.27 8.07
N TRP B 122 9.35 37.48 7.15
CA TRP B 122 8.64 36.84 6.04
C TRP B 122 7.57 35.84 6.47
N ILE B 123 7.85 35.04 7.46
CA ILE B 123 6.85 34.08 7.82
C ILE B 123 5.96 34.58 8.89
N ARG B 124 4.69 34.75 8.54
CA ARG B 124 3.67 35.22 9.43
C ARG B 124 2.48 34.33 9.56
N SER B 125 2.15 33.60 8.53
CA SER B 125 0.95 32.81 8.55
C SER B 125 1.13 31.45 7.97
N HIS B 126 0.27 30.53 8.32
CA HIS B 126 0.36 29.21 7.69
C HIS B 126 0.50 29.34 6.15
N ARG B 127 -0.08 30.41 5.61
CA ARG B 127 -0.05 30.65 4.18
C ARG B 127 1.30 31.09 3.64
N ASP B 128 2.31 31.13 4.48
CA ASP B 128 3.66 31.47 4.02
C ASP B 128 4.54 30.23 3.93
N LEU B 129 4.00 29.08 4.32
CA LEU B 129 4.77 27.83 4.43
C LEU B 129 4.36 26.75 3.41
N PRO B 130 5.33 25.98 2.92
CA PRO B 130 6.73 26.03 3.33
C PRO B 130 7.53 27.16 2.69
N LEU B 131 8.67 27.48 3.31
CA LEU B 131 9.67 28.36 2.71
C LEU B 131 10.94 27.52 2.54
N LYS B 132 11.36 27.34 1.29
CA LYS B 132 12.48 26.49 0.93
C LYS B 132 13.51 27.26 0.14
N LEU B 133 14.50 27.83 0.79
CA LEU B 133 15.54 28.52 0.05
C LEU B 133 16.84 27.82 0.13
N ASN B 134 17.77 28.25 -0.71
CA ASN B 134 19.09 27.68 -0.78
C ASN B 134 19.99 28.66 -1.48
N GLN B 135 21.27 28.74 -1.13
CA GLN B 135 22.16 29.48 -1.99
C GLN B 135 23.43 28.79 -2.34
N TRP B 136 24.04 29.25 -3.43
CA TRP B 136 25.31 28.75 -3.89
C TRP B 136 26.18 29.90 -3.57
N ASN B 137 27.00 29.80 -2.54
CA ASN B 137 27.90 30.90 -2.19
C ASN B 137 29.25 30.40 -1.76
N ASN B 138 30.13 31.34 -1.42
CA ASN B 138 31.39 31.07 -0.72
C ASN B 138 31.34 31.43 0.76
N VAL B 139 32.09 30.67 1.52
CA VAL B 139 32.13 30.86 2.92
C VAL B 139 33.58 30.95 3.35
N VAL B 140 33.83 31.76 4.40
CA VAL B 140 35.17 31.85 5.03
C VAL B 140 35.12 31.43 6.50
N ARG B 141 36.15 30.68 6.88
CA ARG B 141 36.29 30.11 8.22
C ARG B 141 37.78 29.95 8.44
N TRP B 142 38.37 30.86 9.23
CA TRP B 142 39.82 30.84 9.46
C TRP B 142 40.18 29.67 10.37
N GLU B 143 40.48 28.54 9.75
CA GLU B 143 40.70 27.30 10.44
C GLU B 143 41.98 27.10 11.14
N PHE B 144 41.88 26.66 12.39
CA PHE B 144 42.98 26.31 13.28
C PHE B 144 43.65 25.09 12.77
N LYS B 145 42.85 24.16 12.27
CA LYS B 145 43.30 22.90 11.72
C LYS B 145 44.00 23.07 10.42
N GLN B 146 44.73 22.06 10.03
CA GLN B 146 45.49 22.16 8.81
C GLN B 146 44.76 22.28 7.51
N PRO B 147 45.08 23.31 6.74
CA PRO B 147 44.59 23.43 5.36
C PRO B 147 44.95 22.23 4.48
N THR B 148 43.97 21.68 3.77
CA THR B 148 44.19 20.69 2.69
C THR B 148 43.29 21.05 1.50
N PRO B 149 43.86 21.11 0.29
CA PRO B 149 43.05 21.45 -0.85
C PRO B 149 41.76 20.61 -1.00
N PHE B 150 40.67 21.28 -1.36
CA PHE B 150 39.32 20.73 -1.35
C PHE B 150 38.83 20.26 0.02
N LEU B 151 39.54 19.37 0.69
CA LEU B 151 38.97 18.73 1.87
C LEU B 151 38.62 19.64 3.05
N ARG B 152 39.58 20.50 3.38
CA ARG B 152 39.40 21.53 4.39
C ARG B 152 40.18 22.78 4.00
N THR B 153 39.48 23.78 3.47
CA THR B 153 40.11 25.05 3.13
C THR B 153 39.44 26.16 3.86
N ARG B 154 40.09 27.32 3.82
CA ARG B 154 39.71 28.50 4.62
C ARG B 154 38.60 29.37 4.02
N GLU B 155 38.64 29.54 2.69
CA GLU B 155 37.52 29.94 1.89
C GLU B 155 37.06 28.72 1.12
N PHE B 156 35.77 28.44 1.10
CA PHE B 156 35.28 27.40 0.18
C PHE B 156 33.93 27.69 -0.47
N LEU B 157 33.73 27.15 -1.67
CA LEU B 157 32.42 27.17 -2.32
C LEU B 157 31.57 26.06 -1.71
N TRP B 158 30.30 26.33 -1.49
CA TRP B 158 29.36 25.30 -1.13
C TRP B 158 28.00 25.70 -1.65
N GLN B 159 27.04 24.88 -1.29
CA GLN B 159 25.67 25.15 -1.47
C GLN B 159 25.19 25.07 -0.04
N GLU B 160 24.17 25.84 0.35
CA GLU B 160 23.66 25.79 1.73
C GLU B 160 22.20 26.09 1.77
N GLY B 161 21.42 25.12 2.20
CA GLY B 161 19.98 25.22 2.07
C GLY B 161 19.34 25.32 3.43
N HIS B 162 18.28 26.13 3.49
CA HIS B 162 17.54 26.37 4.72
C HIS B 162 16.06 26.38 4.41
N THR B 163 15.29 25.57 5.12
CA THR B 163 13.87 25.58 4.89
C THR B 163 13.10 25.68 6.19
N ALA B 164 11.81 25.90 6.06
CA ALA B 164 10.89 26.03 7.18
C ALA B 164 9.49 25.54 6.84
N HIS B 165 8.87 24.86 7.80
CA HIS B 165 7.68 24.06 7.57
C HIS B 165 6.70 24.13 8.75
N ALA B 166 5.42 23.85 8.49
CA ALA B 166 4.40 23.79 9.53
C ALA B 166 4.40 22.52 10.39
N THR B 167 4.96 21.42 9.87
CA THR B 167 5.10 20.17 10.65
C THR B 167 6.51 19.61 10.55
N GLU B 168 6.89 18.87 11.56
CA GLU B 168 8.22 18.31 11.63
C GLU B 168 8.34 17.22 10.60
N GLU B 169 7.28 16.44 10.55
CA GLU B 169 6.99 15.48 9.51
C GLU B 169 7.48 15.94 8.13
N GLU B 170 6.95 17.06 7.68
CA GLU B 170 7.28 17.57 6.39
C GLU B 170 8.73 18.02 6.36
N ALA B 171 9.20 18.63 7.43
CA ALA B 171 10.58 19.09 7.44
C ALA B 171 11.45 17.87 7.28
N TYR B 172 11.20 16.85 8.11
CA TYR B 172 11.99 15.61 8.09
C TYR B 172 12.06 14.89 6.75
N THR B 173 10.92 14.81 6.10
CA THR B 173 10.88 14.21 4.79
C THR B 173 11.87 14.84 3.86
N LEU B 174 11.94 16.16 3.88
CA LEU B 174 12.84 16.89 3.02
C LEU B 174 14.29 16.54 3.35
N VAL B 175 14.63 16.55 4.63
CA VAL B 175 15.98 16.23 5.08
C VAL B 175 16.46 14.96 4.40
N LEU B 176 15.60 13.94 4.45
CA LEU B 176 15.84 12.61 3.89
C LEU B 176 16.01 12.63 2.36
N GLU B 177 15.16 13.38 1.69
CA GLU B 177 15.28 13.61 0.27
C GLU B 177 16.62 14.23 -0.11
N ILE B 178 17.06 15.20 0.68
CA ILE B 178 18.29 15.88 0.36
C ILE B 178 19.48 14.94 0.56
N LEU B 179 19.34 14.00 1.48
CA LEU B 179 20.41 13.06 1.75
C LEU B 179 20.62 12.10 0.59
N GLU B 180 19.51 11.45 0.20
CA GLU B 180 19.43 10.64 -1.00
C GLU B 180 20.04 11.37 -2.23
N LEU B 181 19.78 12.67 -2.32
CA LEU B 181 20.38 13.48 -3.36
C LEU B 181 21.87 13.56 -3.20
N TYR B 182 22.36 13.61 -1.97
CA TYR B 182 23.81 13.64 -1.71
C TYR B 182 24.44 12.25 -2.01
N ARG B 183 23.75 11.18 -1.62
CA ARG B 183 24.24 9.84 -1.94
C ARG B 183 24.47 9.74 -3.44
N GLN B 184 23.51 10.22 -4.21
CA GLN B 184 23.66 10.26 -5.67
C GLN B 184 24.76 11.15 -6.14
N TRP B 185 24.87 12.34 -5.58
CA TRP B 185 25.97 13.24 -5.92
C TRP B 185 27.29 12.47 -5.97
N TYR B 186 27.46 11.62 -4.96
CA TYR B 186 28.69 10.91 -4.71
C TYR B 186 28.77 9.60 -5.47
N GLU B 187 27.77 8.74 -5.32
CA GLU B 187 27.78 7.41 -5.94
C GLU B 187 27.58 7.47 -7.47
N ASP B 188 26.59 8.21 -7.92
CA ASP B 188 26.30 8.24 -9.35
C ASP B 188 27.25 9.09 -10.16
N TYR B 189 27.92 10.07 -9.57
CA TYR B 189 28.71 11.01 -10.40
C TYR B 189 30.19 11.00 -10.08
N LEU B 190 30.51 10.98 -8.79
CA LEU B 190 31.88 10.86 -8.39
C LEU B 190 32.30 9.39 -8.34
N ALA B 191 31.31 8.48 -8.29
CA ALA B 191 31.58 7.06 -8.14
C ALA B 191 32.37 6.88 -6.85
N VAL B 192 31.85 7.50 -5.80
CA VAL B 192 32.43 7.43 -4.48
C VAL B 192 31.36 6.81 -3.60
N PRO B 193 31.68 5.71 -2.93
CA PRO B 193 30.72 5.07 -2.05
C PRO B 193 30.57 5.77 -0.71
N VAL B 194 29.36 5.84 -0.21
CA VAL B 194 29.09 6.54 1.03
C VAL B 194 27.93 5.91 1.75
N ILE B 195 27.88 6.10 3.06
CA ILE B 195 26.87 5.48 3.88
C ILE B 195 26.00 6.52 4.51
N LYS B 196 24.70 6.39 4.34
CA LYS B 196 23.79 7.22 5.07
C LYS B 196 23.69 6.75 6.50
N GLY B 197 23.77 7.70 7.42
CA GLY B 197 23.52 7.45 8.83
C GLY B 197 22.99 8.66 9.56
N GLU B 198 23.00 8.55 10.88
CA GLU B 198 22.42 9.55 11.76
C GLU B 198 23.38 9.83 12.91
N LYS B 199 24.09 10.96 12.86
CA LYS B 199 25.02 11.35 13.92
C LYS B 199 24.56 11.14 15.37
N SER B 200 25.55 10.98 16.22
CA SER B 200 25.38 10.83 17.65
C SER B 200 25.24 12.23 18.23
N GLU B 201 24.72 12.32 19.45
CA GLU B 201 24.36 13.60 20.02
C GLU B 201 25.52 14.57 20.05
N ASN B 202 26.65 14.13 20.58
CA ASN B 202 27.83 15.00 20.66
C ASN B 202 28.46 15.34 19.32
N GLU B 203 28.05 14.63 18.25
CA GLU B 203 28.65 14.78 16.90
C GLU B 203 27.74 15.47 15.92
N LYS B 204 26.49 15.69 16.32
CA LYS B 204 25.52 16.30 15.45
C LYS B 204 25.71 17.79 15.46
N PHE B 205 24.81 18.49 14.80
CA PHE B 205 24.81 19.94 14.80
C PHE B 205 24.05 20.42 16.03
N ALA B 206 24.74 21.33 16.74
CA ALA B 206 24.41 21.79 18.09
C ALA B 206 23.03 22.36 18.17
N GLY B 207 22.76 23.34 17.33
CA GLY B 207 21.44 23.92 17.21
C GLY B 207 20.37 22.97 16.69
N GLY B 208 20.78 21.85 16.10
CA GLY B 208 19.84 20.95 15.44
C GLY B 208 19.22 19.89 16.35
N LYS B 209 17.99 19.53 16.06
CA LYS B 209 17.35 18.38 16.69
C LYS B 209 17.99 17.06 16.31
N LYS B 210 18.51 16.98 15.08
CA LYS B 210 19.12 15.74 14.57
C LYS B 210 19.92 16.03 13.30
N THR B 211 21.11 15.43 13.23
CA THR B 211 21.90 15.50 12.02
C THR B 211 21.94 14.13 11.42
N THR B 212 21.67 14.08 10.11
CA THR B 212 21.86 12.92 9.29
C THR B 212 22.88 13.30 8.27
N THR B 213 23.49 12.29 7.68
CA THR B 213 24.78 12.49 7.07
C THR B 213 25.20 11.34 6.18
N ILE B 214 26.04 11.62 5.21
CA ILE B 214 26.70 10.59 4.45
C ILE B 214 28.21 10.56 4.77
N GLU B 215 28.70 9.37 5.08
CA GLU B 215 30.08 9.17 5.52
C GLU B 215 30.90 8.43 4.46
N GLY B 216 32.12 8.91 4.22
CA GLY B 216 33.08 8.24 3.37
C GLY B 216 34.19 7.61 4.20
N ILE B 217 35.06 6.80 3.58
CA ILE B 217 36.25 6.26 4.21
C ILE B 217 37.44 6.35 3.28
N ILE B 218 38.30 7.34 3.47
CA ILE B 218 39.54 7.44 2.69
C ILE B 218 40.23 6.09 2.72
N PRO B 219 40.40 5.47 1.52
CA PRO B 219 40.49 4.01 1.39
C PRO B 219 41.71 3.40 2.12
N ASP B 220 42.91 3.79 1.71
CA ASP B 220 44.15 3.30 2.33
C ASP B 220 44.32 3.70 3.80
N THR B 221 43.93 4.93 4.12
CA THR B 221 44.07 5.48 5.47
C THR B 221 43.29 4.75 6.57
N GLY B 222 42.06 4.34 6.25
CA GLY B 222 41.22 3.67 7.23
C GLY B 222 40.41 4.66 8.04
N ARG B 223 40.60 5.94 7.76
CA ARG B 223 39.86 7.04 8.41
C ARG B 223 38.57 7.43 7.68
N GLY B 224 37.48 7.50 8.44
CA GLY B 224 36.22 8.02 7.91
C GLY B 224 36.24 9.52 7.69
N ILE B 225 35.20 10.03 7.03
CA ILE B 225 35.10 11.47 6.71
C ILE B 225 33.67 11.87 6.33
N GLN B 226 33.25 13.06 6.76
CA GLN B 226 31.88 13.55 6.52
C GLN B 226 31.82 14.28 5.18
N ALA B 227 30.93 13.80 4.30
CA ALA B 227 30.89 14.25 2.91
C ALA B 227 29.78 15.29 2.64
N ALA B 228 28.67 15.15 3.37
CA ALA B 228 27.60 16.14 3.37
C ALA B 228 26.68 16.00 4.59
N THR B 229 25.94 17.07 4.93
CA THR B 229 25.04 17.06 6.10
C THR B 229 23.64 17.51 5.77
N SER B 230 22.71 17.03 6.56
CA SER B 230 21.34 17.37 6.33
C SER B 230 20.63 17.30 7.67
N HIS B 231 20.39 18.47 8.27
CA HIS B 231 19.87 18.55 9.63
C HIS B 231 18.38 18.80 9.68
N LEU B 232 17.72 18.12 10.61
CA LEU B 232 16.43 18.56 11.14
C LEU B 232 16.73 19.53 12.27
N LEU B 233 16.46 20.82 12.04
CA LEU B 233 16.68 21.84 13.06
C LEU B 233 15.56 21.90 14.09
N GLY B 234 14.48 21.17 13.86
CA GLY B 234 13.31 21.23 14.72
C GLY B 234 12.74 22.64 14.88
N GLN B 235 12.45 23.00 16.13
CA GLN B 235 11.84 24.26 16.48
C GLN B 235 12.81 25.17 17.17
N ASN B 236 14.08 24.79 17.18
CA ASN B 236 14.99 25.43 18.10
C ASN B 236 15.41 26.83 17.66
N PHE B 237 15.96 26.93 16.45
CA PHE B 237 16.23 28.24 15.86
C PHE B 237 14.95 29.12 15.69
N SER B 238 13.82 28.46 15.53
CA SER B 238 12.54 29.13 15.43
C SER B 238 12.20 29.84 16.75
N ARG B 239 12.56 29.21 17.86
CA ARG B 239 12.44 29.86 19.17
C ARG B 239 13.38 31.04 19.20
N MET B 240 14.67 30.78 19.03
CA MET B 240 15.73 31.81 19.02
C MET B 240 15.44 33.08 18.24
N PHE B 241 15.23 32.95 16.93
CA PHE B 241 14.95 34.11 16.06
C PHE B 241 13.46 34.41 15.99
N SER B 242 12.67 33.71 16.80
CA SER B 242 11.27 33.99 16.95
C SER B 242 10.63 33.97 15.58
N ILE B 243 10.50 32.79 15.00
CA ILE B 243 9.89 32.64 13.70
C ILE B 243 8.55 32.01 13.99
N GLU B 244 7.49 32.80 13.88
CA GLU B 244 6.18 32.32 14.29
C GLU B 244 5.22 32.36 13.13
N PHE B 245 4.17 31.57 13.23
CA PHE B 245 3.11 31.61 12.23
C PHE B 245 1.74 31.31 12.84
N GLU B 246 0.71 31.91 12.27
CA GLU B 246 -0.67 31.59 12.62
C GLU B 246 -1.11 30.36 11.89
N ASP B 247 -1.44 29.27 12.61
CA ASP B 247 -1.91 28.04 11.97
C ASP B 247 -3.30 28.21 11.31
N GLU B 248 -3.79 27.12 10.71
CA GLU B 248 -5.18 27.06 10.24
C GLU B 248 -6.11 27.61 11.35
N LYS B 249 -6.04 27.02 12.56
CA LYS B 249 -6.87 27.43 13.73
C LYS B 249 -6.83 28.91 14.13
N GLY B 250 -5.71 29.62 13.92
CA GLY B 250 -5.52 30.98 14.44
C GLY B 250 -4.40 31.08 15.47
N ALA B 251 -4.09 29.95 16.12
CA ALA B 251 -2.97 29.84 17.10
C ALA B 251 -1.55 30.15 16.56
N LYS B 252 -0.88 31.15 17.16
CA LYS B 252 0.54 31.41 16.86
C LYS B 252 1.34 30.16 17.18
N GLN B 253 2.36 29.87 16.36
CA GLN B 253 3.17 28.66 16.54
C GLN B 253 4.56 28.81 15.96
N LEU B 254 5.44 27.87 16.31
CA LEU B 254 6.84 27.90 15.86
C LEU B 254 7.02 26.98 14.64
N VAL B 255 7.74 27.46 13.63
CA VAL B 255 8.01 26.63 12.45
C VAL B 255 8.96 25.48 12.79
N HIS B 256 9.00 24.48 11.91
CA HIS B 256 9.90 23.34 11.99
C HIS B 256 10.88 23.53 10.86
N GLN B 257 12.17 23.36 11.10
CA GLN B 257 13.18 23.78 10.10
C GLN B 257 14.23 22.69 9.73
N THR B 258 14.86 22.86 8.57
CA THR B 258 15.97 22.01 8.12
C THR B 258 17.03 22.90 7.51
N SER B 259 18.28 22.45 7.56
CA SER B 259 19.36 23.04 6.78
C SER B 259 20.34 21.97 6.46
N TRP B 260 21.06 22.16 5.35
CA TRP B 260 21.82 21.11 4.69
C TRP B 260 22.91 21.74 3.90
N GLY B 261 23.96 20.97 3.62
CA GLY B 261 25.09 21.56 2.94
C GLY B 261 26.14 20.57 2.51
N CYS B 262 26.87 20.93 1.44
CA CYS B 262 27.89 20.08 0.82
C CYS B 262 28.87 20.95 0.00
N THR B 263 30.17 20.71 0.12
CA THR B 263 31.18 21.67 -0.38
C THR B 263 32.02 21.10 -1.51
N THR B 264 33.02 21.86 -1.92
CA THR B 264 34.06 21.35 -2.80
C THR B 264 34.95 20.25 -2.16
N ARG B 265 34.73 19.93 -0.89
CA ARG B 265 35.39 18.76 -0.28
C ARG B 265 35.11 17.51 -1.11
N SER B 266 33.89 17.41 -1.64
CA SER B 266 33.47 16.30 -2.47
C SER B 266 34.49 16.00 -3.58
N LEU B 267 35.03 17.02 -4.22
CA LEU B 267 36.04 16.79 -5.23
C LEU B 267 37.25 16.07 -4.65
N GLY B 268 37.60 16.36 -3.40
CA GLY B 268 38.80 15.81 -2.79
C GLY B 268 38.64 14.34 -2.43
N VAL B 269 37.50 14.00 -1.84
CA VAL B 269 37.22 12.61 -1.59
C VAL B 269 37.32 11.81 -2.89
N MET B 270 36.82 12.40 -3.98
CA MET B 270 36.68 11.70 -5.27
C MET B 270 38.06 11.42 -5.81
N ILE B 271 38.96 12.39 -5.67
CA ILE B 271 40.35 12.21 -6.13
C ILE B 271 41.04 11.06 -5.42
N MET B 272 40.96 11.07 -4.09
CA MET B 272 41.61 10.09 -3.27
C MET B 272 40.96 8.74 -3.47
N THR B 273 39.69 8.75 -3.84
CA THR B 273 39.03 7.49 -3.93
C THR B 273 39.48 6.70 -5.14
N HIS B 274 40.05 7.32 -6.17
CA HIS B 274 40.34 6.64 -7.45
C HIS B 274 41.73 6.75 -7.96
N GLY B 275 42.54 7.63 -7.40
CA GLY B 275 43.83 7.94 -8.02
C GLY B 275 44.83 6.83 -7.77
N ASP B 276 45.86 6.77 -8.61
CA ASP B 276 46.87 5.77 -8.50
C ASP B 276 48.20 6.44 -8.70
N ASP B 277 49.29 5.68 -8.67
CA ASP B 277 50.62 6.28 -8.77
C ASP B 277 50.93 6.89 -10.16
N LYS B 278 50.22 6.49 -11.22
CA LYS B 278 50.41 7.19 -12.52
C LYS B 278 49.80 8.59 -12.47
N GLY B 279 48.84 8.78 -11.56
CA GLY B 279 48.25 10.09 -11.35
C GLY B 279 46.77 10.06 -11.01
N LEU B 280 46.02 10.99 -11.59
CA LEU B 280 44.59 11.09 -11.37
C LEU B 280 43.82 10.02 -12.15
N VAL B 281 42.63 9.69 -11.66
CA VAL B 281 41.72 8.82 -12.37
C VAL B 281 40.37 9.37 -12.05
N LEU B 282 39.73 9.93 -13.08
CA LEU B 282 38.48 10.67 -12.87
C LEU B 282 37.32 9.92 -13.48
N PRO B 283 36.14 9.98 -12.83
CA PRO B 283 34.97 9.28 -13.31
C PRO B 283 34.51 9.91 -14.60
N PRO B 284 34.17 9.08 -15.62
CA PRO B 284 33.76 9.60 -16.93
C PRO B 284 32.49 10.44 -16.88
N ARG B 285 31.58 10.18 -15.93
CA ARG B 285 30.35 10.95 -15.90
CA ARG B 285 30.34 10.95 -15.88
C ARG B 285 30.62 12.45 -15.66
N VAL B 286 31.68 12.79 -14.90
CA VAL B 286 32.01 14.21 -14.64
C VAL B 286 33.34 14.75 -15.20
N VAL B 287 34.22 13.89 -15.68
CA VAL B 287 35.47 14.39 -16.23
C VAL B 287 35.23 15.36 -17.42
N ALA B 288 36.19 16.20 -17.73
CA ALA B 288 36.05 17.23 -18.76
C ALA B 288 36.20 16.71 -20.19
N VAL B 289 37.31 16.04 -20.46
CA VAL B 289 37.46 15.29 -21.71
C VAL B 289 37.38 13.81 -21.33
N GLN B 290 36.47 13.09 -21.97
CA GLN B 290 36.28 11.69 -21.68
C GLN B 290 37.24 10.86 -22.50
N ALA B 291 37.52 11.29 -23.72
CA ALA B 291 38.37 10.55 -24.62
C ALA B 291 39.27 11.52 -25.36
N VAL B 292 40.57 11.24 -25.41
CA VAL B 292 41.46 12.13 -26.13
C VAL B 292 42.08 11.36 -27.26
N ILE B 293 41.97 11.86 -28.48
CA ILE B 293 42.48 11.16 -29.63
C ILE B 293 43.87 11.64 -29.86
N ILE B 294 44.81 10.72 -30.06
CA ILE B 294 46.23 11.06 -30.19
C ILE B 294 46.89 10.45 -31.42
N PRO B 295 47.31 11.30 -32.37
CA PRO B 295 47.96 10.78 -33.58
C PRO B 295 49.37 10.38 -33.29
N ILE B 296 49.79 9.24 -33.82
CA ILE B 296 51.16 8.78 -33.78
C ILE B 296 51.71 8.81 -35.21
N ILE B 297 52.74 9.60 -35.47
CA ILE B 297 53.26 9.81 -36.82
C ILE B 297 54.74 9.50 -36.83
N PHE B 298 55.26 8.94 -37.89
CA PHE B 298 56.66 8.61 -37.88
C PHE B 298 57.56 9.70 -38.37
N LYS B 299 58.84 9.44 -38.52
CA LYS B 299 59.78 10.47 -38.98
C LYS B 299 59.44 10.97 -40.36
N GLU B 300 59.04 10.03 -41.21
CA GLU B 300 58.62 10.28 -42.55
C GLU B 300 57.26 10.94 -42.57
N THR B 301 56.93 11.47 -43.73
CA THR B 301 55.71 12.20 -44.01
C THR B 301 54.44 11.34 -44.07
N GLY B 302 53.32 11.99 -44.32
CA GLY B 302 52.04 11.32 -44.28
C GLY B 302 51.26 11.64 -43.02
N GLY B 303 51.74 12.60 -42.25
CA GLY B 303 51.11 13.04 -41.05
C GLY B 303 49.76 13.62 -41.27
N MET B 304 49.58 14.33 -42.37
CA MET B 304 48.33 14.99 -42.69
C MET B 304 47.17 14.03 -42.77
N GLU B 305 47.30 12.94 -43.46
CA GLU B 305 46.21 11.97 -43.39
C GLU B 305 45.85 11.50 -41.97
N ILE B 306 46.84 11.10 -41.17
CA ILE B 306 46.56 10.63 -39.82
C ILE B 306 45.77 11.67 -39.03
N VAL B 307 46.30 12.88 -39.00
CA VAL B 307 45.62 14.00 -38.38
C VAL B 307 44.17 14.16 -38.88
N ALA B 308 43.96 13.99 -40.19
CA ALA B 308 42.63 14.09 -40.79
C ALA B 308 41.67 13.12 -40.15
N LYS B 309 42.02 11.84 -40.24
CA LYS B 309 41.19 10.76 -39.70
C LYS B 309 40.97 10.94 -38.18
N CYS B 310 41.88 11.63 -37.51
CA CYS B 310 41.68 11.98 -36.11
C CYS B 310 40.50 12.93 -35.96
N ARG B 311 40.43 13.97 -36.80
CA ARG B 311 39.39 15.01 -36.64
C ARG B 311 38.02 14.49 -37.12
N GLU B 312 38.10 13.57 -38.09
CA GLU B 312 36.91 12.87 -38.57
C GLU B 312 36.34 12.10 -37.39
N LEU B 313 37.20 11.26 -36.79
CA LEU B 313 36.79 10.44 -35.67
C LEU B 313 36.33 11.30 -34.50
N GLU B 314 37.02 12.43 -34.30
CA GLU B 314 36.62 13.37 -33.27
C GLU B 314 35.20 13.77 -33.54
N ARG B 315 34.94 14.18 -34.78
CA ARG B 315 33.62 14.70 -35.14
C ARG B 315 32.54 13.67 -34.90
N LEU B 316 32.83 12.44 -35.32
CA LEU B 316 31.88 11.33 -35.19
C LEU B 316 31.48 11.06 -33.76
N LEU B 317 32.42 11.31 -32.85
CA LEU B 317 32.26 11.00 -31.43
C LEU B 317 31.53 12.09 -30.68
N ASN B 318 31.92 13.31 -31.01
CA ASN B 318 31.21 14.48 -30.57
C ASN B 318 29.73 14.31 -30.76
N ALA B 319 29.38 13.93 -31.99
CA ALA B 319 28.01 13.62 -32.42
C ALA B 319 27.40 12.58 -31.51
N ALA B 320 28.08 11.47 -31.32
CA ALA B 320 27.61 10.40 -30.42
C ALA B 320 27.44 10.83 -28.95
N GLY B 321 27.83 12.06 -28.62
CA GLY B 321 27.68 12.60 -27.26
C GLY B 321 28.97 12.64 -26.47
N VAL B 322 30.04 12.06 -27.01
CA VAL B 322 31.27 11.93 -26.25
C VAL B 322 32.04 13.25 -26.25
N ARG B 323 32.43 13.70 -25.05
CA ARG B 323 33.36 14.82 -24.87
C ARG B 323 34.79 14.47 -25.36
N VAL B 324 35.03 14.64 -26.66
CA VAL B 324 36.24 14.17 -27.30
C VAL B 324 37.20 15.34 -27.39
N LYS B 325 38.42 15.14 -27.93
CA LYS B 325 39.45 16.20 -28.01
C LYS B 325 40.72 15.64 -28.66
N VAL B 326 41.30 16.34 -29.61
CA VAL B 326 42.45 15.79 -30.30
C VAL B 326 43.69 16.55 -29.85
N ASP B 327 44.70 15.84 -29.36
CA ASP B 327 45.94 16.48 -28.97
C ASP B 327 46.88 16.50 -30.15
N ASP B 328 46.85 17.58 -30.94
CA ASP B 328 47.68 17.72 -32.16
C ASP B 328 49.03 18.43 -31.98
N ARG B 329 49.32 18.83 -30.75
CA ARG B 329 50.47 19.67 -30.48
C ARG B 329 51.70 19.25 -31.28
N THR B 330 52.18 20.17 -32.12
CA THR B 330 53.36 19.89 -32.95
C THR B 330 54.67 19.99 -32.17
N ASN B 331 55.69 19.29 -32.69
CA ASN B 331 57.01 19.09 -32.03
C ASN B 331 56.89 18.58 -30.57
N TYR B 332 56.07 17.58 -30.32
CA TYR B 332 55.86 17.11 -28.95
C TYR B 332 55.43 15.67 -29.03
N THR B 333 56.37 14.76 -28.73
CA THR B 333 56.19 13.35 -29.04
C THR B 333 54.98 12.76 -28.35
N PRO B 334 54.27 11.88 -29.05
CA PRO B 334 53.10 11.18 -28.56
C PRO B 334 53.23 10.62 -27.12
N GLY B 335 54.33 9.94 -26.82
CA GLY B 335 54.49 9.32 -25.51
C GLY B 335 54.38 10.33 -24.39
N TRP B 336 54.95 11.51 -24.63
CA TRP B 336 54.80 12.63 -23.70
C TRP B 336 53.34 12.98 -23.47
N LYS B 337 52.58 13.01 -24.56
CA LYS B 337 51.15 13.30 -24.49
C LYS B 337 50.44 12.22 -23.69
N PHE B 338 50.78 10.96 -23.94
CA PHE B 338 50.13 9.81 -23.28
C PHE B 338 50.12 10.06 -21.81
N ASN B 339 51.24 10.61 -21.36
CA ASN B 339 51.51 10.91 -19.95
C ASN B 339 50.74 12.10 -19.39
N ASP B 340 50.75 13.21 -20.15
CA ASP B 340 49.97 14.43 -19.83
C ASP B 340 48.56 14.07 -19.49
N TRP B 341 47.87 13.37 -20.38
CA TRP B 341 46.45 13.07 -20.17
C TRP B 341 46.17 12.00 -19.12
N GLU B 342 47.10 11.06 -18.94
CA GLU B 342 47.00 10.06 -17.89
C GLU B 342 47.10 10.73 -16.52
N LEU B 343 48.01 11.70 -16.44
CA LEU B 343 48.17 12.54 -15.26
C LEU B 343 46.87 13.23 -14.93
N LYS B 344 46.27 13.83 -15.96
CA LYS B 344 45.01 14.56 -15.85
C LYS B 344 43.76 13.68 -15.66
N GLY B 345 43.90 12.36 -15.72
CA GLY B 345 42.78 11.45 -15.42
C GLY B 345 41.78 11.18 -16.55
N VAL B 346 42.12 11.56 -17.78
CA VAL B 346 41.23 11.31 -18.89
C VAL B 346 41.00 9.81 -19.00
N PRO B 347 39.72 9.35 -18.95
CA PRO B 347 39.40 7.89 -18.94
C PRO B 347 39.92 7.09 -20.15
N LEU B 348 39.72 7.56 -21.38
CA LEU B 348 40.15 6.83 -22.56
C LEU B 348 41.13 7.55 -23.40
N ARG B 349 42.16 6.83 -23.78
CA ARG B 349 43.10 7.33 -24.72
C ARG B 349 42.85 6.60 -26.00
N LEU B 350 42.89 7.31 -27.11
CA LEU B 350 42.62 6.73 -28.41
C LEU B 350 43.82 6.95 -29.30
N GLU B 351 44.62 5.93 -29.47
CA GLU B 351 45.83 6.09 -30.25
C GLU B 351 45.39 5.95 -31.69
N ILE B 352 46.06 6.66 -32.59
CA ILE B 352 45.92 6.40 -34.00
C ILE B 352 47.28 6.59 -34.64
N GLY B 353 47.87 5.47 -35.06
CA GLY B 353 49.09 5.45 -35.82
C GLY B 353 48.84 4.79 -37.17
N PRO B 354 49.88 4.76 -38.04
CA PRO B 354 49.80 4.27 -39.43
C PRO B 354 48.96 3.01 -39.63
N ARG B 355 49.15 2.03 -38.76
CA ARG B 355 48.42 0.78 -38.90
C ARG B 355 46.94 0.90 -38.50
N ASP B 356 46.61 1.84 -37.62
CA ASP B 356 45.23 2.04 -37.22
C ASP B 356 44.45 2.73 -38.31
N VAL B 357 45.16 3.52 -39.11
CA VAL B 357 44.58 4.17 -40.27
C VAL B 357 44.28 3.15 -41.35
N GLU B 358 45.27 2.31 -41.64
CA GLU B 358 45.12 1.29 -42.67
C GLU B 358 44.12 0.19 -42.30
N SER B 359 44.18 -0.31 -41.06
CA SER B 359 43.00 -0.93 -40.43
C SER B 359 42.10 0.25 -40.31
N CYS B 360 40.86 0.09 -39.89
CA CYS B 360 40.08 1.32 -39.81
C CYS B 360 39.64 1.52 -38.39
N GLN B 361 40.64 1.69 -37.53
CA GLN B 361 40.40 1.61 -36.11
C GLN B 361 41.19 2.58 -35.30
N THR B 362 40.83 2.65 -34.04
CA THR B 362 41.59 3.34 -33.05
C THR B 362 41.84 2.32 -31.95
N ARG B 363 42.98 2.49 -31.30
CA ARG B 363 43.39 1.61 -30.23
C ARG B 363 43.17 2.33 -28.91
N VAL B 364 42.31 1.73 -28.11
CA VAL B 364 41.68 2.40 -27.02
C VAL B 364 42.21 1.91 -25.68
N VAL B 365 42.89 2.80 -24.97
CA VAL B 365 43.54 2.46 -23.71
C VAL B 365 42.83 3.03 -22.48
N ARG B 366 42.48 2.17 -21.56
CA ARG B 366 41.64 2.51 -20.45
C ARG B 366 42.50 2.99 -19.28
N ARG B 367 42.07 4.05 -18.60
CA ARG B 367 42.95 4.72 -17.64
C ARG B 367 43.11 3.92 -16.35
N ASP B 368 42.03 3.31 -15.86
CA ASP B 368 42.06 2.70 -14.54
C ASP B 368 42.84 1.41 -14.56
N THR B 369 42.74 0.65 -15.65
CA THR B 369 43.33 -0.70 -15.74
C THR B 369 44.42 -0.81 -16.77
N SER B 370 44.64 0.25 -17.52
CA SER B 370 45.64 0.23 -18.58
C SER B 370 45.46 -0.80 -19.66
N GLU B 371 44.31 -1.46 -19.74
CA GLU B 371 44.10 -2.38 -20.86
C GLU B 371 43.71 -1.76 -22.23
N ALA B 372 44.41 -2.17 -23.29
CA ALA B 372 44.18 -1.68 -24.64
C ALA B 372 43.13 -2.50 -25.38
N ARG B 373 42.65 -2.02 -26.53
CA ARG B 373 41.61 -2.71 -27.26
C ARG B 373 41.46 -2.01 -28.58
N ASN B 374 41.25 -2.75 -29.67
CA ASN B 374 41.04 -2.07 -30.94
C ASN B 374 39.57 -1.85 -31.19
N VAL B 375 39.23 -0.61 -31.49
CA VAL B 375 37.88 -0.25 -31.77
C VAL B 375 37.87 0.24 -33.20
N PRO B 376 37.11 -0.45 -34.07
CA PRO B 376 36.94 -0.02 -35.44
C PRO B 376 36.09 1.26 -35.51
N TRP B 377 36.55 2.20 -36.33
CA TRP B 377 35.90 3.51 -36.44
C TRP B 377 34.37 3.36 -36.62
N ALA B 378 34.01 2.36 -37.44
CA ALA B 378 32.60 2.01 -37.72
C ALA B 378 31.77 1.68 -36.48
N GLU B 379 32.42 1.19 -35.42
CA GLU B 379 31.75 0.86 -34.17
C GLU B 379 32.01 1.86 -33.03
N ALA B 380 32.88 2.85 -33.29
CA ALA B 380 33.26 3.81 -32.26
C ALA B 380 32.05 4.45 -31.57
N ALA B 381 31.14 5.02 -32.34
CA ALA B 381 30.03 5.78 -31.74
C ALA B 381 29.08 4.97 -30.85
N SER B 382 29.08 3.64 -30.96
CA SER B 382 28.40 2.80 -29.95
C SER B 382 29.32 2.35 -28.83
N THR B 383 30.54 1.99 -29.20
CA THR B 383 31.46 1.36 -28.27
C THR B 383 31.95 2.34 -27.23
N ILE B 384 32.51 3.45 -27.67
CA ILE B 384 33.08 4.39 -26.72
C ILE B 384 32.10 4.76 -25.58
N PRO B 385 30.84 5.14 -25.92
CA PRO B 385 29.88 5.36 -24.86
C PRO B 385 29.74 4.16 -23.98
N ALA B 386 29.70 2.99 -24.61
CA ALA B 386 29.56 1.73 -23.89
C ALA B 386 30.71 1.57 -22.88
N MET B 387 31.92 1.91 -23.32
CA MET B 387 33.10 1.65 -22.54
C MET B 387 33.21 2.54 -21.32
N LEU B 388 32.95 3.84 -21.49
CA LEU B 388 32.90 4.80 -20.38
C LEU B 388 31.87 4.38 -19.35
N GLU B 389 30.70 3.98 -19.82
CA GLU B 389 29.64 3.53 -18.92
C GLU B 389 30.01 2.29 -18.14
N THR B 390 30.79 1.42 -18.76
CA THR B 390 31.38 0.30 -18.06
C THR B 390 32.29 0.87 -17.01
N MET B 391 33.19 1.77 -17.45
CA MET B 391 34.31 2.27 -16.65
C MET B 391 33.87 2.99 -15.37
N GLN B 392 32.80 3.74 -15.47
CA GLN B 392 32.24 4.47 -14.36
C GLN B 392 31.76 3.52 -13.28
N LYS B 393 30.98 2.51 -13.67
CA LYS B 393 30.48 1.49 -12.73
C LYS B 393 31.63 0.69 -12.15
N ASP B 394 32.66 0.46 -12.94
CA ASP B 394 33.82 -0.26 -12.43
C ASP B 394 34.50 0.52 -11.32
N LEU B 395 34.78 1.79 -11.58
CA LEU B 395 35.38 2.66 -10.56
C LEU B 395 34.54 2.63 -9.31
N PHE B 396 33.23 2.80 -9.45
CA PHE B 396 32.40 2.75 -8.27
C PHE B 396 32.53 1.40 -7.60
N ASN B 397 32.52 0.32 -8.39
CA ASN B 397 32.46 -1.02 -7.82
C ASN B 397 33.72 -1.45 -7.14
N LYS B 398 34.87 -1.21 -7.78
CA LYS B 398 36.15 -1.44 -7.12
C LYS B 398 36.18 -0.63 -5.82
N ALA B 399 35.82 0.65 -5.95
CA ALA B 399 35.79 1.52 -4.81
C ALA B 399 34.83 0.99 -3.75
N LYS B 400 33.67 0.53 -4.16
CA LYS B 400 32.68 0.13 -3.18
C LYS B 400 33.15 -1.03 -2.34
N ALA B 401 34.04 -1.83 -2.91
CA ALA B 401 34.49 -3.06 -2.29
C ALA B 401 35.62 -2.81 -1.28
N LYS B 402 36.65 -2.07 -1.71
CA LYS B 402 37.70 -1.61 -0.79
C LYS B 402 37.05 -1.09 0.48
N PHE B 403 35.96 -0.38 0.30
CA PHE B 403 35.19 0.22 1.38
C PHE B 403 34.55 -0.85 2.27
N GLU B 404 33.62 -1.61 1.71
CA GLU B 404 33.03 -2.78 2.34
C GLU B 404 33.99 -3.66 3.12
N ALA B 405 35.19 -3.82 2.54
CA ALA B 405 36.28 -4.53 3.16
C ALA B 405 36.62 -3.86 4.48
N SER B 406 36.75 -2.54 4.45
CA SER B 406 37.24 -1.77 5.61
C SER B 406 36.32 -1.67 6.82
N ILE B 407 35.30 -2.52 6.92
CA ILE B 407 34.34 -2.43 8.00
C ILE B 407 34.16 -3.77 8.67
N GLU B 408 34.67 -3.87 9.89
CA GLU B 408 34.55 -5.10 10.66
C GLU B 408 33.40 -5.00 11.61
N GLN B 409 32.51 -5.98 11.56
CA GLN B 409 31.39 -5.99 12.47
C GLN B 409 31.77 -6.64 13.79
N ILE B 410 31.99 -5.85 14.84
CA ILE B 410 32.49 -6.40 16.12
C ILE B 410 31.43 -6.52 17.20
N THR B 411 31.76 -7.09 18.36
CA THR B 411 30.83 -7.09 19.50
C THR B 411 31.38 -6.73 20.88
N THR B 412 32.70 -6.72 21.03
CA THR B 412 33.29 -6.42 22.31
C THR B 412 34.34 -5.44 22.08
N PHE B 413 34.69 -4.76 23.15
CA PHE B 413 35.72 -3.74 23.10
C PHE B 413 37.04 -4.37 22.69
N ASP B 414 37.23 -5.62 23.08
CA ASP B 414 38.44 -6.34 22.77
C ASP B 414 38.78 -6.33 21.27
N GLU B 415 37.75 -6.36 20.43
CA GLU B 415 37.96 -6.46 18.98
C GLU B 415 38.42 -5.16 18.30
N VAL B 416 38.42 -4.07 19.04
CA VAL B 416 38.54 -2.77 18.43
C VAL B 416 39.95 -2.44 17.96
N MET B 417 40.91 -2.47 18.87
CA MET B 417 42.27 -2.03 18.55
C MET B 417 42.95 -2.90 17.47
N PRO B 418 42.68 -4.23 17.45
CA PRO B 418 43.11 -5.00 16.29
C PRO B 418 42.54 -4.39 15.00
N ALA B 419 41.20 -4.33 14.89
CA ALA B 419 40.51 -3.72 13.73
C ALA B 419 41.11 -2.36 13.37
N LEU B 420 41.14 -1.48 14.36
CA LEU B 420 41.75 -0.19 14.16
C LEU B 420 43.14 -0.32 13.54
N ASN B 421 44.00 -1.19 14.09
CA ASN B 421 45.39 -1.31 13.62
C ASN B 421 45.54 -2.02 12.29
N ARG B 422 44.45 -2.58 11.76
CA ARG B 422 44.40 -3.07 10.39
C ARG B 422 43.92 -2.00 9.40
N ARG B 423 43.90 -0.72 9.80
CA ARG B 423 43.31 0.36 8.99
C ARG B 423 41.84 0.11 8.74
N HIS B 424 41.11 -0.40 9.71
CA HIS B 424 39.69 -0.65 9.49
C HIS B 424 38.82 0.25 10.42
N VAL B 425 37.53 0.20 10.19
CA VAL B 425 36.54 0.95 10.93
C VAL B 425 35.66 -0.14 11.56
N VAL B 426 34.89 0.16 12.58
CA VAL B 426 34.14 -0.93 13.19
C VAL B 426 32.66 -0.64 13.25
N LEU B 427 31.86 -1.69 13.23
CA LEU B 427 30.40 -1.56 13.34
C LEU B 427 29.92 -2.41 14.52
N ALA B 428 29.50 -1.73 15.59
CA ALA B 428 29.28 -2.39 16.87
C ALA B 428 27.97 -2.01 17.54
N PRO B 429 27.37 -2.95 18.28
CA PRO B 429 26.13 -2.60 18.98
C PRO B 429 26.40 -1.54 20.07
N TRP B 430 25.44 -0.64 20.30
CA TRP B 430 25.68 0.53 21.13
C TRP B 430 24.45 0.97 21.87
N CYS B 431 24.67 1.51 23.05
CA CYS B 431 23.61 2.05 23.93
C CYS B 431 23.31 3.50 23.61
N GLU B 432 24.23 4.14 22.86
CA GLU B 432 24.09 5.52 22.39
C GLU B 432 24.02 6.61 23.49
N ASP B 433 24.46 6.32 24.71
CA ASP B 433 24.57 7.37 25.75
C ASP B 433 25.78 8.31 25.43
N PRO B 434 25.50 9.60 25.12
CA PRO B 434 26.48 10.62 24.71
C PRO B 434 27.71 10.66 25.59
N GLU B 435 27.47 10.37 26.88
CA GLU B 435 28.51 10.35 27.90
C GLU B 435 29.61 9.38 27.49
N THR B 436 29.23 8.26 26.86
CA THR B 436 30.22 7.27 26.43
C THR B 436 31.11 7.73 25.29
N GLU B 437 30.64 8.69 24.49
CA GLU B 437 31.42 9.18 23.34
C GLU B 437 32.80 9.71 23.70
N THR B 438 32.89 10.55 24.73
CA THR B 438 34.18 11.14 25.10
C THR B 438 35.02 10.10 25.83
N GLN B 439 34.34 9.15 26.49
CA GLN B 439 35.03 7.99 27.09
C GLN B 439 35.74 7.16 26.02
N ILE B 440 34.94 6.70 25.06
CA ILE B 440 35.40 5.92 23.93
C ILE B 440 36.53 6.64 23.20
N LYS B 441 36.38 7.95 22.97
CA LYS B 441 37.44 8.75 22.31
C LYS B 441 38.74 8.61 23.12
N ARG B 442 38.62 8.72 24.44
CA ARG B 442 39.79 8.79 25.31
C ARG B 442 40.47 7.44 25.49
N GLU B 443 39.73 6.41 25.84
CA GLU B 443 40.37 5.11 26.04
C GLU B 443 41.09 4.63 24.76
N THR B 444 40.44 4.78 23.61
CA THR B 444 41.05 4.45 22.32
C THR B 444 42.35 5.21 22.04
N GLN B 445 42.39 6.51 22.36
CA GLN B 445 43.63 7.25 22.21
C GLN B 445 44.66 6.74 23.21
N ARG B 446 44.22 6.60 24.47
CA ARG B 446 45.00 5.94 25.55
C ARG B 446 45.78 4.78 24.95
N LEU B 447 45.07 3.88 24.29
CA LEU B 447 45.71 2.76 23.61
C LEU B 447 46.06 3.16 22.17
N GLY B 461 44.72 9.69 16.37
CA GLY B 461 44.71 8.45 17.16
C GLY B 461 43.38 7.98 17.79
N ALA B 462 42.56 8.90 18.24
CA ALA B 462 41.26 8.53 18.85
C ALA B 462 40.22 7.98 17.85
N MET B 463 39.13 7.43 18.37
CA MET B 463 38.11 6.86 17.55
C MET B 463 36.73 7.36 17.99
N LYS B 464 36.12 8.20 17.15
CA LYS B 464 34.79 8.69 17.49
C LYS B 464 33.72 7.89 16.76
N PRO B 465 32.45 8.07 17.16
CA PRO B 465 31.36 7.55 16.37
C PRO B 465 31.20 8.36 15.10
N LEU B 466 31.10 7.64 13.99
CA LEU B 466 31.08 8.24 12.67
C LEU B 466 29.63 8.35 12.18
N CYS B 467 28.84 7.28 12.29
CA CYS B 467 27.40 7.41 12.18
C CYS B 467 26.71 6.12 12.42
N ILE B 468 25.46 6.24 12.81
CA ILE B 468 24.58 5.13 13.01
C ILE B 468 23.89 4.98 11.70
N PRO B 469 24.10 3.84 11.02
CA PRO B 469 23.72 3.80 9.64
C PRO B 469 22.26 3.47 9.54
N PHE B 470 21.67 3.84 8.40
CA PHE B 470 20.25 3.60 8.18
C PHE B 470 20.05 2.13 7.91
N ASP B 471 20.88 1.56 7.04
CA ASP B 471 20.83 0.12 6.80
C ASP B 471 21.38 -0.64 8.04
N GLN B 472 20.47 -1.01 8.93
CA GLN B 472 20.80 -1.63 10.22
C GLN B 472 20.81 -3.14 10.11
N PRO B 473 21.98 -3.79 10.27
CA PRO B 473 21.98 -5.27 10.39
C PRO B 473 21.21 -5.68 11.65
N PRO B 474 20.65 -6.91 11.67
CA PRO B 474 19.68 -7.33 12.73
C PRO B 474 20.27 -7.35 14.14
N MET B 475 19.45 -7.00 15.13
CA MET B 475 19.91 -6.87 16.52
C MET B 475 19.18 -7.86 17.44
N PRO B 476 19.73 -9.08 17.60
CA PRO B 476 19.11 -10.04 18.53
C PRO B 476 18.70 -9.41 19.88
N GLU B 477 17.48 -9.69 20.32
CA GLU B 477 17.11 -9.44 21.70
C GLU B 477 18.26 -9.98 22.55
N GLY B 478 18.63 -9.22 23.57
CA GLY B 478 19.78 -9.53 24.41
C GLY B 478 20.98 -8.63 24.14
N THR B 479 21.27 -8.34 22.89
CA THR B 479 22.57 -7.79 22.50
C THR B 479 23.15 -6.71 23.45
N ARG B 480 24.28 -6.98 24.10
CA ARG B 480 24.90 -5.96 25.01
C ARG B 480 25.68 -4.89 24.20
N CYS B 481 25.75 -3.68 24.74
CA CYS B 481 26.53 -2.61 24.14
C CYS B 481 27.99 -2.99 24.23
N PHE B 482 28.75 -2.80 23.19
CA PHE B 482 30.10 -3.25 23.21
C PHE B 482 31.01 -2.67 24.25
N PHE B 483 30.72 -1.49 24.71
CA PHE B 483 31.54 -0.78 25.67
C PHE B 483 31.01 -0.69 27.07
N THR B 484 29.74 -0.98 27.29
CA THR B 484 29.17 -0.91 28.62
C THR B 484 28.46 -2.14 29.12
N GLY B 485 27.95 -2.96 28.25
CA GLY B 485 27.23 -4.14 28.67
C GLY B 485 25.75 -3.87 28.80
N ARG B 486 25.39 -2.61 28.75
CA ARG B 486 23.98 -2.20 28.77
C ARG B 486 23.32 -2.74 27.53
N PRO B 487 21.98 -2.86 27.56
CA PRO B 487 21.36 -3.27 26.32
C PRO B 487 21.70 -2.29 25.19
N ALA B 488 22.13 -2.86 24.08
CA ALA B 488 22.48 -2.08 22.90
C ALA B 488 21.17 -1.68 22.23
N LYS B 489 21.21 -0.49 21.62
CA LYS B 489 20.13 0.03 20.81
C LYS B 489 20.33 -0.22 19.33
N ARG B 490 21.47 0.18 18.78
CA ARG B 490 21.70 0.12 17.34
C ARG B 490 23.15 -0.02 16.95
N TRP B 491 23.40 -0.68 15.84
CA TRP B 491 24.75 -0.75 15.31
C TRP B 491 25.20 0.67 15.05
N CYS B 492 26.49 0.93 15.20
CA CYS B 492 27.00 2.24 14.92
C CYS B 492 28.38 2.11 14.38
N LEU B 493 28.76 2.98 13.47
CA LEU B 493 30.11 2.99 12.99
C LEU B 493 30.95 3.77 13.92
N PHE B 494 32.08 3.19 14.29
CA PHE B 494 33.13 3.92 14.97
C PHE B 494 34.43 3.77 14.17
N GLY B 495 35.28 4.79 14.27
CA GLY B 495 36.64 4.70 13.75
C GLY B 495 37.40 6.00 13.85
N ARG B 496 38.65 5.97 13.45
CA ARG B 496 39.46 7.20 13.42
C ARG B 496 38.95 8.07 12.30
N SER B 497 39.25 9.37 12.30
CA SER B 497 38.63 10.30 11.36
C SER B 497 39.59 11.38 10.87
N TYR B 498 39.05 12.43 10.24
CA TYR B 498 39.89 13.42 9.49
C TYR B 498 40.03 14.88 9.95
N THR C 6 -21.77 -4.84 32.57
CA THR C 6 -20.71 -3.94 32.98
C THR C 6 -20.21 -3.15 31.76
N ALA C 7 -19.50 -3.83 30.85
CA ALA C 7 -18.66 -3.15 29.85
C ALA C 7 -19.39 -2.65 28.62
N LYS C 8 -18.93 -1.53 28.09
CA LYS C 8 -19.54 -0.84 26.97
C LYS C 8 -18.92 -1.16 25.62
N LYS C 9 -19.65 -0.90 24.55
CA LYS C 9 -19.23 -1.32 23.22
C LYS C 9 -17.91 -0.69 22.73
N SER C 10 -17.71 0.62 22.93
CA SER C 10 -16.46 1.27 22.52
C SER C 10 -15.50 1.52 23.69
N THR C 11 -15.97 1.33 24.92
CA THR C 11 -15.08 1.38 26.08
C THR C 11 -14.22 0.13 26.10
N ASN C 12 -14.87 -1.04 26.10
CA ASN C 12 -14.20 -2.33 26.30
C ASN C 12 -14.86 -3.37 25.41
N PHE C 13 -14.70 -3.18 24.10
CA PHE C 13 -15.30 -4.03 23.04
C PHE C 13 -15.17 -5.53 23.26
N ALA C 14 -13.95 -6.03 23.34
CA ALA C 14 -13.75 -7.44 23.59
C ALA C 14 -14.53 -7.94 24.83
N ASP C 15 -14.39 -7.22 25.93
CA ASP C 15 -15.08 -7.56 27.17
C ASP C 15 -16.62 -7.60 26.96
N TRP C 16 -17.13 -6.66 26.14
CA TRP C 16 -18.57 -6.56 25.81
C TRP C 16 -19.16 -7.80 25.11
N TYR C 17 -18.56 -8.15 23.96
CA TYR C 17 -18.86 -9.36 23.24
C TYR C 17 -18.96 -10.63 24.11
N THR C 18 -18.06 -10.83 25.05
CA THR C 18 -18.14 -12.02 25.87
C THR C 18 -19.43 -12.04 26.67
N GLN C 19 -19.84 -10.85 27.06
CA GLN C 19 -20.97 -10.71 27.95
C GLN C 19 -22.32 -10.91 27.22
N VAL C 20 -22.65 -9.99 26.32
CA VAL C 20 -23.91 -10.07 25.56
C VAL C 20 -24.24 -11.52 25.18
N ILE C 21 -23.23 -12.24 24.75
CA ILE C 21 -23.41 -13.59 24.28
C ILE C 21 -23.58 -14.61 25.41
N VAL C 22 -22.98 -14.41 26.58
CA VAL C 22 -23.24 -15.39 27.65
C VAL C 22 -24.51 -15.05 28.39
N ARG C 23 -24.70 -13.74 28.66
CA ARG C 23 -25.90 -13.22 29.33
C ARG C 23 -27.07 -13.10 28.35
N GLY C 24 -26.76 -13.15 27.05
CA GLY C 24 -27.79 -13.39 26.00
C GLY C 24 -28.28 -14.83 25.80
N GLU C 25 -27.62 -15.78 26.46
CA GLU C 25 -27.92 -17.22 26.38
C GLU C 25 -27.60 -17.86 25.04
N LEU C 26 -26.69 -17.24 24.28
CA LEU C 26 -26.21 -17.76 23.00
C LEU C 26 -25.26 -18.92 23.20
N VAL C 27 -24.17 -18.65 23.88
CA VAL C 27 -23.13 -19.66 24.14
C VAL C 27 -22.88 -19.85 25.61
N GLU C 28 -22.29 -20.99 25.93
CA GLU C 28 -21.92 -21.37 27.30
C GLU C 28 -20.47 -21.85 27.25
N TYR C 29 -19.67 -21.46 28.24
CA TYR C 29 -18.22 -21.65 28.13
C TYR C 29 -17.78 -23.11 28.38
N TYR C 30 -16.54 -23.42 27.97
CA TYR C 30 -16.13 -24.81 27.86
C TYR C 30 -14.68 -25.10 28.32
N ASP C 31 -14.54 -26.25 28.99
CA ASP C 31 -13.26 -26.80 29.43
C ASP C 31 -12.37 -27.28 28.32
N ILE C 32 -12.75 -27.17 27.06
CA ILE C 32 -11.78 -27.38 26.00
C ILE C 32 -11.54 -26.12 25.20
N SER C 33 -10.46 -25.44 25.56
CA SER C 33 -10.03 -24.24 24.88
C SER C 33 -10.41 -24.21 23.39
N GLY C 34 -11.00 -23.10 22.95
CA GLY C 34 -11.39 -22.89 21.54
C GLY C 34 -12.74 -23.49 21.14
N CYS C 35 -13.43 -24.11 22.09
CA CYS C 35 -14.71 -24.76 21.83
C CYS C 35 -15.79 -24.27 22.79
N TYR C 36 -16.95 -23.96 22.23
CA TYR C 36 -18.06 -23.41 22.97
C TYR C 36 -19.35 -24.20 22.72
N ILE C 37 -20.21 -24.28 23.74
CA ILE C 37 -21.56 -24.76 23.54
C ILE C 37 -22.39 -23.69 22.82
N ILE C 38 -23.20 -24.13 21.87
CA ILE C 38 -24.08 -23.24 21.11
C ILE C 38 -25.45 -23.64 21.59
N ARG C 39 -26.14 -22.67 22.18
CA ARG C 39 -27.34 -22.96 22.93
C ARG C 39 -28.54 -22.65 22.04
N PRO C 40 -29.69 -23.22 22.38
CA PRO C 40 -30.86 -23.14 21.54
C PRO C 40 -31.11 -21.74 20.99
N TRP C 41 -31.05 -20.73 21.84
CA TRP C 41 -31.29 -19.37 21.42
C TRP C 41 -30.44 -19.04 20.19
N ALA C 42 -29.20 -19.50 20.17
CA ALA C 42 -28.26 -19.25 19.04
C ALA C 42 -28.54 -20.20 17.89
N TYR C 43 -28.74 -21.45 18.24
CA TYR C 43 -28.80 -22.50 17.25
C TYR C 43 -29.99 -22.35 16.34
N ARG C 44 -31.07 -21.72 16.85
CA ARG C 44 -32.25 -21.37 16.04
C ARG C 44 -31.86 -20.46 14.84
N ILE C 45 -30.99 -19.50 15.12
CA ILE C 45 -30.52 -18.63 14.06
C ILE C 45 -29.77 -19.45 13.03
N TRP C 46 -29.03 -20.45 13.46
CA TRP C 46 -28.31 -21.25 12.49
C TRP C 46 -29.34 -22.01 11.63
N GLU C 47 -30.32 -22.64 12.28
CA GLU C 47 -31.39 -23.28 11.54
C GLU C 47 -32.08 -22.34 10.55
N ALA C 48 -32.21 -21.07 10.91
CA ALA C 48 -32.82 -20.14 9.98
C ALA C 48 -31.99 -20.01 8.73
N VAL C 49 -30.84 -19.38 8.87
CA VAL C 49 -30.01 -19.13 7.71
C VAL C 49 -29.58 -20.41 6.98
N GLN C 50 -29.58 -21.55 7.67
CA GLN C 50 -29.37 -22.87 7.03
C GLN C 50 -30.46 -23.29 6.05
N LYS C 51 -31.70 -23.28 6.54
CA LYS C 51 -32.88 -23.47 5.69
C LYS C 51 -32.95 -22.47 4.53
N PHE C 52 -32.54 -21.23 4.76
CA PHE C 52 -32.55 -20.27 3.69
C PHE C 52 -31.65 -20.71 2.53
N PHE C 53 -30.46 -21.14 2.92
CA PHE C 53 -29.36 -21.38 1.99
C PHE C 53 -29.60 -22.70 1.34
N ASP C 54 -29.95 -23.67 2.17
CA ASP C 54 -30.15 -25.00 1.69
C ASP C 54 -31.19 -25.00 0.61
N ASP C 55 -32.28 -24.26 0.80
CA ASP C 55 -33.32 -24.12 -0.21
C ASP C 55 -32.84 -23.41 -1.44
N GLY C 56 -32.03 -22.40 -1.27
CA GLY C 56 -31.45 -21.71 -2.42
C GLY C 56 -30.54 -22.60 -3.23
N ILE C 57 -29.76 -23.48 -2.57
CA ILE C 57 -28.83 -24.32 -3.33
C ILE C 57 -29.58 -25.45 -4.02
N LYS C 58 -30.55 -26.03 -3.33
CA LYS C 58 -31.41 -27.02 -3.95
C LYS C 58 -32.05 -26.44 -5.20
N ARG C 59 -32.38 -25.17 -5.17
CA ARG C 59 -32.89 -24.52 -6.35
C ARG C 59 -31.89 -24.41 -7.47
N LEU C 60 -30.61 -24.63 -7.21
CA LEU C 60 -29.65 -24.66 -8.30
C LEU C 60 -29.21 -26.08 -8.59
N GLY C 61 -29.91 -27.02 -8.02
CA GLY C 61 -29.65 -28.40 -8.30
C GLY C 61 -28.52 -28.99 -7.48
N VAL C 62 -28.17 -28.38 -6.37
CA VAL C 62 -27.16 -28.98 -5.52
C VAL C 62 -27.81 -30.05 -4.65
N GLU C 63 -27.16 -31.18 -4.48
CA GLU C 63 -27.67 -32.24 -3.61
C GLU C 63 -26.76 -32.38 -2.35
N ASN C 64 -27.33 -32.64 -1.19
CA ASN C 64 -26.49 -32.79 -0.04
C ASN C 64 -26.04 -34.23 0.03
N CYS C 65 -24.93 -34.45 0.73
CA CYS C 65 -24.43 -35.78 1.06
C CYS C 65 -23.70 -35.62 2.36
N TYR C 66 -23.16 -36.74 2.84
CA TYR C 66 -22.24 -36.76 3.97
C TYR C 66 -21.01 -37.67 3.77
N PHE C 67 -19.83 -37.05 3.63
CA PHE C 67 -18.56 -37.76 3.64
C PHE C 67 -18.03 -37.93 5.06
N PRO C 68 -17.12 -38.91 5.28
CA PRO C 68 -16.68 -39.18 6.66
C PRO C 68 -15.66 -38.15 7.18
N MET C 69 -15.57 -38.06 8.51
CA MET C 69 -14.89 -36.93 9.16
C MET C 69 -13.41 -37.15 9.35
N PHE C 70 -13.05 -38.43 9.54
CA PHE C 70 -11.67 -38.95 9.46
C PHE C 70 -11.12 -39.14 8.05
N VAL C 71 -9.95 -38.58 7.78
CA VAL C 71 -9.22 -38.83 6.52
C VAL C 71 -7.86 -39.49 6.81
N SER C 72 -7.47 -40.51 6.04
CA SER C 72 -6.18 -41.22 6.27
C SER C 72 -4.99 -40.28 5.94
N GLN C 73 -3.83 -40.62 6.51
CA GLN C 73 -2.63 -39.79 6.36
C GLN C 73 -2.22 -39.67 4.88
N ALA C 74 -2.31 -40.82 4.20
CA ALA C 74 -2.04 -40.94 2.76
C ALA C 74 -2.75 -39.82 1.99
N LYS C 75 -4.08 -39.81 2.15
CA LYS C 75 -5.02 -38.98 1.37
C LYS C 75 -4.83 -37.53 1.63
N LEU C 76 -4.74 -37.17 2.91
CA LEU C 76 -4.52 -35.77 3.28
C LEU C 76 -3.25 -35.20 2.65
N GLU C 77 -2.24 -36.07 2.49
CA GLU C 77 -0.93 -35.68 1.94
C GLU C 77 -0.74 -36.28 0.53
N LYS C 87 -0.20 -26.33 7.76
CA LYS C 87 0.18 -27.72 8.07
C LYS C 87 -0.06 -28.20 9.55
N PRO C 88 0.09 -27.29 10.56
CA PRO C 88 -0.02 -27.68 12.00
C PRO C 88 -1.42 -27.68 12.66
N GLU C 89 -2.45 -27.18 11.94
CA GLU C 89 -3.86 -27.16 12.44
C GLU C 89 -4.54 -28.55 12.51
N VAL C 90 -3.93 -29.57 11.92
CA VAL C 90 -4.59 -30.85 11.78
C VAL C 90 -4.56 -31.60 13.09
N ALA C 91 -5.69 -32.11 13.56
CA ALA C 91 -5.70 -32.97 14.75
C ALA C 91 -5.64 -34.42 14.31
N TRP C 92 -5.10 -35.32 15.18
CA TRP C 92 -4.90 -36.75 14.85
C TRP C 92 -5.45 -37.68 15.91
N VAL C 93 -6.11 -38.72 15.49
CA VAL C 93 -6.57 -39.71 16.45
C VAL C 93 -5.58 -40.85 16.36
N THR C 94 -4.96 -41.20 17.48
CA THR C 94 -3.93 -42.22 17.46
C THR C 94 -4.35 -43.50 18.16
N HIS C 95 -5.31 -43.43 19.08
CA HIS C 95 -5.63 -44.60 19.89
C HIS C 95 -7.10 -44.94 19.88
N TYR C 96 -7.44 -46.09 20.43
CA TYR C 96 -8.81 -46.47 20.71
C TYR C 96 -8.80 -47.29 21.99
N GLY C 97 -9.40 -46.74 23.06
CA GLY C 97 -9.02 -47.15 24.38
C GLY C 97 -7.49 -47.00 24.47
N ASP C 98 -6.90 -47.89 25.29
CA ASP C 98 -5.44 -47.93 25.56
C ASP C 98 -4.62 -48.24 24.30
N SER C 99 -5.07 -49.26 23.53
CA SER C 99 -4.50 -49.64 22.21
C SER C 99 -4.18 -48.47 21.26
N GLU C 100 -3.15 -48.64 20.44
CA GLU C 100 -2.79 -47.63 19.45
C GLU C 100 -3.30 -48.06 18.07
N LEU C 101 -3.32 -47.11 17.14
CA LEU C 101 -3.74 -47.39 15.78
C LEU C 101 -2.47 -47.59 14.97
N PRO C 102 -2.50 -48.56 14.05
CA PRO C 102 -1.32 -48.85 13.22
C PRO C 102 -0.95 -47.63 12.39
N GLU C 103 -1.97 -46.98 11.83
CA GLU C 103 -1.77 -45.75 11.09
C GLU C 103 -2.69 -44.70 11.69
N LYS C 104 -2.13 -43.57 12.10
CA LYS C 104 -2.93 -42.50 12.67
C LYS C 104 -3.94 -41.93 11.63
N VAL C 105 -4.99 -41.27 12.15
CA VAL C 105 -6.07 -40.69 11.31
C VAL C 105 -6.35 -39.23 11.67
N ALA C 106 -6.40 -38.38 10.65
CA ALA C 106 -6.75 -36.97 10.84
C ALA C 106 -8.26 -36.74 11.14
N ILE C 107 -8.58 -35.48 11.39
CA ILE C 107 -9.95 -35.01 11.50
C ILE C 107 -10.11 -33.82 10.56
N ARG C 108 -11.20 -33.83 9.80
CA ARG C 108 -11.30 -33.01 8.60
C ARG C 108 -11.15 -31.52 8.94
N PRO C 109 -10.30 -30.81 8.18
CA PRO C 109 -10.23 -29.35 8.21
C PRO C 109 -10.98 -28.72 7.05
N THR C 110 -11.14 -29.52 6.01
CA THR C 110 -12.00 -29.24 4.89
C THR C 110 -12.29 -30.63 4.36
N SER C 111 -12.65 -30.79 3.08
CA SER C 111 -12.95 -32.15 2.61
C SER C 111 -12.47 -32.52 1.18
N GLU C 112 -11.82 -31.58 0.50
CA GLU C 112 -11.27 -31.86 -0.82
C GLU C 112 -10.64 -33.24 -0.98
N THR C 113 -9.85 -33.65 0.00
CA THR C 113 -9.05 -34.82 -0.15
C THR C 113 -9.77 -36.08 0.28
N ILE C 114 -11.02 -35.94 0.69
CA ILE C 114 -11.83 -37.13 0.88
C ILE C 114 -12.71 -37.34 -0.35
N MET C 115 -13.12 -36.24 -0.94
CA MET C 115 -14.21 -36.22 -1.90
C MET C 115 -13.66 -36.35 -3.29
N TYR C 116 -12.61 -35.66 -3.59
CA TYR C 116 -12.13 -35.71 -4.92
C TYR C 116 -11.75 -37.10 -5.37
N PRO C 117 -11.21 -37.96 -4.51
CA PRO C 117 -11.00 -39.34 -4.97
C PRO C 117 -12.34 -39.88 -5.48
N ALA C 118 -13.42 -39.60 -4.76
CA ALA C 118 -14.76 -40.01 -5.15
C ALA C 118 -15.22 -39.36 -6.46
N TYR C 119 -14.92 -38.07 -6.66
CA TYR C 119 -15.35 -37.43 -7.89
C TYR C 119 -14.68 -38.11 -9.11
N ALA C 120 -13.38 -38.42 -8.95
CA ALA C 120 -12.61 -39.09 -9.98
C ALA C 120 -13.29 -40.39 -10.34
N LYS C 121 -13.64 -41.15 -9.33
CA LYS C 121 -14.30 -42.44 -9.56
C LYS C 121 -15.65 -42.29 -10.30
N TRP C 122 -16.43 -41.30 -9.90
CA TRP C 122 -17.81 -41.16 -10.31
C TRP C 122 -17.97 -40.55 -11.70
N ILE C 123 -17.14 -39.59 -12.01
CA ILE C 123 -17.34 -38.87 -13.25
C ILE C 123 -16.57 -39.54 -14.35
N ARG C 124 -17.30 -39.90 -15.41
CA ARG C 124 -16.80 -40.65 -16.55
C ARG C 124 -17.17 -40.01 -17.89
N SER C 125 -18.43 -39.60 -17.96
CA SER C 125 -19.03 -39.11 -19.16
C SER C 125 -19.49 -37.68 -19.01
N HIS C 126 -19.73 -36.99 -20.11
CA HIS C 126 -20.58 -35.80 -20.11
C HIS C 126 -21.95 -36.10 -19.40
N ARG C 127 -22.43 -37.34 -19.51
CA ARG C 127 -23.65 -37.86 -18.84
CA ARG C 127 -23.70 -37.70 -18.88
C ARG C 127 -23.65 -37.66 -17.34
N ASP C 128 -22.47 -37.45 -16.77
CA ASP C 128 -22.29 -37.45 -15.31
C ASP C 128 -22.11 -36.04 -14.77
N LEU C 129 -22.25 -35.04 -15.63
CA LEU C 129 -21.98 -33.66 -15.24
C LEU C 129 -23.19 -32.79 -15.59
N PRO C 130 -23.46 -31.72 -14.82
CA PRO C 130 -22.72 -31.22 -13.65
C PRO C 130 -22.97 -32.05 -12.39
N LEU C 131 -21.95 -32.13 -11.54
CA LEU C 131 -22.03 -32.77 -10.22
C LEU C 131 -21.90 -31.66 -9.21
N LYS C 132 -22.84 -31.63 -8.29
CA LYS C 132 -23.01 -30.53 -7.38
C LYS C 132 -23.39 -31.14 -6.07
N LEU C 133 -22.48 -31.07 -5.12
CA LEU C 133 -22.75 -31.57 -3.80
C LEU C 133 -22.38 -30.54 -2.78
N ASN C 134 -23.08 -30.66 -1.66
CA ASN C 134 -22.89 -29.85 -0.50
C ASN C 134 -22.88 -30.78 0.66
N GLN C 135 -22.27 -30.36 1.74
CA GLN C 135 -22.59 -31.03 2.98
C GLN C 135 -22.58 -30.09 4.18
N TRP C 136 -23.55 -30.29 5.08
CA TRP C 136 -23.61 -29.57 6.38
C TRP C 136 -22.94 -30.44 7.43
N ASN C 137 -21.69 -30.09 7.76
CA ASN C 137 -20.85 -30.85 8.70
C ASN C 137 -20.01 -29.96 9.65
N ASN C 138 -19.38 -30.63 10.63
CA ASN C 138 -18.40 -29.98 11.50
C ASN C 138 -16.99 -30.28 11.11
N VAL C 139 -16.14 -29.31 11.37
CA VAL C 139 -14.80 -29.33 10.86
C VAL C 139 -13.83 -28.83 11.94
N VAL C 140 -12.80 -29.62 12.27
CA VAL C 140 -11.75 -29.19 13.22
C VAL C 140 -10.45 -28.68 12.58
N ARG C 141 -10.30 -27.36 12.54
CA ARG C 141 -9.02 -26.71 12.32
C ARG C 141 -8.51 -26.22 13.69
N TRP C 142 -7.39 -26.79 14.15
CA TRP C 142 -6.77 -26.40 15.43
C TRP C 142 -6.03 -25.07 15.32
N GLU C 143 -6.71 -23.96 15.53
CA GLU C 143 -6.15 -22.65 15.14
C GLU C 143 -5.00 -22.19 16.08
N PHE C 144 -3.93 -21.66 15.48
CA PHE C 144 -2.82 -21.05 16.21
C PHE C 144 -3.38 -19.82 16.91
N LYS C 145 -4.12 -19.02 16.13
CA LYS C 145 -4.67 -17.73 16.55
C LYS C 145 -5.62 -17.76 17.74
N GLN C 146 -5.97 -16.56 18.20
CA GLN C 146 -6.81 -16.39 19.38
C GLN C 146 -8.30 -16.68 19.03
N PRO C 147 -8.87 -17.70 19.69
CA PRO C 147 -10.28 -18.09 19.52
C PRO C 147 -11.29 -17.06 19.98
N THR C 148 -12.35 -16.86 19.18
CA THR C 148 -13.42 -15.92 19.47
C THR C 148 -14.72 -16.63 19.17
N PRO C 149 -15.64 -16.73 20.14
CA PRO C 149 -16.86 -17.49 19.86
C PRO C 149 -17.56 -17.07 18.58
N PHE C 150 -18.03 -18.09 17.84
CA PHE C 150 -18.44 -17.99 16.44
C PHE C 150 -17.33 -17.61 15.47
N LEU C 151 -16.79 -16.39 15.57
CA LEU C 151 -15.81 -15.87 14.60
C LEU C 151 -14.59 -16.70 14.24
N ARG C 152 -14.06 -17.44 15.20
CA ARG C 152 -12.99 -18.37 14.91
C ARG C 152 -12.96 -19.39 16.00
N THR C 153 -13.35 -20.61 15.72
CA THR C 153 -13.33 -21.63 16.75
C THR C 153 -12.59 -22.87 16.25
N ARG C 154 -12.34 -23.79 17.16
CA ARG C 154 -11.50 -24.94 16.86
C ARG C 154 -12.29 -25.98 16.12
N GLU C 155 -13.38 -26.45 16.72
CA GLU C 155 -14.47 -27.11 15.98
C GLU C 155 -15.49 -26.03 15.59
N PHE C 156 -15.93 -26.03 14.33
CA PHE C 156 -17.09 -25.23 13.92
C PHE C 156 -18.07 -25.94 12.99
N LEU C 157 -19.32 -25.47 13.01
CA LEU C 157 -20.31 -25.89 12.03
C LEU C 157 -20.15 -25.06 10.77
N TRP C 158 -20.32 -25.76 9.64
CA TRP C 158 -20.41 -25.09 8.36
C TRP C 158 -21.16 -25.91 7.30
N GLN C 159 -21.11 -25.33 6.11
CA GLN C 159 -21.52 -25.99 4.89
C GLN C 159 -20.30 -25.89 3.98
N GLU C 160 -19.99 -26.98 3.27
CA GLU C 160 -19.04 -26.91 2.14
C GLU C 160 -19.62 -27.46 0.83
N GLY C 161 -19.48 -26.68 -0.21
CA GLY C 161 -20.02 -27.03 -1.50
C GLY C 161 -18.92 -27.31 -2.48
N HIS C 162 -19.08 -28.42 -3.19
CA HIS C 162 -18.14 -28.80 -4.22
C HIS C 162 -18.89 -29.22 -5.48
N THR C 163 -18.57 -28.57 -6.58
CA THR C 163 -19.17 -28.92 -7.87
C THR C 163 -18.12 -29.20 -8.94
N ALA C 164 -18.60 -29.75 -10.07
CA ALA C 164 -17.79 -30.25 -11.22
C ALA C 164 -18.53 -29.99 -12.54
N HIS C 165 -17.93 -29.26 -13.45
CA HIS C 165 -18.65 -28.88 -14.65
C HIS C 165 -17.87 -29.23 -15.90
N ALA C 166 -18.56 -29.45 -17.00
CA ALA C 166 -17.86 -29.69 -18.24
C ALA C 166 -17.33 -28.40 -18.82
N THR C 167 -17.85 -27.24 -18.41
CA THR C 167 -17.20 -25.97 -18.77
C THR C 167 -16.83 -25.11 -17.57
N GLU C 168 -15.91 -24.18 -17.80
CA GLU C 168 -15.49 -23.21 -16.80
C GLU C 168 -16.64 -22.25 -16.50
N GLU C 169 -17.33 -21.85 -17.57
CA GLU C 169 -18.45 -20.92 -17.49
C GLU C 169 -19.61 -21.46 -16.67
N GLU C 170 -19.92 -22.74 -16.86
CA GLU C 170 -21.01 -23.36 -16.11
C GLU C 170 -20.61 -23.29 -14.65
N ALA C 171 -19.33 -23.51 -14.41
CA ALA C 171 -18.76 -23.46 -13.06
C ALA C 171 -18.66 -22.00 -12.57
N TYR C 172 -18.38 -21.08 -13.48
CA TYR C 172 -18.26 -19.67 -13.07
C TYR C 172 -19.60 -19.02 -12.76
N THR C 173 -20.65 -19.31 -13.50
CA THR C 173 -21.93 -18.74 -13.11
C THR C 173 -22.32 -19.30 -11.74
N LEU C 174 -22.14 -20.59 -11.50
CA LEU C 174 -22.58 -21.09 -10.21
C LEU C 174 -21.76 -20.50 -9.04
N VAL C 175 -20.47 -20.27 -9.23
CA VAL C 175 -19.69 -19.47 -8.27
C VAL C 175 -20.38 -18.15 -7.86
N LEU C 176 -20.82 -17.37 -8.85
CA LEU C 176 -21.53 -16.12 -8.61
C LEU C 176 -22.95 -16.34 -8.09
N GLU C 177 -23.65 -17.33 -8.60
CA GLU C 177 -24.98 -17.63 -8.07
C GLU C 177 -24.81 -17.79 -6.57
N ILE C 178 -23.87 -18.63 -6.16
CA ILE C 178 -23.67 -18.89 -4.76
C ILE C 178 -23.32 -17.61 -3.97
N LEU C 179 -22.46 -16.76 -4.52
CA LEU C 179 -22.11 -15.51 -3.83
C LEU C 179 -23.37 -14.70 -3.51
N GLU C 180 -24.23 -14.52 -4.52
CA GLU C 180 -25.52 -13.92 -4.31
C GLU C 180 -26.36 -14.57 -3.19
N LEU C 181 -26.23 -15.87 -2.99
CA LEU C 181 -26.92 -16.50 -1.87
C LEU C 181 -26.33 -16.03 -0.56
N TYR C 182 -25.00 -15.90 -0.55
CA TYR C 182 -24.24 -15.45 0.62
C TYR C 182 -24.55 -13.99 0.92
N ARG C 183 -24.64 -13.16 -0.11
CA ARG C 183 -25.04 -11.78 0.10
C ARG C 183 -26.42 -11.66 0.72
N GLN C 184 -27.35 -12.48 0.29
CA GLN C 184 -28.69 -12.48 0.89
C GLN C 184 -28.65 -13.03 2.33
N TRP C 185 -27.91 -14.12 2.51
CA TRP C 185 -27.68 -14.72 3.82
C TRP C 185 -27.34 -13.63 4.83
N TYR C 186 -26.44 -12.71 4.46
CA TYR C 186 -26.09 -11.64 5.39
C TYR C 186 -27.08 -10.51 5.28
N GLU C 187 -27.14 -9.90 4.12
CA GLU C 187 -27.96 -8.74 3.98
C GLU C 187 -29.42 -9.04 4.24
N ASP C 188 -30.06 -10.00 3.56
CA ASP C 188 -31.52 -10.18 3.72
C ASP C 188 -32.02 -10.89 5.00
N TYR C 189 -31.15 -11.60 5.70
CA TYR C 189 -31.58 -12.32 6.91
C TYR C 189 -30.94 -11.86 8.21
N LEU C 190 -29.64 -11.57 8.17
CA LEU C 190 -28.93 -11.13 9.35
C LEU C 190 -28.87 -9.62 9.39
N ALA C 191 -29.34 -9.01 8.33
CA ALA C 191 -29.30 -7.57 8.18
C ALA C 191 -27.90 -6.98 8.28
N VAL C 192 -26.86 -7.77 8.08
CA VAL C 192 -25.47 -7.25 8.01
C VAL C 192 -25.10 -6.78 6.58
N PRO C 193 -24.55 -5.56 6.45
CA PRO C 193 -24.07 -5.15 5.12
C PRO C 193 -22.73 -5.79 4.72
N VAL C 194 -22.50 -5.95 3.43
CA VAL C 194 -21.29 -6.61 2.90
C VAL C 194 -20.95 -6.09 1.50
N ILE C 195 -19.72 -6.31 1.04
CA ILE C 195 -19.42 -6.13 -0.38
C ILE C 195 -18.94 -7.44 -1.04
N LYS C 196 -19.52 -7.71 -2.22
CA LYS C 196 -19.07 -8.74 -3.12
C LYS C 196 -17.73 -8.30 -3.71
N GLY C 197 -16.75 -9.19 -3.60
CA GLY C 197 -15.44 -8.90 -4.13
C GLY C 197 -14.60 -10.09 -4.56
N GLU C 198 -13.50 -9.73 -5.21
CA GLU C 198 -12.56 -10.63 -5.83
C GLU C 198 -11.31 -10.60 -4.96
N LYS C 199 -10.96 -11.71 -4.33
CA LYS C 199 -9.71 -11.77 -3.59
C LYS C 199 -8.56 -11.32 -4.47
N SER C 200 -7.42 -11.07 -3.82
CA SER C 200 -6.20 -10.65 -4.50
C SER C 200 -5.25 -11.85 -4.61
N GLU C 201 -4.37 -11.83 -5.61
CA GLU C 201 -3.55 -12.99 -5.96
C GLU C 201 -2.98 -13.72 -4.74
N ASN C 202 -2.50 -12.99 -3.75
CA ASN C 202 -1.92 -13.64 -2.57
C ASN C 202 -2.95 -14.15 -1.60
N GLU C 203 -4.02 -13.37 -1.41
CA GLU C 203 -5.05 -13.71 -0.43
C GLU C 203 -5.87 -14.91 -0.88
N LYS C 204 -6.14 -14.95 -2.15
CA LYS C 204 -7.01 -15.93 -2.68
C LYS C 204 -6.52 -17.33 -2.41
N PHE C 205 -7.42 -18.29 -2.52
CA PHE C 205 -7.12 -19.66 -2.24
C PHE C 205 -6.01 -20.08 -3.12
N ALA C 206 -5.05 -20.75 -2.51
CA ALA C 206 -3.85 -21.22 -3.16
C ALA C 206 -4.14 -22.21 -4.25
N GLY C 207 -5.03 -23.12 -3.96
CA GLY C 207 -5.37 -24.13 -4.91
C GLY C 207 -6.36 -23.75 -5.98
N GLY C 208 -6.86 -22.52 -5.99
CA GLY C 208 -7.83 -22.13 -6.95
C GLY C 208 -7.58 -20.95 -7.83
N LYS C 209 -7.90 -21.13 -9.07
CA LYS C 209 -7.84 -20.14 -10.17
C LYS C 209 -8.40 -18.75 -9.82
N LYS C 210 -9.38 -18.72 -8.94
CA LYS C 210 -9.90 -17.46 -8.45
C LYS C 210 -10.56 -17.71 -7.09
N THR C 211 -10.79 -16.64 -6.34
CA THR C 211 -11.59 -16.70 -5.13
C THR C 211 -12.44 -15.45 -5.00
N THR C 212 -13.75 -15.61 -5.10
CA THR C 212 -14.69 -14.54 -4.78
C THR C 212 -15.13 -14.64 -3.32
N THR C 213 -15.46 -13.48 -2.78
CA THR C 213 -15.73 -13.37 -1.38
C THR C 213 -16.70 -12.25 -1.13
N ILE C 214 -17.36 -12.31 0.03
CA ILE C 214 -18.00 -11.11 0.59
C ILE C 214 -17.35 -10.71 1.90
N GLU C 215 -17.18 -9.39 2.04
CA GLU C 215 -16.38 -8.80 3.09
C GLU C 215 -17.25 -7.86 3.92
N GLY C 216 -17.17 -8.03 5.24
CA GLY C 216 -17.72 -7.06 6.18
C GLY C 216 -16.66 -6.25 6.92
N ILE C 217 -17.11 -5.33 7.76
CA ILE C 217 -16.26 -4.57 8.66
C ILE C 217 -16.98 -4.42 10.00
N ILE C 218 -16.36 -4.80 11.10
CA ILE C 218 -16.99 -4.58 12.40
C ILE C 218 -17.11 -3.06 12.63
N PRO C 219 -18.33 -2.60 13.01
CA PRO C 219 -18.62 -1.17 13.25
C PRO C 219 -17.54 -0.45 14.08
N ASP C 220 -17.42 -0.83 15.35
CA ASP C 220 -16.42 -0.28 16.27
C ASP C 220 -14.93 -0.61 15.99
N THR C 221 -14.62 -1.84 15.60
CA THR C 221 -13.23 -2.24 15.42
C THR C 221 -12.44 -1.58 14.30
N GLY C 222 -13.14 -1.13 13.28
CA GLY C 222 -12.44 -0.57 12.12
C GLY C 222 -11.66 -1.59 11.25
N ARG C 223 -11.76 -2.87 11.60
CA ARG C 223 -10.93 -3.93 11.05
C ARG C 223 -11.78 -4.85 10.17
N GLY C 224 -11.23 -5.30 9.04
CA GLY C 224 -11.94 -6.15 8.06
C GLY C 224 -12.25 -7.57 8.50
N ILE C 225 -13.18 -8.23 7.78
CA ILE C 225 -13.50 -9.64 8.01
C ILE C 225 -14.26 -10.26 6.82
N GLN C 226 -13.92 -11.51 6.52
CA GLN C 226 -14.39 -12.20 5.32
C GLN C 226 -15.49 -13.17 5.71
N ALA C 227 -16.66 -13.00 5.09
CA ALA C 227 -17.92 -13.64 5.56
C ALA C 227 -18.15 -15.05 5.00
N ALA C 228 -17.90 -15.15 3.70
CA ALA C 228 -17.99 -16.42 2.99
C ALA C 228 -17.17 -16.35 1.71
N THR C 229 -16.84 -17.53 1.16
CA THR C 229 -16.14 -17.58 -0.10
C THR C 229 -16.80 -18.52 -1.08
N SER C 230 -16.68 -18.15 -2.35
CA SER C 230 -17.07 -18.99 -3.47
C SER C 230 -15.93 -19.04 -4.49
N HIS C 231 -15.25 -20.19 -4.57
CA HIS C 231 -14.09 -20.36 -5.45
C HIS C 231 -14.41 -20.87 -6.86
N LEU C 232 -13.83 -20.21 -7.86
CA LEU C 232 -13.57 -20.86 -9.15
C LEU C 232 -12.22 -21.60 -9.04
N LEU C 233 -12.27 -22.92 -9.16
CA LEU C 233 -11.07 -23.76 -9.08
C LEU C 233 -10.44 -24.11 -10.43
N GLY C 234 -11.11 -23.78 -11.54
CA GLY C 234 -10.67 -24.19 -12.88
C GLY C 234 -10.36 -25.68 -12.92
N GLN C 235 -9.25 -26.02 -13.57
CA GLN C 235 -8.83 -27.42 -13.74
C GLN C 235 -7.70 -27.91 -12.79
N ASN C 236 -7.43 -27.14 -11.74
CA ASN C 236 -6.31 -27.42 -10.82
C ASN C 236 -6.40 -28.76 -10.03
N PHE C 237 -7.44 -28.92 -9.22
CA PHE C 237 -7.61 -30.16 -8.44
C PHE C 237 -8.06 -31.29 -9.39
N SER C 238 -8.50 -30.86 -10.58
CA SER C 238 -8.79 -31.75 -11.69
C SER C 238 -7.55 -32.61 -12.01
N ARG C 239 -6.43 -31.94 -12.35
CA ARG C 239 -5.09 -32.60 -12.49
C ARG C 239 -4.62 -33.29 -11.21
N MET C 240 -4.66 -32.63 -10.07
CA MET C 240 -4.27 -33.32 -8.85
C MET C 240 -4.99 -34.66 -8.74
N PHE C 241 -6.30 -34.67 -8.96
CA PHE C 241 -7.08 -35.88 -8.70
C PHE C 241 -7.60 -36.56 -9.99
N SER C 242 -7.28 -35.95 -11.15
CA SER C 242 -7.60 -36.50 -12.48
C SER C 242 -9.07 -36.87 -12.54
N ILE C 243 -9.88 -35.83 -12.63
CA ILE C 243 -11.29 -36.07 -12.72
C ILE C 243 -11.55 -35.75 -14.18
N GLU C 244 -11.78 -36.81 -14.93
CA GLU C 244 -11.96 -36.68 -16.34
C GLU C 244 -13.28 -37.30 -16.84
N PHE C 245 -13.69 -36.84 -18.01
CA PHE C 245 -14.90 -37.31 -18.62
C PHE C 245 -14.76 -37.26 -20.14
N GLU C 246 -15.27 -38.28 -20.82
CA GLU C 246 -15.41 -38.17 -22.26
C GLU C 246 -16.40 -37.11 -22.52
N ASP C 247 -16.10 -36.18 -23.42
CA ASP C 247 -17.14 -35.27 -23.88
C ASP C 247 -17.98 -35.99 -24.96
N GLU C 248 -18.74 -35.24 -25.74
CA GLU C 248 -19.63 -35.80 -26.77
C GLU C 248 -18.84 -36.42 -27.91
N LYS C 249 -17.85 -35.69 -28.43
CA LYS C 249 -16.97 -36.20 -29.48
C LYS C 249 -16.04 -37.32 -29.00
N GLY C 250 -16.24 -37.81 -27.76
CA GLY C 250 -15.51 -38.96 -27.25
C GLY C 250 -14.16 -38.60 -26.64
N ALA C 251 -13.76 -37.34 -26.81
CA ALA C 251 -12.51 -36.84 -26.26
C ALA C 251 -12.59 -36.72 -24.74
N LYS C 252 -11.55 -37.21 -24.05
CA LYS C 252 -11.42 -37.04 -22.59
C LYS C 252 -11.11 -35.61 -22.27
N GLN C 253 -11.64 -35.15 -21.14
CA GLN C 253 -11.41 -33.80 -20.69
C GLN C 253 -11.34 -33.67 -19.16
N LEU C 254 -10.93 -32.50 -18.75
CA LEU C 254 -10.81 -32.17 -17.36
C LEU C 254 -12.00 -31.32 -16.91
N VAL C 255 -12.62 -31.75 -15.82
CA VAL C 255 -13.72 -31.04 -15.20
C VAL C 255 -13.29 -29.69 -14.66
N HIS C 256 -14.17 -28.70 -14.76
CA HIS C 256 -13.96 -27.38 -14.16
C HIS C 256 -14.69 -27.20 -12.85
N GLN C 257 -13.97 -27.14 -11.73
CA GLN C 257 -14.64 -27.19 -10.41
C GLN C 257 -14.83 -25.84 -9.73
N THR C 258 -15.71 -25.87 -8.71
CA THR C 258 -15.94 -24.78 -7.73
C THR C 258 -16.00 -25.36 -6.31
N SER C 259 -15.69 -24.50 -5.32
CA SER C 259 -16.06 -24.78 -3.92
C SER C 259 -16.49 -23.49 -3.27
N TRP C 260 -17.19 -23.65 -2.16
CA TRP C 260 -17.73 -22.51 -1.44
C TRP C 260 -18.08 -22.94 -0.06
N GLY C 261 -18.13 -21.95 0.83
CA GLY C 261 -18.30 -22.26 2.24
C GLY C 261 -18.59 -21.04 3.09
N CYS C 262 -19.26 -21.31 4.20
CA CYS C 262 -19.70 -20.31 5.14
C CYS C 262 -20.00 -21.01 6.43
N THR C 263 -19.66 -20.35 7.53
CA THR C 263 -19.63 -20.98 8.87
C THR C 263 -20.54 -20.26 9.88
N THR C 264 -20.44 -20.68 11.13
CA THR C 264 -21.08 -19.98 12.23
C THR C 264 -20.50 -18.59 12.50
N ARG C 265 -19.33 -18.28 11.96
CA ARG C 265 -18.80 -16.92 12.05
C ARG C 265 -19.89 -15.89 11.89
N SER C 266 -20.76 -16.10 10.91
CA SER C 266 -21.86 -15.18 10.60
C SER C 266 -22.72 -14.74 11.83
N LEU C 267 -23.04 -15.66 12.74
CA LEU C 267 -23.75 -15.25 13.96
C LEU C 267 -22.97 -14.18 14.69
N GLY C 268 -21.71 -14.46 14.96
CA GLY C 268 -20.78 -13.46 15.44
C GLY C 268 -20.89 -12.10 14.75
N VAL C 269 -20.71 -12.04 13.44
CA VAL C 269 -20.73 -10.76 12.72
C VAL C 269 -22.05 -10.01 12.95
N MET C 270 -23.14 -10.78 12.87
CA MET C 270 -24.49 -10.25 13.04
C MET C 270 -24.66 -9.67 14.43
N ILE C 271 -24.30 -10.44 15.46
CA ILE C 271 -24.33 -9.97 16.84
C ILE C 271 -23.53 -8.68 17.00
N MET C 272 -22.28 -8.71 16.57
CA MET C 272 -21.38 -7.55 16.62
C MET C 272 -21.85 -6.36 15.83
N THR C 273 -22.76 -6.55 14.89
CA THR C 273 -23.21 -5.42 14.08
C THR C 273 -24.28 -4.60 14.82
N HIS C 274 -25.27 -5.30 15.38
CA HIS C 274 -26.52 -4.69 15.88
C HIS C 274 -26.58 -4.50 17.41
N GLY C 275 -25.68 -5.16 18.13
CA GLY C 275 -25.68 -5.10 19.58
C GLY C 275 -25.47 -3.69 20.13
N ASP C 276 -25.99 -3.46 21.33
CA ASP C 276 -25.86 -2.17 21.98
C ASP C 276 -25.72 -2.45 23.46
N ASP C 277 -25.57 -1.39 24.25
CA ASP C 277 -25.14 -1.57 25.63
C ASP C 277 -26.10 -2.25 26.60
N LYS C 278 -27.33 -2.53 26.19
CA LYS C 278 -28.22 -3.32 27.00
C LYS C 278 -28.01 -4.77 26.67
N GLY C 279 -27.44 -4.99 25.49
CA GLY C 279 -27.13 -6.35 25.08
C GLY C 279 -27.45 -6.63 23.63
N LEU C 280 -28.04 -7.80 23.40
CA LEU C 280 -28.25 -8.33 22.06
C LEU C 280 -29.39 -7.65 21.32
N VAL C 281 -29.17 -7.41 20.04
CA VAL C 281 -30.25 -6.97 19.15
C VAL C 281 -30.30 -7.86 17.89
N LEU C 282 -31.22 -8.83 17.92
CA LEU C 282 -31.32 -9.85 16.88
C LEU C 282 -32.32 -9.40 15.81
N PRO C 283 -32.06 -9.76 14.52
CA PRO C 283 -33.01 -9.46 13.46
C PRO C 283 -34.21 -10.37 13.50
N PRO C 284 -35.40 -9.80 13.25
CA PRO C 284 -36.66 -10.55 13.30
C PRO C 284 -36.77 -11.71 12.31
N ARG C 285 -36.09 -11.61 11.17
CA ARG C 285 -36.13 -12.71 10.22
C ARG C 285 -35.38 -13.99 10.62
N VAL C 286 -34.59 -13.95 11.70
CA VAL C 286 -33.90 -15.16 12.18
C VAL C 286 -34.10 -15.42 13.67
N VAL C 287 -34.33 -14.40 14.47
CA VAL C 287 -34.55 -14.60 15.89
C VAL C 287 -35.55 -15.73 16.20
N ALA C 288 -35.34 -16.40 17.31
CA ALA C 288 -36.17 -17.56 17.64
C ALA C 288 -37.58 -17.15 18.04
N VAL C 289 -37.70 -16.04 18.77
CA VAL C 289 -38.96 -15.46 19.17
C VAL C 289 -38.96 -14.01 18.78
N GLN C 290 -40.02 -13.60 18.09
CA GLN C 290 -40.12 -12.26 17.54
C GLN C 290 -40.87 -11.31 18.48
N ALA C 291 -41.78 -11.87 19.28
CA ALA C 291 -42.62 -11.07 20.12
C ALA C 291 -42.86 -11.84 21.39
N VAL C 292 -42.72 -11.19 22.52
CA VAL C 292 -42.95 -11.87 23.77
C VAL C 292 -43.97 -11.09 24.55
N ILE C 293 -45.05 -11.80 24.85
CA ILE C 293 -46.15 -11.30 25.63
C ILE C 293 -45.86 -11.44 27.12
N ILE C 294 -45.97 -10.35 27.86
CA ILE C 294 -45.68 -10.37 29.31
C ILE C 294 -46.88 -9.94 30.13
N PRO C 295 -47.42 -10.83 30.88
CA PRO C 295 -48.49 -10.33 31.70
C PRO C 295 -47.94 -9.50 32.86
N ILE C 296 -48.76 -8.55 33.34
CA ILE C 296 -48.51 -7.76 34.51
C ILE C 296 -49.77 -7.78 35.42
N ILE C 297 -49.60 -8.15 36.68
CA ILE C 297 -50.71 -8.48 37.52
C ILE C 297 -50.55 -7.88 38.89
N PHE C 298 -51.59 -7.23 39.39
CA PHE C 298 -51.61 -6.73 40.77
C PHE C 298 -52.27 -7.77 41.69
N MET C 304 -55.18 -13.76 35.94
CA MET C 304 -55.96 -14.89 35.34
C MET C 304 -56.76 -14.54 34.06
N GLU C 305 -57.72 -13.61 34.11
CA GLU C 305 -58.20 -12.94 32.87
C GLU C 305 -56.99 -12.38 32.07
N ILE C 306 -56.01 -11.81 32.79
CA ILE C 306 -54.85 -11.20 32.16
C ILE C 306 -54.14 -12.25 31.35
N VAL C 307 -53.94 -13.40 31.98
CA VAL C 307 -53.15 -14.50 31.40
C VAL C 307 -53.92 -15.17 30.28
N ALA C 308 -55.18 -15.50 30.57
CA ALA C 308 -56.13 -15.94 29.56
C ALA C 308 -56.02 -15.16 28.25
N LYS C 309 -56.01 -13.83 28.35
CA LYS C 309 -55.94 -12.93 27.19
C LYS C 309 -54.63 -12.99 26.47
N CYS C 310 -53.53 -13.15 27.21
CA CYS C 310 -52.20 -13.24 26.59
C CYS C 310 -52.12 -14.48 25.71
N ARG C 311 -52.76 -15.55 26.18
CA ARG C 311 -52.85 -16.78 25.43
C ARG C 311 -53.71 -16.61 24.17
N GLU C 312 -54.85 -15.91 24.30
CA GLU C 312 -55.71 -15.57 23.15
C GLU C 312 -55.00 -14.70 22.18
N LEU C 313 -54.12 -13.84 22.66
CA LEU C 313 -53.33 -13.00 21.75
C LEU C 313 -52.22 -13.82 21.06
N GLU C 314 -51.60 -14.72 21.83
CA GLU C 314 -50.57 -15.62 21.30
C GLU C 314 -51.12 -16.35 20.10
N ARG C 315 -52.28 -16.97 20.29
CA ARG C 315 -53.00 -17.66 19.24
C ARG C 315 -53.19 -16.72 18.06
N LEU C 316 -53.82 -15.59 18.32
CA LEU C 316 -54.09 -14.59 17.30
C LEU C 316 -52.86 -14.27 16.46
N LEU C 317 -51.75 -14.05 17.14
CA LEU C 317 -50.53 -13.70 16.46
C LEU C 317 -49.86 -14.88 15.78
N ASN C 318 -49.99 -16.08 16.35
CA ASN C 318 -49.42 -17.24 15.71
C ASN C 318 -50.02 -17.44 14.35
N ALA C 319 -51.36 -17.44 14.32
CA ALA C 319 -52.14 -17.38 13.08
C ALA C 319 -51.59 -16.39 12.04
N ALA C 320 -51.16 -15.19 12.41
CA ALA C 320 -50.58 -14.27 11.42
C ALA C 320 -49.14 -14.63 11.06
N GLY C 321 -48.64 -15.68 11.69
CA GLY C 321 -47.36 -16.25 11.35
C GLY C 321 -46.25 -15.60 12.13
N VAL C 322 -46.58 -15.05 13.28
CA VAL C 322 -45.56 -14.42 14.11
C VAL C 322 -45.11 -15.46 15.13
N ARG C 323 -43.79 -15.53 15.29
CA ARG C 323 -43.17 -16.32 16.34
C ARG C 323 -43.30 -15.60 17.68
N VAL C 324 -44.06 -16.22 18.58
CA VAL C 324 -44.55 -15.54 19.75
C VAL C 324 -44.65 -16.45 20.94
N LYS C 325 -44.52 -15.88 22.12
CA LYS C 325 -44.46 -16.66 23.33
C LYS C 325 -44.95 -15.82 24.50
N VAL C 326 -45.77 -16.42 25.36
CA VAL C 326 -46.20 -15.79 26.60
C VAL C 326 -45.22 -16.15 27.70
N ASP C 327 -44.57 -15.15 28.30
CA ASP C 327 -43.73 -15.39 29.46
C ASP C 327 -44.56 -15.45 30.76
N ASP C 328 -45.00 -16.65 31.09
CA ASP C 328 -45.90 -16.88 32.21
C ASP C 328 -45.22 -17.43 33.45
N ARG C 329 -43.92 -17.20 33.58
CA ARG C 329 -43.17 -17.73 34.70
C ARG C 329 -43.73 -17.17 35.99
N THR C 330 -44.04 -18.08 36.90
CA THR C 330 -44.69 -17.73 38.15
C THR C 330 -43.67 -17.25 39.22
N ASN C 331 -44.20 -16.44 40.14
CA ASN C 331 -43.43 -15.80 41.19
C ASN C 331 -42.16 -15.22 40.62
N TYR C 332 -42.32 -14.27 39.71
CA TYR C 332 -41.20 -13.66 39.02
C TYR C 332 -41.67 -12.34 38.38
N THR C 333 -40.96 -11.27 38.71
CA THR C 333 -41.43 -9.92 38.50
C THR C 333 -41.24 -9.46 37.08
N PRO C 334 -42.31 -8.98 36.44
CA PRO C 334 -42.25 -8.60 35.05
C PRO C 334 -41.09 -7.69 34.65
N GLY C 335 -40.59 -6.88 35.57
CA GLY C 335 -39.43 -6.05 35.25
C GLY C 335 -38.15 -6.85 35.05
N TRP C 336 -38.05 -7.92 35.81
CA TRP C 336 -37.04 -8.94 35.56
C TRP C 336 -37.24 -9.60 34.17
N LYS C 337 -38.47 -10.05 33.89
CA LYS C 337 -38.86 -10.46 32.55
C LYS C 337 -38.53 -9.44 31.44
N PHE C 338 -38.98 -8.21 31.52
CA PHE C 338 -38.56 -7.24 30.51
C PHE C 338 -37.08 -7.35 30.24
N ASN C 339 -36.27 -7.61 31.27
CA ASN C 339 -34.81 -7.56 31.15
C ASN C 339 -34.27 -8.79 30.47
N ASP C 340 -34.66 -9.94 31.04
CA ASP C 340 -34.31 -11.23 30.49
C ASP C 340 -34.38 -11.21 28.97
N TRP C 341 -35.41 -10.56 28.42
CA TRP C 341 -35.67 -10.61 26.99
C TRP C 341 -34.97 -9.51 26.21
N GLU C 342 -34.64 -8.41 26.86
CA GLU C 342 -33.87 -7.32 26.21
C GLU C 342 -32.42 -7.75 26.01
N LEU C 343 -31.93 -8.51 26.99
CA LEU C 343 -30.60 -9.11 26.95
C LEU C 343 -30.51 -10.15 25.88
N LYS C 344 -31.54 -10.99 25.82
CA LYS C 344 -31.71 -11.94 24.76
C LYS C 344 -31.96 -11.34 23.38
N GLY C 345 -32.32 -10.06 23.28
CA GLY C 345 -32.54 -9.42 21.96
C GLY C 345 -33.86 -9.67 21.22
N VAL C 346 -34.89 -10.10 21.94
CA VAL C 346 -36.23 -10.28 21.35
C VAL C 346 -36.69 -8.95 20.81
N PRO C 347 -37.11 -8.89 19.54
CA PRO C 347 -37.41 -7.58 18.94
C PRO C 347 -38.62 -6.80 19.50
N LEU C 348 -39.66 -7.47 19.96
CA LEU C 348 -40.82 -6.76 20.50
C LEU C 348 -41.24 -7.34 21.82
N ARG C 349 -41.33 -6.48 22.84
CA ARG C 349 -42.04 -6.83 24.06
C ARG C 349 -43.49 -6.36 23.91
N LEU C 350 -44.44 -7.23 24.26
CA LEU C 350 -45.85 -6.92 24.23
C LEU C 350 -46.41 -7.06 25.62
N GLU C 351 -46.53 -5.95 26.32
CA GLU C 351 -46.90 -6.01 27.73
C GLU C 351 -48.40 -5.99 27.83
N ILE C 352 -48.95 -6.72 28.78
CA ILE C 352 -50.38 -6.60 29.04
C ILE C 352 -50.67 -6.44 30.52
N GLY C 353 -51.07 -5.24 30.93
CA GLY C 353 -51.52 -4.99 32.28
C GLY C 353 -53.02 -4.83 32.33
N PRO C 354 -53.56 -4.59 33.51
CA PRO C 354 -54.99 -4.52 33.65
C PRO C 354 -55.60 -3.40 32.83
N ARG C 355 -54.93 -2.28 32.71
CA ARG C 355 -55.43 -1.23 31.83
C ARG C 355 -55.46 -1.75 30.40
N ASP C 356 -54.36 -2.38 29.98
CA ASP C 356 -54.31 -2.90 28.63
C ASP C 356 -55.40 -3.96 28.40
N VAL C 357 -55.85 -4.65 29.42
CA VAL C 357 -56.93 -5.58 29.18
C VAL C 357 -58.21 -4.82 28.90
N GLU C 358 -58.55 -3.87 29.76
CA GLU C 358 -59.77 -3.09 29.64
C GLU C 358 -59.83 -2.24 28.38
N SER C 359 -58.78 -1.49 28.07
CA SER C 359 -58.54 -0.98 26.71
C SER C 359 -58.31 -2.27 26.01
N CYS C 360 -58.32 -2.38 24.69
CA CYS C 360 -58.23 -3.77 24.18
C CYS C 360 -56.95 -4.02 23.43
N GLN C 361 -55.87 -3.92 24.18
CA GLN C 361 -54.60 -3.63 23.55
C GLN C 361 -53.37 -4.19 24.23
N THR C 362 -52.22 -3.82 23.71
CA THR C 362 -50.97 -4.21 24.28
C THR C 362 -49.94 -3.11 24.06
N ARG C 363 -49.15 -2.89 25.09
CA ARG C 363 -48.08 -1.92 25.05
C ARG C 363 -46.86 -2.58 24.44
N VAL C 364 -46.40 -2.05 23.33
CA VAL C 364 -45.49 -2.75 22.50
C VAL C 364 -44.17 -1.99 22.46
N VAL C 365 -43.07 -2.62 22.88
CA VAL C 365 -41.80 -1.90 22.97
C VAL C 365 -40.76 -2.46 22.01
N ARG C 366 -40.26 -1.57 21.14
CA ARG C 366 -39.15 -1.88 20.21
C ARG C 366 -37.82 -2.07 20.91
N ARG C 367 -37.22 -3.24 20.72
CA ARG C 367 -35.95 -3.50 21.36
C ARG C 367 -34.86 -2.60 20.87
N ASP C 368 -34.83 -2.26 19.59
CA ASP C 368 -33.67 -1.52 19.09
C ASP C 368 -33.70 0.00 19.33
N THR C 369 -34.88 0.55 19.52
CA THR C 369 -35.00 1.97 19.73
C THR C 369 -35.63 2.37 21.02
N SER C 370 -36.36 1.47 21.63
CA SER C 370 -37.12 1.60 22.89
C SER C 370 -38.40 2.33 22.76
N GLU C 371 -38.82 2.67 21.56
CA GLU C 371 -40.07 3.37 21.39
C GLU C 371 -41.18 2.46 21.79
N ALA C 372 -42.18 2.99 22.47
CA ALA C 372 -43.40 2.26 22.87
C ALA C 372 -44.53 2.63 21.90
N ARG C 373 -45.61 1.89 21.93
CA ARG C 373 -46.71 2.10 21.02
C ARG C 373 -47.83 1.19 21.48
N ASN C 374 -49.06 1.68 21.58
CA ASN C 374 -50.16 0.79 21.92
C ASN C 374 -50.73 0.18 20.64
N VAL C 375 -50.95 -1.13 20.66
CA VAL C 375 -51.54 -1.81 19.51
C VAL C 375 -52.81 -2.46 19.98
N PRO C 376 -53.90 -2.16 19.30
CA PRO C 376 -55.11 -2.85 19.68
C PRO C 376 -55.04 -4.32 19.24
N TRP C 377 -55.63 -5.22 20.02
CA TRP C 377 -55.70 -6.63 19.62
C TRP C 377 -56.39 -6.80 18.24
N ALA C 378 -57.47 -6.04 18.07
CA ALA C 378 -58.09 -5.80 16.76
C ALA C 378 -57.07 -5.54 15.64
N GLU C 379 -56.07 -4.72 15.87
CA GLU C 379 -55.13 -4.41 14.79
C GLU C 379 -53.80 -5.16 14.87
N ALA C 380 -53.69 -6.13 15.78
CA ALA C 380 -52.39 -6.79 16.06
C ALA C 380 -51.88 -7.57 14.87
N ALA C 381 -52.74 -8.48 14.41
CA ALA C 381 -52.47 -9.34 13.28
C ALA C 381 -51.83 -8.64 12.09
N SER C 382 -52.04 -7.33 11.93
CA SER C 382 -51.40 -6.59 10.82
C SER C 382 -50.17 -5.81 11.23
N THR C 383 -50.32 -5.09 12.35
CA THR C 383 -49.32 -4.13 12.82
C THR C 383 -48.02 -4.78 13.24
N ILE C 384 -48.14 -5.90 13.97
CA ILE C 384 -46.96 -6.59 14.48
C ILE C 384 -46.13 -7.07 13.31
N PRO C 385 -46.67 -7.95 12.45
CA PRO C 385 -45.89 -8.27 11.26
C PRO C 385 -45.32 -7.03 10.57
N ALA C 386 -46.15 -6.01 10.44
CA ALA C 386 -45.70 -4.76 9.79
C ALA C 386 -44.50 -4.16 10.53
N MET C 387 -44.59 -4.10 11.85
CA MET C 387 -43.48 -3.56 12.64
C MET C 387 -42.23 -4.41 12.46
N LEU C 388 -42.33 -5.71 12.72
CA LEU C 388 -41.16 -6.58 12.54
C LEU C 388 -40.48 -6.33 11.20
N GLU C 389 -41.25 -6.11 10.13
CA GLU C 389 -40.63 -5.87 8.82
C GLU C 389 -40.06 -4.47 8.68
N THR C 390 -40.65 -3.48 9.35
CA THR C 390 -40.03 -2.14 9.40
C THR C 390 -38.70 -2.20 10.16
N MET C 391 -38.71 -2.94 11.28
CA MET C 391 -37.55 -3.15 12.14
C MET C 391 -36.35 -3.81 11.41
N GLN C 392 -36.67 -4.89 10.72
CA GLN C 392 -35.69 -5.58 9.87
C GLN C 392 -35.02 -4.65 8.86
N LYS C 393 -35.80 -3.84 8.17
CA LYS C 393 -35.24 -2.85 7.25
C LYS C 393 -34.37 -1.85 7.98
N ASP C 394 -34.87 -1.38 9.11
CA ASP C 394 -34.21 -0.28 9.81
C ASP C 394 -32.86 -0.76 10.34
N LEU C 395 -32.86 -1.99 10.84
CA LEU C 395 -31.62 -2.55 11.36
C LEU C 395 -30.52 -2.56 10.32
N PHE C 396 -30.93 -2.77 9.09
CA PHE C 396 -30.00 -2.89 7.99
C PHE C 396 -29.49 -1.53 7.54
N ASN C 397 -30.41 -0.61 7.25
CA ASN C 397 -30.04 0.68 6.68
C ASN C 397 -29.06 1.38 7.60
N LYS C 398 -29.38 1.38 8.89
CA LYS C 398 -28.51 1.96 9.91
C LYS C 398 -27.15 1.30 9.84
N ALA C 399 -27.11 -0.03 10.03
CA ALA C 399 -25.87 -0.84 9.90
C ALA C 399 -25.13 -0.55 8.59
N LYS C 400 -25.87 -0.35 7.51
CA LYS C 400 -25.29 -0.02 6.21
C LYS C 400 -24.62 1.35 6.19
N ALA C 401 -25.29 2.35 6.74
CA ALA C 401 -24.75 3.71 6.76
C ALA C 401 -23.42 3.80 7.52
N LYS C 402 -23.28 3.11 8.67
CA LYS C 402 -21.96 3.00 9.33
C LYS C 402 -20.96 2.30 8.40
N PHE C 403 -21.41 1.22 7.77
CA PHE C 403 -20.60 0.50 6.79
C PHE C 403 -20.03 1.43 5.71
N GLU C 404 -20.92 2.12 5.00
CA GLU C 404 -20.50 3.04 3.93
C GLU C 404 -19.51 4.09 4.50
N ALA C 405 -19.90 4.69 5.62
CA ALA C 405 -19.15 5.78 6.25
C ALA C 405 -17.73 5.39 6.64
N SER C 406 -17.47 4.08 6.71
CA SER C 406 -16.15 3.55 7.05
C SER C 406 -15.21 3.39 5.83
N ILE C 407 -15.61 3.99 4.71
CA ILE C 407 -14.85 3.84 3.49
C ILE C 407 -14.58 5.21 2.89
N GLU C 408 -13.35 5.70 3.04
CA GLU C 408 -12.92 6.87 2.29
C GLU C 408 -12.18 6.38 1.06
N GLN C 409 -12.45 7.04 -0.06
CA GLN C 409 -11.83 6.70 -1.33
C GLN C 409 -10.59 7.59 -1.59
N ILE C 410 -9.44 6.97 -1.81
CA ILE C 410 -8.15 7.65 -1.75
C ILE C 410 -7.28 7.39 -2.99
N THR C 411 -6.16 8.13 -3.08
CA THR C 411 -5.17 7.96 -4.17
C THR C 411 -3.75 7.59 -3.68
N THR C 412 -3.24 8.37 -2.74
CA THR C 412 -1.85 8.25 -2.30
C THR C 412 -1.70 7.86 -0.82
N PHE C 413 -0.60 7.17 -0.53
CA PHE C 413 -0.34 6.54 0.79
C PHE C 413 -0.46 7.52 1.98
N ASP C 414 -0.31 8.82 1.74
CA ASP C 414 -0.45 9.85 2.81
C ASP C 414 -1.89 10.02 3.36
N GLU C 415 -2.89 9.59 2.59
CA GLU C 415 -4.29 9.56 3.04
C GLU C 415 -4.55 8.36 3.94
N VAL C 416 -3.75 7.31 3.72
CA VAL C 416 -3.93 6.03 4.40
C VAL C 416 -3.94 6.20 5.91
N MET C 417 -2.79 6.51 6.50
CA MET C 417 -2.65 6.44 7.94
C MET C 417 -3.56 7.41 8.71
N PRO C 418 -4.02 8.50 8.03
CA PRO C 418 -5.19 9.26 8.54
C PRO C 418 -6.49 8.44 8.58
N ALA C 419 -6.91 7.94 7.41
CA ALA C 419 -8.08 7.06 7.28
C ALA C 419 -7.94 5.91 8.27
N LEU C 420 -6.87 5.14 8.11
CA LEU C 420 -6.60 4.01 8.99
C LEU C 420 -6.69 4.38 10.48
N ASN C 421 -6.11 5.54 10.82
CA ASN C 421 -6.10 6.04 12.21
C ASN C 421 -7.51 6.41 12.70
N ARG C 422 -8.36 6.91 11.79
CA ARG C 422 -9.80 7.14 12.07
C ARG C 422 -10.70 5.87 12.25
N ARG C 423 -10.08 4.69 12.40
CA ARG C 423 -10.76 3.36 12.36
C ARG C 423 -11.36 2.97 10.97
N HIS C 424 -10.90 3.62 9.89
CA HIS C 424 -11.52 3.49 8.57
C HIS C 424 -10.81 2.50 7.60
N VAL C 425 -11.34 2.46 6.37
CA VAL C 425 -10.91 1.56 5.29
C VAL C 425 -10.77 2.35 3.97
N VAL C 426 -9.88 1.88 3.12
CA VAL C 426 -9.46 2.65 1.95
C VAL C 426 -9.69 1.92 0.64
N LEU C 427 -10.15 2.70 -0.34
CA LEU C 427 -10.41 2.22 -1.71
C LEU C 427 -9.47 2.87 -2.75
N ALA C 428 -8.27 2.30 -2.88
CA ALA C 428 -7.27 2.80 -3.82
C ALA C 428 -7.55 2.28 -5.24
N PRO C 429 -6.92 2.90 -6.26
CA PRO C 429 -6.58 2.17 -7.48
C PRO C 429 -5.27 1.42 -7.21
N TRP C 430 -4.92 0.45 -8.06
CA TRP C 430 -3.77 -0.44 -7.80
C TRP C 430 -3.05 -1.05 -9.06
N CYS C 431 -1.74 -1.26 -8.91
CA CYS C 431 -0.93 -2.11 -9.80
C CYS C 431 -1.54 -3.51 -9.83
N GLU C 432 -1.63 -4.11 -8.64
CA GLU C 432 -2.07 -5.48 -8.48
C GLU C 432 -0.87 -6.40 -8.66
N ASP C 433 0.33 -5.83 -8.71
CA ASP C 433 1.54 -6.66 -8.63
C ASP C 433 1.57 -7.38 -7.25
N PRO C 434 1.45 -8.73 -7.25
CA PRO C 434 1.57 -9.49 -5.98
C PRO C 434 2.77 -9.11 -5.10
N GLU C 435 3.86 -8.71 -5.75
CA GLU C 435 5.07 -8.25 -5.07
C GLU C 435 4.65 -7.27 -3.95
N THR C 436 3.99 -6.17 -4.37
CA THR C 436 3.69 -5.04 -3.49
C THR C 436 2.78 -5.33 -2.29
N GLU C 437 2.02 -6.42 -2.33
CA GLU C 437 1.11 -6.76 -1.21
C GLU C 437 1.76 -6.70 0.18
N THR C 438 2.81 -7.48 0.42
CA THR C 438 3.51 -7.42 1.72
C THR C 438 4.48 -6.22 1.79
N GLN C 439 4.75 -5.56 0.66
CA GLN C 439 5.37 -4.23 0.67
C GLN C 439 4.52 -3.25 1.52
N ILE C 440 3.19 -3.38 1.43
CA ILE C 440 2.24 -2.54 2.15
C ILE C 440 1.96 -3.12 3.54
N LYS C 441 1.84 -4.44 3.62
CA LYS C 441 1.66 -5.10 4.92
C LYS C 441 2.90 -4.91 5.84
N ARG C 442 4.02 -4.46 5.27
CA ARG C 442 5.27 -4.13 6.02
C ARG C 442 5.34 -2.64 6.41
N GLU C 443 5.14 -1.75 5.42
CA GLU C 443 5.20 -0.29 5.64
C GLU C 443 4.22 0.14 6.74
N THR C 444 2.94 -0.16 6.56
CA THR C 444 1.93 0.20 7.53
C THR C 444 2.22 -0.42 8.90
N GLN C 445 2.83 -1.59 8.88
CA GLN C 445 3.17 -2.31 10.11
C GLN C 445 4.15 -1.50 10.95
N ARG C 446 5.12 -0.88 10.29
CA ARG C 446 6.13 -0.08 10.98
C ARG C 446 5.50 1.11 11.69
N LEU C 447 4.53 1.74 11.03
CA LEU C 447 3.85 2.89 11.59
C LEU C 447 2.51 2.49 12.21
N GLY C 461 -2.19 -5.06 13.45
CA GLY C 461 -1.66 -3.73 13.20
C GLY C 461 -1.51 -3.37 11.71
N ALA C 462 -1.11 -4.35 10.90
CA ALA C 462 -0.89 -4.17 9.45
C ALA C 462 -2.16 -3.85 8.62
N MET C 463 -1.94 -3.20 7.48
CA MET C 463 -2.97 -3.09 6.48
C MET C 463 -2.80 -4.22 5.47
N LYS C 464 -3.96 -4.73 5.02
CA LYS C 464 -4.09 -5.74 3.97
C LYS C 464 -5.04 -5.24 2.86
N PRO C 465 -4.91 -5.80 1.63
CA PRO C 465 -6.05 -5.74 0.71
C PRO C 465 -7.14 -6.73 1.17
N LEU C 466 -8.39 -6.38 0.88
CA LEU C 466 -9.52 -7.16 1.36
C LEU C 466 -10.26 -7.80 0.18
N CYS C 467 -10.58 -6.98 -0.82
CA CYS C 467 -11.20 -7.49 -2.01
C CYS C 467 -11.33 -6.39 -3.05
N ILE C 468 -11.11 -6.77 -4.30
CA ILE C 468 -11.41 -5.88 -5.40
C ILE C 468 -12.91 -5.99 -5.71
N PRO C 469 -13.68 -4.95 -5.36
CA PRO C 469 -15.14 -5.01 -5.39
C PRO C 469 -15.76 -4.84 -6.76
N PHE C 470 -16.66 -5.76 -7.12
CA PHE C 470 -17.30 -5.79 -8.45
C PHE C 470 -17.98 -4.47 -8.80
N ASP C 471 -18.72 -3.92 -7.84
CA ASP C 471 -19.34 -2.63 -8.01
C ASP C 471 -18.18 -1.60 -8.09
N GLN C 472 -17.78 -1.21 -9.31
CA GLN C 472 -16.49 -0.51 -9.54
C GLN C 472 -16.60 0.99 -9.87
N PRO C 473 -15.97 1.86 -9.03
CA PRO C 473 -16.07 3.29 -9.31
C PRO C 473 -15.24 3.70 -10.53
N PRO C 474 -15.88 4.41 -11.44
CA PRO C 474 -15.30 4.73 -12.73
C PRO C 474 -13.96 5.36 -12.58
N MET C 475 -13.12 5.05 -13.56
CA MET C 475 -11.74 5.45 -13.60
C MET C 475 -11.31 6.54 -14.57
N PRO C 476 -10.49 7.49 -14.07
CA PRO C 476 -9.81 8.43 -14.95
C PRO C 476 -8.65 7.74 -15.69
N GLU C 477 -8.82 7.53 -17.00
CA GLU C 477 -7.83 6.84 -17.81
C GLU C 477 -6.50 7.58 -17.70
N GLY C 478 -5.42 6.82 -17.65
CA GLY C 478 -4.14 7.32 -17.17
C GLY C 478 -4.34 7.68 -15.70
N THR C 479 -4.73 6.69 -14.91
CA THR C 479 -4.91 6.84 -13.45
C THR C 479 -3.81 6.05 -12.77
N ARG C 480 -3.21 6.64 -11.74
CA ARG C 480 -1.98 6.10 -11.13
C ARG C 480 -2.26 5.08 -10.00
N CYS C 481 -1.33 4.13 -9.82
CA CYS C 481 -1.39 3.16 -8.72
C CYS C 481 -1.01 3.85 -7.40
N PHE C 482 -1.75 3.55 -6.34
CA PHE C 482 -1.50 4.11 -4.99
C PHE C 482 -0.10 3.81 -4.43
N PHE C 483 0.60 2.81 -4.98
CA PHE C 483 1.94 2.39 -4.49
C PHE C 483 3.08 2.54 -5.54
N THR C 484 2.75 2.38 -6.83
CA THR C 484 3.74 2.48 -7.93
C THR C 484 3.53 3.69 -8.85
N GLY C 485 2.28 4.12 -9.02
CA GLY C 485 1.95 5.24 -9.90
C GLY C 485 2.04 4.91 -11.37
N ARG C 486 1.62 3.69 -11.75
CA ARG C 486 1.73 3.19 -13.12
C ARG C 486 0.48 3.53 -13.94
N ARG C 490 -7.27 -1.57 -11.56
CA ARG C 490 -8.61 -1.39 -10.98
C ARG C 490 -8.60 -0.90 -9.49
N TRP C 491 -9.77 -0.49 -8.99
CA TRP C 491 -9.96 -0.05 -7.58
C TRP C 491 -9.97 -1.22 -6.61
N CYS C 492 -9.12 -1.19 -5.60
CA CYS C 492 -9.16 -2.21 -4.55
C CYS C 492 -9.40 -1.63 -3.14
N LEU C 493 -9.78 -2.53 -2.25
CA LEU C 493 -10.09 -2.20 -0.89
C LEU C 493 -9.01 -2.76 0.06
N PHE C 494 -8.46 -1.87 0.88
CA PHE C 494 -7.49 -2.25 1.91
C PHE C 494 -7.88 -1.69 3.26
N GLY C 495 -7.42 -2.38 4.31
CA GLY C 495 -7.76 -2.09 5.70
C GLY C 495 -7.23 -3.18 6.61
N ARG C 496 -7.46 -3.08 7.92
CA ARG C 496 -6.84 -4.02 8.87
C ARG C 496 -7.53 -5.39 8.94
N SER C 497 -6.74 -6.40 9.29
CA SER C 497 -7.16 -7.78 9.20
C SER C 497 -8.01 -8.22 10.42
N TYR C 498 -8.02 -9.54 10.68
CA TYR C 498 -8.75 -10.13 11.78
C TYR C 498 -8.32 -11.60 11.99
N THR D 6 -25.17 -60.00 -9.09
CA THR D 6 -24.93 -61.43 -9.00
C THR D 6 -25.81 -61.99 -7.88
N ALA D 7 -25.48 -61.67 -6.63
CA ALA D 7 -26.03 -62.37 -5.45
C ALA D 7 -27.56 -62.34 -5.31
N LYS D 8 -28.08 -63.27 -4.52
CA LYS D 8 -29.51 -63.36 -4.32
C LYS D 8 -29.81 -63.34 -2.84
N LYS D 9 -30.99 -62.83 -2.51
CA LYS D 9 -31.27 -62.41 -1.14
C LYS D 9 -31.25 -63.56 -0.10
N SER D 10 -31.93 -64.68 -0.39
CA SER D 10 -31.99 -65.78 0.58
C SER D 10 -30.82 -66.79 0.48
N THR D 11 -29.86 -66.55 -0.41
CA THR D 11 -28.69 -67.45 -0.52
C THR D 11 -27.40 -66.75 -0.08
N ASN D 12 -27.18 -65.53 -0.54
CA ASN D 12 -25.97 -64.81 -0.23
C ASN D 12 -26.37 -63.39 0.25
N PHE D 13 -27.15 -63.40 1.33
CA PHE D 13 -27.69 -62.20 1.95
C PHE D 13 -26.65 -61.13 2.25
N ALA D 14 -25.53 -61.54 2.84
CA ALA D 14 -24.41 -60.66 3.07
C ALA D 14 -24.01 -59.88 1.80
N ASP D 15 -23.66 -60.59 0.74
CA ASP D 15 -23.09 -59.92 -0.43
C ASP D 15 -24.18 -59.29 -1.25
N TRP D 16 -25.40 -59.77 -1.05
CA TRP D 16 -26.56 -59.15 -1.67
C TRP D 16 -26.66 -57.70 -1.23
N TYR D 17 -26.73 -57.51 0.09
CA TYR D 17 -26.68 -56.19 0.70
C TYR D 17 -25.48 -55.32 0.26
N THR D 18 -24.30 -55.89 0.10
CA THR D 18 -23.20 -55.07 -0.36
C THR D 18 -23.45 -54.59 -1.78
N GLN D 19 -24.12 -55.42 -2.54
CA GLN D 19 -24.30 -55.10 -3.95
C GLN D 19 -25.37 -54.01 -4.16
N VAL D 20 -26.60 -54.30 -3.74
CA VAL D 20 -27.72 -53.36 -3.92
C VAL D 20 -27.32 -51.92 -3.58
N ILE D 21 -26.60 -51.76 -2.48
CA ILE D 21 -26.28 -50.47 -1.93
C ILE D 21 -25.17 -49.79 -2.71
N VAL D 22 -24.21 -50.52 -3.24
CA VAL D 22 -23.16 -49.80 -3.99
C VAL D 22 -23.57 -49.55 -5.43
N ARG D 23 -24.37 -50.47 -5.96
CA ARG D 23 -24.90 -50.42 -7.33
C ARG D 23 -26.12 -49.49 -7.35
N GLY D 24 -26.88 -49.47 -6.26
CA GLY D 24 -27.92 -48.45 -6.04
C GLY D 24 -27.46 -47.00 -5.81
N GLU D 25 -26.15 -46.79 -5.69
CA GLU D 25 -25.57 -45.44 -5.54
C GLU D 25 -25.90 -44.79 -4.21
N LEU D 26 -26.24 -45.63 -3.21
CA LEU D 26 -26.37 -45.21 -1.81
C LEU D 26 -25.02 -44.87 -1.18
N VAL D 27 -24.17 -45.88 -1.06
CA VAL D 27 -22.90 -45.75 -0.36
C VAL D 27 -21.76 -45.95 -1.31
N GLU D 28 -20.57 -45.60 -0.86
CA GLU D 28 -19.32 -45.66 -1.63
C GLU D 28 -18.18 -46.04 -0.66
N TYR D 29 -17.40 -47.07 -0.98
CA TYR D 29 -16.52 -47.70 0.04
C TYR D 29 -15.29 -46.86 0.41
N TYR D 30 -14.72 -47.15 1.57
CA TYR D 30 -13.80 -46.20 2.19
C TYR D 30 -12.60 -46.88 2.87
N ASP D 31 -11.42 -46.31 2.59
CA ASP D 31 -10.15 -46.80 3.13
C ASP D 31 -10.05 -46.87 4.64
N ILE D 32 -11.00 -46.29 5.39
CA ILE D 32 -11.00 -46.49 6.85
C ILE D 32 -12.05 -47.49 7.34
N SER D 33 -11.62 -48.69 7.66
CA SER D 33 -12.52 -49.72 8.18
C SER D 33 -13.69 -49.14 9.00
N GLY D 34 -14.92 -49.42 8.55
CA GLY D 34 -16.16 -49.05 9.29
C GLY D 34 -16.71 -47.65 9.02
N CYS D 35 -16.20 -46.99 7.99
CA CYS D 35 -16.62 -45.65 7.64
C CYS D 35 -16.86 -45.55 6.15
N TYR D 36 -18.11 -45.27 5.79
CA TYR D 36 -18.52 -45.24 4.39
C TYR D 36 -19.02 -43.88 3.96
N ILE D 37 -18.94 -43.59 2.66
CA ILE D 37 -19.50 -42.34 2.14
C ILE D 37 -21.01 -42.47 1.89
N ILE D 38 -21.77 -41.47 2.32
CA ILE D 38 -23.21 -41.45 2.11
C ILE D 38 -23.46 -40.48 0.98
N ARG D 39 -24.01 -41.04 -0.10
CA ARG D 39 -24.11 -40.36 -1.37
C ARG D 39 -25.51 -39.78 -1.42
N PRO D 40 -25.70 -38.78 -2.29
CA PRO D 40 -26.88 -37.98 -2.25
C PRO D 40 -28.14 -38.82 -2.36
N TRP D 41 -28.04 -39.93 -3.09
CA TRP D 41 -29.19 -40.82 -3.25
C TRP D 41 -29.64 -41.33 -1.88
N ALA D 42 -28.70 -41.67 -1.00
CA ALA D 42 -29.04 -42.13 0.35
C ALA D 42 -29.32 -40.94 1.26
N TYR D 43 -28.50 -39.91 1.09
CA TYR D 43 -28.52 -38.80 2.02
C TYR D 43 -29.86 -38.16 2.01
N ARG D 44 -30.45 -38.07 0.83
CA ARG D 44 -31.75 -37.40 0.64
C ARG D 44 -32.91 -38.13 1.40
N ILE D 45 -32.85 -39.45 1.45
CA ILE D 45 -33.74 -40.18 2.37
C ILE D 45 -33.52 -39.73 3.81
N TRP D 46 -32.29 -39.53 4.23
CA TRP D 46 -32.06 -39.19 5.65
C TRP D 46 -32.69 -37.82 5.93
N GLU D 47 -32.44 -36.86 5.05
CA GLU D 47 -33.17 -35.61 5.05
C GLU D 47 -34.69 -35.77 5.18
N ALA D 48 -35.29 -36.68 4.42
CA ALA D 48 -36.71 -36.95 4.60
C ALA D 48 -37.11 -37.23 6.02
N VAL D 49 -36.68 -38.33 6.56
CA VAL D 49 -37.05 -38.69 7.93
C VAL D 49 -36.51 -37.71 8.98
N GLN D 50 -35.50 -36.93 8.65
CA GLN D 50 -34.97 -35.93 9.59
C GLN D 50 -35.93 -34.77 9.78
N LYS D 51 -36.44 -34.25 8.68
CA LYS D 51 -37.44 -33.23 8.69
C LYS D 51 -38.71 -33.76 9.29
N PHE D 52 -39.03 -35.01 9.04
CA PHE D 52 -40.22 -35.53 9.68
C PHE D 52 -40.13 -35.46 11.21
N PHE D 53 -39.00 -35.91 11.71
CA PHE D 53 -38.80 -36.09 13.13
C PHE D 53 -38.61 -34.73 13.76
N ASP D 54 -37.74 -33.94 13.16
CA ASP D 54 -37.44 -32.61 13.68
C ASP D 54 -38.71 -31.85 13.88
N ASP D 55 -39.64 -31.98 12.93
CA ASP D 55 -40.94 -31.35 13.02
C ASP D 55 -41.70 -31.90 14.19
N GLY D 56 -41.91 -33.20 14.24
CA GLY D 56 -42.61 -33.80 15.34
C GLY D 56 -42.07 -33.45 16.71
N ILE D 57 -40.74 -33.26 16.84
CA ILE D 57 -40.18 -32.89 18.15
C ILE D 57 -40.37 -31.41 18.45
N LYS D 58 -40.20 -30.56 17.45
CA LYS D 58 -40.50 -29.15 17.62
C LYS D 58 -41.95 -28.96 18.05
N ARG D 59 -42.82 -29.87 17.64
CA ARG D 59 -44.19 -29.80 18.09
C ARG D 59 -44.31 -30.15 19.53
N LEU D 60 -43.33 -30.80 20.10
CA LEU D 60 -43.41 -31.12 21.52
C LEU D 60 -42.57 -30.14 22.34
N GLY D 61 -42.11 -29.08 21.71
CA GLY D 61 -41.41 -28.05 22.41
C GLY D 61 -39.91 -28.24 22.48
N VAL D 62 -39.41 -29.28 21.82
CA VAL D 62 -37.99 -29.55 21.88
C VAL D 62 -37.27 -28.54 21.01
N GLU D 63 -36.08 -28.14 21.43
CA GLU D 63 -35.27 -27.19 20.69
C GLU D 63 -33.92 -27.85 20.36
N ASN D 64 -33.32 -27.50 19.25
CA ASN D 64 -32.07 -28.11 18.88
C ASN D 64 -30.99 -27.20 19.36
N CYS D 65 -29.80 -27.73 19.52
CA CYS D 65 -28.60 -26.99 19.87
C CYS D 65 -27.46 -27.85 19.41
N TYR D 66 -26.25 -27.32 19.56
CA TYR D 66 -25.05 -28.08 19.24
C TYR D 66 -24.00 -27.96 20.33
N PHE D 67 -23.71 -29.08 20.99
CA PHE D 67 -22.59 -29.17 21.90
C PHE D 67 -21.34 -29.57 21.15
N PRO D 68 -20.14 -29.35 21.75
CA PRO D 68 -18.91 -29.74 21.05
C PRO D 68 -18.68 -31.27 21.08
N MET D 69 -17.87 -31.74 20.12
CA MET D 69 -17.74 -33.19 19.83
C MET D 69 -16.61 -33.85 20.59
N PHE D 70 -15.59 -33.05 20.90
CA PHE D 70 -14.54 -33.38 21.89
C PHE D 70 -14.97 -33.26 23.35
N VAL D 71 -14.99 -34.38 24.09
CA VAL D 71 -15.13 -34.30 25.55
C VAL D 71 -13.74 -34.44 26.21
N SER D 72 -13.51 -33.72 27.33
CA SER D 72 -12.27 -33.89 28.11
C SER D 72 -12.28 -35.27 28.79
N GLN D 73 -11.08 -35.76 29.10
CA GLN D 73 -10.95 -37.06 29.72
C GLN D 73 -11.59 -37.12 31.12
N ALA D 74 -11.28 -36.08 31.91
CA ALA D 74 -11.80 -35.89 33.24
C ALA D 74 -13.33 -36.08 33.22
N LYS D 75 -13.98 -35.27 32.36
CA LYS D 75 -15.43 -35.24 32.16
C LYS D 75 -16.01 -36.57 31.73
N LEU D 76 -15.35 -37.21 30.77
CA LEU D 76 -15.81 -38.51 30.30
C LEU D 76 -15.88 -39.54 31.42
N GLU D 77 -15.08 -39.32 32.49
CA GLU D 77 -14.96 -40.28 33.60
C GLU D 77 -15.59 -39.74 34.91
N LYS D 87 -16.24 -49.12 27.23
CA LYS D 87 -14.93 -48.65 27.67
C LYS D 87 -13.85 -48.45 26.54
N PRO D 88 -13.44 -49.54 25.83
CA PRO D 88 -12.32 -49.46 24.84
C PRO D 88 -12.61 -48.69 23.53
N GLU D 89 -13.91 -48.47 23.23
CA GLU D 89 -14.42 -47.80 21.99
C GLU D 89 -14.08 -46.31 21.82
N VAL D 90 -13.66 -45.62 22.88
CA VAL D 90 -13.50 -44.18 22.80
C VAL D 90 -12.36 -43.90 21.85
N ALA D 91 -12.52 -43.06 20.84
CA ALA D 91 -11.32 -42.60 20.15
C ALA D 91 -10.70 -41.50 21.01
N TRP D 92 -9.40 -41.24 20.82
CA TRP D 92 -8.68 -40.13 21.48
C TRP D 92 -7.84 -39.35 20.49
N VAL D 93 -7.92 -38.04 20.55
CA VAL D 93 -7.02 -37.20 19.78
C VAL D 93 -5.87 -36.85 20.71
N THR D 94 -4.64 -37.24 20.34
CA THR D 94 -3.51 -37.00 21.22
C THR D 94 -2.58 -35.90 20.73
N HIS D 95 -2.56 -35.67 19.44
CA HIS D 95 -1.63 -34.70 18.96
C HIS D 95 -2.23 -33.71 18.02
N TYR D 96 -1.53 -32.63 17.80
CA TYR D 96 -1.98 -31.68 16.83
C TYR D 96 -0.83 -31.25 15.98
N GLY D 97 -0.76 -31.75 14.76
CA GLY D 97 0.32 -31.42 13.88
C GLY D 97 1.69 -31.75 14.42
N ASP D 98 1.79 -32.96 14.98
CA ASP D 98 3.01 -33.52 15.59
C ASP D 98 3.39 -32.95 16.92
N SER D 99 2.46 -32.30 17.59
CA SER D 99 2.67 -31.76 18.92
C SER D 99 1.62 -32.43 19.77
N GLU D 100 2.03 -32.96 20.88
CA GLU D 100 1.15 -33.66 21.81
C GLU D 100 0.35 -32.72 22.70
N LEU D 101 -0.92 -33.07 22.93
CA LEU D 101 -1.77 -32.28 23.79
C LEU D 101 -1.39 -32.61 25.24
N PRO D 102 -1.23 -31.57 26.09
CA PRO D 102 -1.05 -31.77 27.53
C PRO D 102 -1.95 -32.88 28.07
N GLU D 103 -3.24 -32.70 27.87
CA GLU D 103 -4.26 -33.65 28.24
C GLU D 103 -4.96 -34.09 26.99
N LYS D 104 -5.28 -35.36 26.91
CA LYS D 104 -5.93 -35.88 25.73
C LYS D 104 -7.40 -35.56 25.74
N VAL D 105 -8.01 -35.57 24.56
CA VAL D 105 -9.41 -35.31 24.43
C VAL D 105 -10.06 -36.44 23.69
N ALA D 106 -11.22 -36.88 24.16
CA ALA D 106 -12.01 -37.92 23.48
C ALA D 106 -12.76 -37.38 22.23
N ILE D 107 -13.51 -38.29 21.61
CA ILE D 107 -14.51 -37.92 20.61
C ILE D 107 -15.85 -38.54 21.03
N ARG D 108 -16.87 -37.68 20.96
CA ARG D 108 -18.21 -37.93 21.47
C ARG D 108 -18.74 -39.30 20.98
N PRO D 109 -19.03 -40.20 21.90
CA PRO D 109 -19.72 -41.47 21.61
C PRO D 109 -21.19 -41.40 21.99
N THR D 110 -21.48 -40.44 22.85
CA THR D 110 -22.81 -39.92 23.09
C THR D 110 -22.55 -38.52 23.63
N SER D 111 -23.48 -37.90 24.38
CA SER D 111 -23.21 -36.53 24.91
C SER D 111 -23.59 -36.22 26.36
N GLU D 112 -24.10 -37.21 27.10
CA GLU D 112 -24.49 -37.00 28.49
C GLU D 112 -23.49 -36.19 29.33
N THR D 113 -22.22 -36.51 29.17
CA THR D 113 -21.17 -36.02 30.04
C THR D 113 -20.62 -34.69 29.53
N ILE D 114 -21.15 -34.23 28.41
CA ILE D 114 -20.89 -32.89 27.99
C ILE D 114 -22.07 -32.00 28.41
N MET D 115 -23.27 -32.53 28.24
CA MET D 115 -24.47 -31.74 28.38
C MET D 115 -24.88 -31.58 29.83
N TYR D 116 -24.85 -32.67 30.58
CA TYR D 116 -25.39 -32.67 31.95
C TYR D 116 -24.67 -31.76 32.95
N PRO D 117 -23.36 -31.52 32.76
CA PRO D 117 -22.70 -30.37 33.32
C PRO D 117 -23.50 -29.09 33.10
N ALA D 118 -23.68 -28.69 31.84
CA ALA D 118 -24.51 -27.52 31.50
C ALA D 118 -25.92 -27.63 32.07
N TYR D 119 -26.55 -28.79 32.05
CA TYR D 119 -27.89 -28.85 32.59
C TYR D 119 -27.91 -28.38 34.07
N ALA D 120 -26.97 -28.89 34.86
CA ALA D 120 -26.87 -28.56 36.27
C ALA D 120 -26.64 -27.06 36.46
N LYS D 121 -25.80 -26.48 35.61
CA LYS D 121 -25.58 -25.05 35.64
C LYS D 121 -26.85 -24.23 35.29
N TRP D 122 -27.69 -24.78 34.43
CA TRP D 122 -28.82 -24.04 33.86
C TRP D 122 -30.06 -24.17 34.72
N ILE D 123 -30.38 -25.36 35.14
CA ILE D 123 -31.63 -25.57 35.81
C ILE D 123 -31.56 -25.19 37.29
N ARG D 124 -32.31 -24.14 37.64
CA ARG D 124 -32.37 -23.57 38.99
C ARG D 124 -33.73 -23.71 39.65
N SER D 125 -34.77 -23.50 38.87
CA SER D 125 -36.12 -23.31 39.37
C SER D 125 -37.17 -24.08 38.61
N HIS D 126 -38.30 -24.34 39.24
CA HIS D 126 -39.50 -24.73 38.47
C HIS D 126 -39.69 -23.88 37.19
N ARG D 127 -39.37 -22.59 37.29
CA ARG D 127 -39.47 -21.69 36.13
CA ARG D 127 -39.40 -21.63 36.17
C ARG D 127 -38.37 -21.91 35.08
N ASP D 128 -37.64 -23.02 35.16
CA ASP D 128 -36.63 -23.40 34.13
C ASP D 128 -36.96 -24.73 33.50
N LEU D 129 -38.12 -25.28 33.81
CA LEU D 129 -38.42 -26.64 33.40
C LEU D 129 -39.81 -26.66 32.78
N PRO D 130 -40.06 -27.54 31.77
CA PRO D 130 -39.14 -28.55 31.22
C PRO D 130 -38.03 -27.99 30.32
N LEU D 131 -36.89 -28.68 30.26
CA LEU D 131 -35.82 -28.35 29.34
C LEU D 131 -35.74 -29.52 28.43
N LYS D 132 -35.73 -29.24 27.14
CA LYS D 132 -35.90 -30.25 26.11
C LYS D 132 -34.98 -29.85 24.97
N LEU D 133 -33.89 -30.56 24.82
CA LEU D 133 -32.97 -30.30 23.75
C LEU D 133 -32.71 -31.57 22.96
N ASN D 134 -32.45 -31.35 21.69
CA ASN D 134 -32.09 -32.38 20.76
C ASN D 134 -30.84 -31.90 20.11
N GLN D 135 -30.04 -32.83 19.59
CA GLN D 135 -29.07 -32.40 18.61
C GLN D 135 -28.86 -33.40 17.52
N TRP D 136 -28.72 -32.87 16.30
CA TRP D 136 -28.36 -33.64 15.08
C TRP D 136 -26.86 -33.53 14.89
N ASN D 137 -26.16 -34.61 15.26
CA ASN D 137 -24.67 -34.67 15.25
C ASN D 137 -24.07 -36.05 14.89
N ASN D 138 -22.74 -36.05 14.72
CA ASN D 138 -21.97 -37.27 14.48
C ASN D 138 -21.28 -37.77 15.71
N VAL D 139 -21.25 -39.08 15.78
CA VAL D 139 -20.76 -39.78 16.93
C VAL D 139 -19.79 -40.91 16.51
N VAL D 140 -18.57 -40.91 17.08
CA VAL D 140 -17.63 -42.02 16.88
C VAL D 140 -17.58 -42.98 18.07
N ARG D 141 -18.17 -44.14 17.88
CA ARG D 141 -17.96 -45.30 18.71
C ARG D 141 -17.13 -46.23 17.87
N TRP D 142 -16.03 -46.73 18.44
CA TRP D 142 -15.10 -47.61 17.72
C TRP D 142 -15.46 -49.09 17.90
N GLU D 143 -16.25 -49.65 17.00
CA GLU D 143 -16.99 -50.89 17.33
C GLU D 143 -16.16 -52.16 17.10
N PHE D 144 -16.34 -53.13 18.01
CA PHE D 144 -15.59 -54.39 17.98
C PHE D 144 -16.22 -55.27 16.92
N LYS D 145 -17.54 -55.41 16.99
CA LYS D 145 -18.31 -56.27 16.09
C LYS D 145 -18.05 -55.89 14.63
N GLN D 146 -18.56 -56.72 13.72
CA GLN D 146 -18.30 -56.52 12.30
C GLN D 146 -19.11 -55.31 11.82
N PRO D 147 -18.40 -54.29 11.30
CA PRO D 147 -19.05 -53.09 10.78
C PRO D 147 -19.89 -53.38 9.56
N THR D 148 -21.08 -52.80 9.50
CA THR D 148 -22.02 -52.98 8.39
C THR D 148 -22.57 -51.60 8.02
N PRO D 149 -22.57 -51.24 6.72
CA PRO D 149 -23.03 -49.89 6.35
C PRO D 149 -24.45 -49.59 6.82
N PHE D 150 -24.62 -48.36 7.31
CA PHE D 150 -25.79 -47.95 8.10
C PHE D 150 -25.93 -48.67 9.46
N LEU D 151 -26.10 -49.99 9.45
CA LEU D 151 -26.54 -50.74 10.63
C LEU D 151 -25.58 -50.69 11.81
N ARG D 152 -24.29 -50.65 11.49
CA ARG D 152 -23.25 -50.51 12.50
C ARG D 152 -22.06 -49.84 11.85
N THR D 153 -21.82 -48.56 12.13
CA THR D 153 -20.65 -47.94 11.53
C THR D 153 -19.81 -47.30 12.64
N ARG D 154 -18.57 -46.94 12.31
CA ARG D 154 -17.61 -46.49 13.32
C ARG D 154 -17.84 -45.05 13.67
N GLU D 155 -18.03 -44.23 12.62
CA GLU D 155 -18.69 -42.92 12.73
C GLU D 155 -20.13 -43.02 12.18
N PHE D 156 -21.10 -42.56 12.95
CA PHE D 156 -22.47 -42.47 12.47
C PHE D 156 -23.21 -41.13 12.71
N LEU D 157 -24.25 -40.89 11.89
CA LEU D 157 -25.18 -39.79 12.09
C LEU D 157 -26.31 -40.23 12.98
N TRP D 158 -26.68 -39.29 13.85
CA TRP D 158 -27.93 -39.41 14.58
C TRP D 158 -28.50 -38.09 15.03
N GLN D 159 -29.57 -38.25 15.78
CA GLN D 159 -30.17 -37.24 16.58
C GLN D 159 -30.07 -37.80 18.00
N GLU D 160 -29.71 -36.97 18.98
CA GLU D 160 -29.82 -37.39 20.40
C GLU D 160 -30.62 -36.44 21.29
N GLY D 161 -31.59 -37.02 21.97
CA GLY D 161 -32.56 -36.24 22.71
C GLY D 161 -32.33 -36.31 24.18
N HIS D 162 -32.42 -35.14 24.83
CA HIS D 162 -32.06 -34.93 26.25
C HIS D 162 -32.98 -33.92 26.95
N THR D 163 -33.86 -34.39 27.82
CA THR D 163 -34.82 -33.52 28.50
C THR D 163 -34.78 -33.64 30.03
N ALA D 164 -35.55 -32.76 30.68
CA ALA D 164 -35.48 -32.49 32.13
C ALA D 164 -36.84 -31.99 32.64
N HIS D 165 -37.46 -32.73 33.54
CA HIS D 165 -38.82 -32.40 33.93
C HIS D 165 -38.93 -32.32 35.44
N ALA D 166 -39.94 -31.63 35.93
CA ALA D 166 -40.13 -31.60 37.36
C ALA D 166 -40.93 -32.80 37.82
N THR D 167 -41.64 -33.48 36.93
CA THR D 167 -42.27 -34.75 37.32
C THR D 167 -41.88 -35.93 36.44
N GLU D 168 -42.12 -37.11 36.99
CA GLU D 168 -41.95 -38.36 36.30
C GLU D 168 -43.01 -38.45 35.22
N GLU D 169 -44.25 -38.25 35.64
CA GLU D 169 -45.39 -38.18 34.75
C GLU D 169 -45.07 -37.48 33.43
N GLU D 170 -44.49 -36.30 33.52
CA GLU D 170 -44.28 -35.45 32.34
C GLU D 170 -43.05 -35.85 31.51
N ALA D 171 -42.02 -36.39 32.17
CA ALA D 171 -40.91 -37.01 31.45
C ALA D 171 -41.37 -38.36 30.82
N TYR D 172 -42.29 -39.07 31.47
CA TYR D 172 -42.71 -40.37 30.97
C TYR D 172 -43.70 -40.28 29.81
N THR D 173 -44.50 -39.22 29.76
CA THR D 173 -45.34 -39.08 28.58
C THR D 173 -44.43 -38.72 27.40
N LEU D 174 -43.49 -37.80 27.58
CA LEU D 174 -42.66 -37.39 26.45
C LEU D 174 -41.82 -38.56 25.92
N VAL D 175 -41.32 -39.40 26.81
CA VAL D 175 -40.72 -40.69 26.41
C VAL D 175 -41.57 -41.48 25.40
N LEU D 176 -42.86 -41.64 25.74
CA LEU D 176 -43.81 -42.34 24.88
C LEU D 176 -44.17 -41.54 23.63
N GLU D 177 -44.35 -40.24 23.75
CA GLU D 177 -44.62 -39.42 22.59
C GLU D 177 -43.51 -39.64 21.59
N ILE D 178 -42.26 -39.58 22.06
CA ILE D 178 -41.12 -39.74 21.18
C ILE D 178 -41.09 -41.13 20.50
N LEU D 179 -41.39 -42.18 21.25
CA LEU D 179 -41.49 -43.51 20.66
C LEU D 179 -42.48 -43.49 19.50
N GLU D 180 -43.70 -43.02 19.76
CA GLU D 180 -44.69 -42.80 18.71
C GLU D 180 -44.17 -42.05 17.47
N LEU D 181 -43.23 -41.13 17.66
CA LEU D 181 -42.60 -40.50 16.51
C LEU D 181 -41.66 -41.49 15.83
N TYR D 182 -40.96 -42.28 16.66
CA TYR D 182 -40.01 -43.28 16.14
C TYR D 182 -40.73 -44.39 15.36
N ARG D 183 -41.86 -44.85 15.88
CA ARG D 183 -42.66 -45.81 15.17
C ARG D 183 -43.13 -45.25 13.84
N GLN D 184 -43.67 -44.05 13.84
CA GLN D 184 -44.10 -43.40 12.59
C GLN D 184 -42.93 -43.21 11.60
N TRP D 185 -41.76 -42.89 12.16
CA TRP D 185 -40.52 -42.73 11.39
C TRP D 185 -40.31 -44.01 10.60
N TYR D 186 -40.55 -45.15 11.23
CA TYR D 186 -40.43 -46.41 10.51
C TYR D 186 -41.69 -46.70 9.71
N GLU D 187 -42.78 -46.96 10.39
CA GLU D 187 -43.92 -47.48 9.69
C GLU D 187 -44.46 -46.52 8.64
N ASP D 188 -44.65 -45.24 8.96
CA ASP D 188 -45.26 -44.31 7.97
C ASP D 188 -44.33 -43.77 6.85
N TYR D 189 -43.01 -43.82 7.05
CA TYR D 189 -42.10 -43.24 6.06
C TYR D 189 -41.26 -44.26 5.32
N LEU D 190 -40.69 -45.19 6.08
CA LEU D 190 -39.82 -46.21 5.50
C LEU D 190 -40.62 -47.47 5.21
N ALA D 191 -41.88 -47.45 5.59
CA ALA D 191 -42.77 -48.59 5.44
C ALA D 191 -42.30 -49.85 6.15
N VAL D 192 -41.33 -49.75 7.05
CA VAL D 192 -40.88 -50.91 7.84
C VAL D 192 -41.81 -51.16 9.04
N PRO D 193 -42.31 -52.39 9.22
CA PRO D 193 -43.11 -52.70 10.43
C PRO D 193 -42.21 -52.88 11.67
N VAL D 194 -42.77 -52.65 12.85
CA VAL D 194 -42.02 -52.71 14.12
C VAL D 194 -42.94 -52.96 15.32
N ILE D 195 -42.36 -53.34 16.46
CA ILE D 195 -43.11 -53.35 17.71
C ILE D 195 -42.48 -52.37 18.71
N LYS D 196 -43.36 -51.72 19.48
CA LYS D 196 -42.98 -50.92 20.64
C LYS D 196 -42.91 -51.85 21.83
N GLY D 197 -41.80 -51.74 22.56
CA GLY D 197 -41.65 -52.54 23.73
C GLY D 197 -40.80 -51.95 24.82
N GLU D 198 -40.70 -52.76 25.87
CA GLU D 198 -39.97 -52.45 27.07
C GLU D 198 -38.76 -53.38 27.10
N LYS D 199 -37.58 -52.80 27.22
CA LYS D 199 -36.40 -53.60 27.48
C LYS D 199 -36.59 -54.41 28.75
N SER D 200 -35.63 -55.30 28.98
CA SER D 200 -35.63 -56.20 30.13
C SER D 200 -34.56 -55.72 31.12
N GLU D 201 -34.79 -56.02 32.40
CA GLU D 201 -33.96 -55.52 33.48
C GLU D 201 -32.47 -55.54 33.13
N ASN D 202 -32.01 -56.53 32.37
CA ASN D 202 -30.59 -56.65 32.00
C ASN D 202 -30.23 -55.99 30.65
N GLU D 203 -31.18 -55.97 29.71
CA GLU D 203 -30.94 -55.38 28.38
C GLU D 203 -30.97 -53.86 28.40
N LYS D 204 -31.90 -53.31 29.19
CA LYS D 204 -32.20 -51.86 29.29
C LYS D 204 -31.04 -50.96 29.70
N PHE D 205 -31.03 -49.74 29.19
CA PHE D 205 -29.87 -48.86 29.43
C PHE D 205 -29.53 -48.95 30.91
N ALA D 206 -28.25 -49.26 31.15
CA ALA D 206 -27.73 -49.44 32.51
C ALA D 206 -27.81 -48.15 33.33
N GLY D 207 -27.34 -47.04 32.75
CA GLY D 207 -27.61 -45.72 33.30
C GLY D 207 -29.06 -45.41 33.76
N GLY D 208 -30.08 -45.99 33.10
CA GLY D 208 -31.48 -45.52 33.25
C GLY D 208 -32.45 -46.30 34.14
N LYS D 209 -33.56 -45.67 34.49
CA LYS D 209 -34.67 -46.31 35.22
C LYS D 209 -35.63 -47.09 34.32
N LYS D 210 -35.39 -47.04 33.01
CA LYS D 210 -36.16 -47.80 32.02
C LYS D 210 -35.60 -47.55 30.61
N THR D 211 -35.93 -48.44 29.68
CA THR D 211 -35.73 -48.17 28.27
C THR D 211 -36.84 -48.76 27.43
N THR D 212 -37.62 -47.88 26.81
CA THR D 212 -38.53 -48.27 25.74
C THR D 212 -37.76 -48.30 24.42
N THR D 213 -38.28 -49.14 23.53
CA THR D 213 -37.60 -49.38 22.30
C THR D 213 -38.60 -49.75 21.24
N ILE D 214 -38.12 -49.70 20.01
CA ILE D 214 -38.80 -50.29 18.86
C ILE D 214 -37.88 -51.28 18.19
N GLU D 215 -38.45 -52.46 17.92
CA GLU D 215 -37.70 -53.62 17.45
C GLU D 215 -38.31 -54.04 16.11
N GLY D 216 -37.44 -54.51 15.22
CA GLY D 216 -37.85 -55.15 13.97
C GLY D 216 -37.21 -56.52 13.75
N ILE D 217 -37.62 -57.18 12.65
CA ILE D 217 -37.05 -58.46 12.26
C ILE D 217 -36.67 -58.48 10.78
N ILE D 218 -35.40 -58.72 10.47
CA ILE D 218 -34.97 -58.86 9.07
C ILE D 218 -35.69 -60.07 8.42
N PRO D 219 -36.36 -59.90 7.28
CA PRO D 219 -37.20 -60.99 6.73
C PRO D 219 -36.55 -62.34 6.38
N ASP D 220 -35.44 -62.36 5.66
CA ASP D 220 -34.67 -63.60 5.48
C ASP D 220 -33.84 -64.09 6.68
N THR D 221 -33.19 -63.16 7.37
CA THR D 221 -32.30 -63.49 8.50
C THR D 221 -32.88 -64.16 9.74
N GLY D 222 -34.04 -63.71 10.20
CA GLY D 222 -34.66 -64.25 11.41
C GLY D 222 -34.08 -63.68 12.72
N ARG D 223 -33.06 -62.83 12.60
CA ARG D 223 -32.43 -62.17 13.74
C ARG D 223 -33.26 -60.94 14.14
N GLY D 224 -33.05 -60.46 15.38
CA GLY D 224 -33.74 -59.27 15.89
C GLY D 224 -32.91 -58.02 15.66
N ILE D 225 -33.52 -56.85 15.86
CA ILE D 225 -32.81 -55.58 15.75
C ILE D 225 -33.60 -54.40 16.33
N GLN D 226 -32.86 -53.52 16.97
CA GLN D 226 -33.40 -52.39 17.68
C GLN D 226 -33.20 -51.16 16.82
N ALA D 227 -34.30 -50.45 16.58
CA ALA D 227 -34.33 -49.34 15.59
C ALA D 227 -34.05 -48.01 16.25
N ALA D 228 -34.66 -47.82 17.42
CA ALA D 228 -34.50 -46.61 18.23
C ALA D 228 -34.92 -46.83 19.67
N THR D 229 -34.42 -45.95 20.54
CA THR D 229 -34.78 -46.02 21.95
C THR D 229 -35.19 -44.68 22.49
N SER D 230 -36.13 -44.77 23.44
CA SER D 230 -36.48 -43.67 24.30
C SER D 230 -36.41 -44.12 25.77
N HIS D 231 -35.46 -43.53 26.50
CA HIS D 231 -35.20 -43.89 27.89
C HIS D 231 -35.88 -42.95 28.88
N LEU D 232 -36.65 -43.53 29.79
CA LEU D 232 -36.93 -42.90 31.07
C LEU D 232 -35.70 -43.06 31.96
N LEU D 233 -35.10 -41.95 32.38
CA LEU D 233 -33.91 -41.96 33.21
C LEU D 233 -34.16 -41.76 34.70
N GLY D 234 -35.40 -41.46 35.10
CA GLY D 234 -35.71 -41.01 36.45
C GLY D 234 -34.68 -39.99 36.94
N GLN D 235 -34.30 -40.13 38.22
CA GLN D 235 -33.40 -39.16 38.90
C GLN D 235 -31.95 -39.67 39.06
N ASN D 236 -31.55 -40.58 38.17
CA ASN D 236 -30.22 -41.18 38.20
C ASN D 236 -29.09 -40.23 37.80
N PHE D 237 -29.15 -39.72 36.57
CA PHE D 237 -28.10 -38.80 36.11
C PHE D 237 -28.25 -37.48 36.87
N SER D 238 -29.44 -37.33 37.45
CA SER D 238 -29.78 -36.17 38.27
C SER D 238 -28.89 -36.11 39.52
N ARG D 239 -28.84 -37.21 40.29
CA ARG D 239 -27.87 -37.37 41.40
C ARG D 239 -26.45 -37.29 40.87
N MET D 240 -26.12 -38.10 39.90
CA MET D 240 -24.78 -38.08 39.36
C MET D 240 -24.26 -36.68 39.10
N PHE D 241 -25.02 -35.88 38.35
CA PHE D 241 -24.54 -34.55 37.93
C PHE D 241 -25.21 -33.44 38.77
N SER D 242 -26.08 -33.87 39.69
CA SER D 242 -26.79 -33.00 40.63
C SER D 242 -27.45 -31.86 39.86
N ILE D 243 -28.56 -32.22 39.25
CA ILE D 243 -29.34 -31.26 38.51
C ILE D 243 -30.56 -31.06 39.38
N GLU D 244 -30.52 -29.95 40.12
CA GLU D 244 -31.57 -29.61 41.05
C GLU D 244 -32.31 -28.31 40.66
N PHE D 245 -33.53 -28.18 41.17
CA PHE D 245 -34.32 -26.97 41.00
C PHE D 245 -35.18 -26.74 42.23
N GLU D 246 -35.33 -25.48 42.63
CA GLU D 246 -36.26 -25.16 43.72
C GLU D 246 -37.65 -25.34 43.21
N ASP D 247 -38.46 -26.10 43.90
CA ASP D 247 -39.85 -26.26 43.44
C ASP D 247 -40.59 -24.97 43.77
N GLU D 248 -41.92 -24.99 43.64
CA GLU D 248 -42.73 -23.81 43.89
C GLU D 248 -42.72 -23.50 45.38
N LYS D 249 -42.94 -24.53 46.21
CA LYS D 249 -42.89 -24.36 47.68
C LYS D 249 -41.53 -23.98 48.26
N GLY D 250 -40.45 -23.96 47.46
CA GLY D 250 -39.11 -23.56 47.93
C GLY D 250 -38.04 -24.66 48.03
N ALA D 251 -38.47 -25.92 48.07
CA ALA D 251 -37.55 -27.04 48.27
C ALA D 251 -36.81 -27.51 46.99
N LYS D 252 -35.48 -27.65 47.12
CA LYS D 252 -34.63 -28.28 46.09
C LYS D 252 -35.12 -29.67 45.75
N GLN D 253 -35.09 -29.97 44.45
CA GLN D 253 -35.48 -31.28 43.98
C GLN D 253 -34.60 -31.71 42.84
N LEU D 254 -34.65 -33.01 42.59
CA LEU D 254 -33.99 -33.61 41.47
C LEU D 254 -34.99 -33.62 40.33
N VAL D 255 -34.51 -33.19 39.17
CA VAL D 255 -35.23 -33.29 37.89
C VAL D 255 -35.36 -34.73 37.43
N HIS D 256 -36.50 -35.09 36.85
CA HIS D 256 -36.66 -36.41 36.18
C HIS D 256 -36.33 -36.32 34.71
N GLN D 257 -35.35 -37.08 34.22
CA GLN D 257 -34.87 -36.89 32.84
C GLN D 257 -35.25 -38.02 31.88
N THR D 258 -35.07 -37.72 30.58
CA THR D 258 -35.24 -38.66 29.46
C THR D 258 -34.10 -38.53 28.46
N SER D 259 -33.97 -39.56 27.63
CA SER D 259 -33.11 -39.47 26.45
C SER D 259 -33.54 -40.49 25.44
N TRP D 260 -33.20 -40.20 24.19
CA TRP D 260 -33.68 -40.99 23.08
C TRP D 260 -32.81 -40.72 21.92
N GLY D 261 -32.88 -41.64 20.98
CA GLY D 261 -31.97 -41.59 19.84
C GLY D 261 -32.32 -42.58 18.78
N CYS D 262 -31.90 -42.22 17.56
CA CYS D 262 -32.11 -42.98 16.35
C CYS D 262 -31.11 -42.53 15.31
N THR D 263 -30.62 -43.50 14.55
CA THR D 263 -29.42 -43.34 13.71
C THR D 263 -29.71 -43.63 12.23
N THR D 264 -28.63 -43.68 11.43
CA THR D 264 -28.71 -44.12 10.04
C THR D 264 -29.05 -45.60 9.87
N ARG D 265 -28.78 -46.42 10.87
CA ARG D 265 -29.24 -47.80 10.86
C ARG D 265 -30.56 -47.92 10.15
N SER D 266 -31.48 -47.02 10.46
CA SER D 266 -32.82 -47.03 9.84
C SER D 266 -32.79 -47.20 8.30
N LEU D 267 -31.92 -46.49 7.60
CA LEU D 267 -31.83 -46.68 6.14
C LEU D 267 -31.54 -48.13 5.82
N GLY D 268 -30.51 -48.67 6.46
CA GLY D 268 -30.17 -50.06 6.31
C GLY D 268 -31.33 -51.04 6.51
N VAL D 269 -32.12 -50.88 7.55
CA VAL D 269 -33.24 -51.79 7.81
C VAL D 269 -34.31 -51.71 6.71
N MET D 270 -34.51 -50.49 6.21
CA MET D 270 -35.52 -50.18 5.18
C MET D 270 -35.10 -50.84 3.89
N ILE D 271 -33.85 -50.62 3.50
CA ILE D 271 -33.28 -51.26 2.31
C ILE D 271 -33.50 -52.74 2.42
N MET D 272 -33.07 -53.33 3.52
CA MET D 272 -33.23 -54.76 3.77
C MET D 272 -34.64 -55.26 3.80
N THR D 273 -35.60 -54.40 4.06
CA THR D 273 -36.97 -54.88 4.19
C THR D 273 -37.64 -55.03 2.83
N HIS D 274 -37.27 -54.19 1.87
CA HIS D 274 -37.99 -54.09 0.59
C HIS D 274 -37.19 -54.47 -0.65
N GLY D 275 -35.88 -54.50 -0.54
CA GLY D 275 -35.03 -54.88 -1.65
C GLY D 275 -35.38 -56.25 -2.19
N ASP D 276 -35.02 -56.48 -3.44
CA ASP D 276 -35.31 -57.72 -4.14
C ASP D 276 -34.21 -57.91 -5.17
N ASP D 277 -34.31 -58.96 -5.98
CA ASP D 277 -33.14 -59.36 -6.76
C ASP D 277 -32.68 -58.48 -7.93
N LYS D 278 -33.51 -57.53 -8.36
CA LYS D 278 -33.08 -56.49 -9.31
C LYS D 278 -32.38 -55.40 -8.55
N GLY D 279 -32.61 -55.34 -7.24
CA GLY D 279 -31.89 -54.40 -6.36
C GLY D 279 -32.78 -53.68 -5.38
N LEU D 280 -32.54 -52.37 -5.25
CA LEU D 280 -33.27 -51.53 -4.28
C LEU D 280 -34.75 -51.33 -4.62
N VAL D 281 -35.59 -51.37 -3.58
CA VAL D 281 -36.95 -50.89 -3.70
C VAL D 281 -37.21 -49.86 -2.59
N LEU D 282 -37.09 -48.58 -2.95
CA LEU D 282 -37.27 -47.48 -2.01
C LEU D 282 -38.73 -47.05 -1.89
N PRO D 283 -39.19 -46.71 -0.66
CA PRO D 283 -40.54 -46.24 -0.48
C PRO D 283 -40.71 -44.82 -1.02
N PRO D 284 -41.87 -44.57 -1.70
CA PRO D 284 -42.16 -43.28 -2.35
C PRO D 284 -42.17 -42.07 -1.40
N ARG D 285 -42.45 -42.24 -0.11
CA ARG D 285 -42.47 -41.14 0.84
CA ARG D 285 -42.47 -41.06 0.75
C ARG D 285 -41.10 -40.57 1.21
N VAL D 286 -40.02 -41.21 0.78
CA VAL D 286 -38.69 -40.72 1.12
C VAL D 286 -37.79 -40.64 -0.10
N VAL D 287 -37.99 -41.55 -1.05
CA VAL D 287 -37.14 -41.60 -2.22
C VAL D 287 -36.91 -40.24 -2.89
N ALA D 288 -35.71 -40.02 -3.35
CA ALA D 288 -35.31 -38.73 -3.89
C ALA D 288 -36.11 -38.33 -5.11
N VAL D 289 -36.37 -39.33 -5.95
CA VAL D 289 -37.13 -39.17 -7.16
C VAL D 289 -38.16 -40.27 -7.15
N GLN D 290 -39.40 -39.89 -7.40
CA GLN D 290 -40.53 -40.83 -7.33
C GLN D 290 -40.95 -41.38 -8.69
N ALA D 291 -40.87 -40.55 -9.71
CA ALA D 291 -41.18 -40.99 -11.02
C ALA D 291 -40.05 -40.51 -11.90
N VAL D 292 -39.67 -41.32 -12.87
CA VAL D 292 -38.65 -40.85 -13.79
C VAL D 292 -39.17 -41.10 -15.18
N ILE D 293 -39.01 -40.09 -16.01
CA ILE D 293 -39.56 -40.06 -17.34
C ILE D 293 -38.46 -40.41 -18.30
N ILE D 294 -38.70 -41.38 -19.17
CA ILE D 294 -37.63 -41.85 -20.06
C ILE D 294 -38.04 -41.69 -21.51
N PRO D 295 -37.44 -40.76 -22.20
CA PRO D 295 -37.70 -40.68 -23.60
C PRO D 295 -37.21 -41.94 -24.33
N ILE D 296 -37.86 -42.27 -25.45
CA ILE D 296 -37.48 -43.38 -26.32
C ILE D 296 -37.66 -42.92 -27.78
N ILE D 297 -36.54 -42.83 -28.51
CA ILE D 297 -36.49 -42.14 -29.78
C ILE D 297 -35.86 -43.04 -30.82
N PHE D 298 -36.39 -43.03 -32.04
CA PHE D 298 -35.89 -43.85 -33.15
C PHE D 298 -35.00 -43.09 -34.14
N MET D 304 -37.20 -35.18 -30.30
CA MET D 304 -37.37 -33.75 -29.92
C MET D 304 -38.79 -33.36 -29.45
N GLU D 305 -39.82 -33.53 -30.30
CA GLU D 305 -41.22 -33.52 -29.82
C GLU D 305 -41.34 -34.50 -28.60
N ILE D 306 -40.61 -35.62 -28.67
CA ILE D 306 -40.67 -36.63 -27.63
C ILE D 306 -40.18 -36.03 -26.35
N VAL D 307 -39.02 -35.39 -26.47
CA VAL D 307 -38.34 -34.80 -25.31
C VAL D 307 -39.11 -33.60 -24.80
N ALA D 308 -39.47 -32.71 -25.71
CA ALA D 308 -40.33 -31.59 -25.39
C ALA D 308 -41.53 -32.01 -24.51
N LYS D 309 -42.22 -33.07 -24.90
CA LYS D 309 -43.40 -33.53 -24.16
C LYS D 309 -43.03 -34.18 -22.84
N CYS D 310 -41.85 -34.76 -22.75
CA CYS D 310 -41.38 -35.32 -21.47
C CYS D 310 -41.21 -34.22 -20.47
N ARG D 311 -40.79 -33.06 -20.96
CA ARG D 311 -40.59 -31.90 -20.11
C ARG D 311 -41.92 -31.26 -19.70
N GLU D 312 -42.87 -31.19 -20.63
CA GLU D 312 -44.21 -30.70 -20.36
C GLU D 312 -44.81 -31.56 -19.32
N LEU D 313 -44.58 -32.87 -19.39
CA LEU D 313 -45.15 -33.78 -18.40
C LEU D 313 -44.55 -33.50 -17.02
N GLU D 314 -43.24 -33.30 -17.00
CA GLU D 314 -42.48 -33.01 -15.78
C GLU D 314 -43.02 -31.82 -15.05
N ARG D 315 -43.20 -30.72 -15.79
CA ARG D 315 -43.97 -29.55 -15.34
C ARG D 315 -45.31 -29.92 -14.70
N LEU D 316 -46.17 -30.57 -15.45
CA LEU D 316 -47.47 -30.99 -14.96
C LEU D 316 -47.40 -31.80 -13.65
N LEU D 317 -46.45 -32.72 -13.60
CA LEU D 317 -46.34 -33.57 -12.42
C LEU D 317 -45.68 -32.89 -11.24
N ASN D 318 -44.74 -31.97 -11.51
CA ASN D 318 -44.17 -31.19 -10.42
C ASN D 318 -45.25 -30.38 -9.79
N ALA D 319 -46.02 -29.71 -10.64
CA ALA D 319 -47.20 -28.95 -10.21
C ALA D 319 -48.12 -29.73 -9.29
N ALA D 320 -48.23 -31.05 -9.43
CA ALA D 320 -49.09 -31.82 -8.53
C ALA D 320 -48.32 -32.29 -7.31
N GLY D 321 -47.07 -31.87 -7.24
CA GLY D 321 -46.20 -32.15 -6.09
C GLY D 321 -45.46 -33.47 -6.18
N VAL D 322 -45.33 -34.02 -7.38
CA VAL D 322 -44.56 -35.22 -7.53
C VAL D 322 -43.09 -34.83 -7.77
N ARG D 323 -42.20 -35.64 -7.17
CA ARG D 323 -40.77 -35.58 -7.44
C ARG D 323 -40.41 -36.31 -8.74
N VAL D 324 -40.10 -35.55 -9.78
CA VAL D 324 -39.86 -36.11 -11.09
C VAL D 324 -38.61 -35.61 -11.76
N LYS D 325 -38.10 -36.45 -12.65
CA LYS D 325 -36.90 -36.17 -13.40
C LYS D 325 -37.05 -36.78 -14.79
N VAL D 326 -36.74 -36.01 -15.83
CA VAL D 326 -36.58 -36.58 -17.15
C VAL D 326 -35.15 -37.06 -17.19
N ASP D 327 -34.96 -38.31 -17.58
CA ASP D 327 -33.63 -38.81 -17.85
C ASP D 327 -33.27 -38.56 -19.32
N ASP D 328 -32.73 -37.39 -19.58
CA ASP D 328 -32.39 -36.97 -20.94
C ASP D 328 -30.90 -37.20 -21.31
N ARG D 329 -30.26 -38.18 -20.68
CA ARG D 329 -28.88 -38.47 -21.03
C ARG D 329 -28.74 -38.87 -22.48
N THR D 330 -27.83 -38.18 -23.17
CA THR D 330 -27.59 -38.41 -24.58
C THR D 330 -26.62 -39.57 -24.85
N ASN D 331 -26.78 -40.11 -26.06
CA ASN D 331 -26.10 -41.31 -26.46
C ASN D 331 -26.04 -42.36 -25.37
N TYR D 332 -27.18 -42.99 -25.09
CA TYR D 332 -27.34 -43.90 -23.96
C TYR D 332 -28.71 -44.60 -24.09
N THR D 333 -28.74 -45.89 -24.37
CA THR D 333 -30.02 -46.48 -24.76
C THR D 333 -30.94 -46.67 -23.57
N PRO D 334 -32.21 -46.32 -23.74
CA PRO D 334 -33.21 -46.37 -22.68
C PRO D 334 -33.19 -47.64 -21.83
N GLY D 335 -32.96 -48.79 -22.43
CA GLY D 335 -32.90 -50.03 -21.67
C GLY D 335 -31.84 -49.98 -20.57
N TRP D 336 -30.74 -49.30 -20.84
CA TRP D 336 -29.75 -49.05 -19.79
C TRP D 336 -30.30 -48.09 -18.71
N LYS D 337 -30.90 -46.96 -19.13
CA LYS D 337 -31.73 -46.14 -18.22
C LYS D 337 -32.76 -46.96 -17.39
N PHE D 338 -33.62 -47.73 -18.03
CA PHE D 338 -34.58 -48.50 -17.27
C PHE D 338 -33.85 -49.21 -16.16
N ASN D 339 -32.63 -49.63 -16.45
CA ASN D 339 -31.86 -50.43 -15.49
C ASN D 339 -31.32 -49.57 -14.37
N ASP D 340 -30.58 -48.53 -14.75
CA ASP D 340 -30.07 -47.55 -13.83
C ASP D 340 -31.06 -47.25 -12.72
N TRP D 341 -32.31 -46.94 -13.07
CA TRP D 341 -33.30 -46.51 -12.09
C TRP D 341 -33.98 -47.64 -11.34
N GLU D 342 -34.00 -48.85 -11.90
CA GLU D 342 -34.57 -50.03 -11.20
C GLU D 342 -33.68 -50.48 -10.04
N LEU D 343 -32.37 -50.33 -10.28
CA LEU D 343 -31.32 -50.56 -9.29
C LEU D 343 -31.32 -49.51 -8.19
N LYS D 344 -31.53 -48.28 -8.56
CA LYS D 344 -31.67 -47.19 -7.63
C LYS D 344 -32.95 -47.29 -6.85
N GLY D 345 -33.93 -48.03 -7.33
CA GLY D 345 -35.19 -48.20 -6.58
C GLY D 345 -36.30 -47.16 -6.83
N VAL D 346 -36.17 -46.39 -7.93
CA VAL D 346 -37.16 -45.37 -8.27
C VAL D 346 -38.53 -45.98 -8.43
N PRO D 347 -39.53 -45.51 -7.65
CA PRO D 347 -40.78 -46.29 -7.61
C PRO D 347 -41.53 -46.43 -8.95
N LEU D 348 -41.56 -45.40 -9.80
CA LEU D 348 -42.24 -45.49 -11.09
C LEU D 348 -41.36 -45.01 -12.24
N ARG D 349 -41.24 -45.87 -13.26
CA ARG D 349 -40.69 -45.43 -14.53
C ARG D 349 -41.88 -45.05 -15.37
N LEU D 350 -41.75 -43.91 -16.07
CA LEU D 350 -42.71 -43.43 -17.02
C LEU D 350 -42.06 -43.34 -18.39
N GLU D 351 -42.26 -44.35 -19.22
CA GLU D 351 -41.64 -44.38 -20.56
C GLU D 351 -42.48 -43.55 -21.52
N ILE D 352 -41.84 -42.88 -22.46
CA ILE D 352 -42.56 -42.22 -23.53
C ILE D 352 -41.94 -42.49 -24.90
N GLY D 353 -42.63 -43.30 -25.69
CA GLY D 353 -42.22 -43.57 -27.04
C GLY D 353 -43.07 -42.79 -28.00
N PRO D 354 -42.80 -42.94 -29.30
CA PRO D 354 -43.56 -42.24 -30.31
C PRO D 354 -45.03 -42.64 -30.28
N ARG D 355 -45.32 -43.89 -29.96
CA ARG D 355 -46.71 -44.28 -29.79
C ARG D 355 -47.30 -43.52 -28.62
N ASP D 356 -46.59 -43.46 -27.51
CA ASP D 356 -47.15 -42.81 -26.35
C ASP D 356 -47.28 -41.31 -26.55
N VAL D 357 -46.56 -40.74 -27.50
CA VAL D 357 -46.78 -39.35 -27.76
C VAL D 357 -48.07 -39.15 -28.51
N GLU D 358 -48.29 -39.94 -29.55
CA GLU D 358 -49.48 -39.84 -30.40
C GLU D 358 -50.80 -40.17 -29.70
N SER D 359 -50.85 -41.28 -28.96
CA SER D 359 -51.79 -41.41 -27.85
C SER D 359 -51.22 -40.38 -26.93
N CYS D 360 -51.94 -39.94 -25.92
CA CYS D 360 -51.39 -38.84 -25.13
C CYS D 360 -51.18 -39.33 -23.75
N GLN D 361 -50.18 -40.21 -23.66
CA GLN D 361 -50.04 -41.06 -22.49
C GLN D 361 -48.60 -41.42 -22.16
N THR D 362 -48.43 -42.21 -21.11
CA THR D 362 -47.15 -42.72 -20.77
C THR D 362 -47.30 -44.14 -20.23
N ARG D 363 -46.27 -44.94 -20.50
CA ARG D 363 -46.24 -46.31 -20.09
C ARG D 363 -45.57 -46.36 -18.75
N VAL D 364 -46.32 -46.76 -17.75
CA VAL D 364 -45.92 -46.52 -16.41
C VAL D 364 -45.66 -47.85 -15.74
N VAL D 365 -44.41 -48.10 -15.39
CA VAL D 365 -44.04 -49.39 -14.83
C VAL D 365 -43.80 -49.23 -13.34
N ARG D 366 -44.37 -50.17 -12.59
CA ARG D 366 -44.32 -50.19 -11.12
C ARG D 366 -43.11 -51.01 -10.60
N ARG D 367 -42.09 -50.33 -10.11
CA ARG D 367 -40.86 -51.01 -9.67
C ARG D 367 -41.03 -52.23 -8.79
N ASP D 368 -41.89 -52.20 -7.80
CA ASP D 368 -41.96 -53.33 -6.84
C ASP D 368 -42.66 -54.59 -7.36
N THR D 369 -43.48 -54.46 -8.42
CA THR D 369 -44.26 -55.58 -8.96
C THR D 369 -44.11 -55.72 -10.47
N SER D 370 -43.39 -54.81 -11.11
CA SER D 370 -43.31 -54.81 -12.56
C SER D 370 -44.59 -54.60 -13.34
N GLU D 371 -45.74 -54.45 -12.68
CA GLU D 371 -47.00 -54.18 -13.40
C GLU D 371 -46.80 -52.92 -14.25
N ALA D 372 -47.32 -52.93 -15.48
CA ALA D 372 -47.29 -51.77 -16.35
C ALA D 372 -48.72 -51.24 -16.48
N ARG D 373 -48.89 -50.01 -16.91
CA ARG D 373 -50.21 -49.44 -17.00
C ARG D 373 -50.06 -48.21 -17.84
N ASN D 374 -50.99 -47.96 -18.75
CA ASN D 374 -50.90 -46.79 -19.55
C ASN D 374 -51.64 -45.67 -18.84
N VAL D 375 -51.02 -44.51 -18.72
CA VAL D 375 -51.68 -43.38 -18.08
C VAL D 375 -51.74 -42.22 -19.03
N PRO D 376 -52.94 -41.70 -19.25
CA PRO D 376 -53.00 -40.54 -20.11
C PRO D 376 -52.42 -39.32 -19.38
N TRP D 377 -51.76 -38.43 -20.12
CA TRP D 377 -51.27 -37.18 -19.56
C TRP D 377 -52.41 -36.39 -18.90
N ALA D 378 -53.54 -36.36 -19.59
CA ALA D 378 -54.77 -35.81 -19.06
C ALA D 378 -55.03 -36.26 -17.63
N GLU D 379 -54.88 -37.54 -17.33
CA GLU D 379 -55.14 -38.03 -15.98
C GLU D 379 -53.90 -38.23 -15.11
N ALA D 380 -52.76 -37.66 -15.50
CA ALA D 380 -51.50 -37.97 -14.79
C ALA D 380 -51.51 -37.40 -13.38
N ALA D 381 -51.73 -36.09 -13.31
CA ALA D 381 -51.75 -35.33 -12.08
C ALA D 381 -52.58 -35.94 -10.96
N SER D 382 -53.51 -36.86 -11.29
CA SER D 382 -54.31 -37.52 -10.24
C SER D 382 -53.86 -38.91 -9.97
N THR D 383 -53.73 -39.68 -11.06
CA THR D 383 -53.39 -41.10 -10.98
C THR D 383 -52.04 -41.40 -10.33
N ILE D 384 -51.03 -40.62 -10.71
CA ILE D 384 -49.66 -40.87 -10.29
C ILE D 384 -49.54 -40.69 -8.78
N PRO D 385 -49.90 -39.50 -8.24
CA PRO D 385 -49.88 -39.47 -6.80
C PRO D 385 -50.67 -40.61 -6.17
N ALA D 386 -51.79 -40.99 -6.80
CA ALA D 386 -52.60 -42.11 -6.30
C ALA D 386 -51.80 -43.42 -6.26
N MET D 387 -51.01 -43.64 -7.29
CA MET D 387 -50.20 -44.84 -7.35
C MET D 387 -49.08 -44.84 -6.32
N LEU D 388 -48.30 -43.76 -6.26
CA LEU D 388 -47.27 -43.69 -5.23
C LEU D 388 -47.88 -44.03 -3.86
N GLU D 389 -49.08 -43.53 -3.55
CA GLU D 389 -49.68 -43.82 -2.23
C GLU D 389 -50.15 -45.25 -2.11
N THR D 390 -50.64 -45.84 -3.20
CA THR D 390 -50.98 -47.27 -3.17
C THR D 390 -49.71 -48.10 -2.91
N MET D 391 -48.66 -47.80 -3.67
CA MET D 391 -47.38 -48.51 -3.57
C MET D 391 -46.84 -48.47 -2.15
N GLN D 392 -46.76 -47.25 -1.61
CA GLN D 392 -46.35 -47.04 -0.23
C GLN D 392 -47.10 -47.94 0.76
N LYS D 393 -48.41 -47.98 0.64
CA LYS D 393 -49.22 -48.82 1.52
C LYS D 393 -48.89 -50.28 1.28
N ASP D 394 -48.80 -50.66 0.01
CA ASP D 394 -48.53 -52.05 -0.35
C ASP D 394 -47.18 -52.50 0.21
N LEU D 395 -46.19 -51.64 0.07
CA LEU D 395 -44.86 -51.99 0.56
C LEU D 395 -44.90 -52.33 2.03
N PHE D 396 -45.77 -51.64 2.75
CA PHE D 396 -45.90 -51.81 4.17
C PHE D 396 -46.58 -53.11 4.49
N ASN D 397 -47.76 -53.32 3.91
CA ASN D 397 -48.58 -54.48 4.27
C ASN D 397 -47.90 -55.79 4.03
N LYS D 398 -47.24 -55.87 2.87
CA LYS D 398 -46.47 -57.03 2.51
C LYS D 398 -45.36 -57.18 3.54
N ALA D 399 -44.50 -56.15 3.66
CA ALA D 399 -43.46 -56.12 4.71
C ALA D 399 -44.00 -56.55 6.08
N LYS D 400 -45.20 -56.11 6.42
CA LYS D 400 -45.79 -56.40 7.74
C LYS D 400 -46.16 -57.87 7.95
N ALA D 401 -46.82 -58.48 6.96
CA ALA D 401 -47.24 -59.87 7.11
C ALA D 401 -46.01 -60.79 7.27
N LYS D 402 -44.94 -60.51 6.52
CA LYS D 402 -43.67 -61.23 6.76
C LYS D 402 -43.22 -61.02 8.20
N PHE D 403 -43.34 -59.80 8.69
CA PHE D 403 -43.05 -59.52 10.07
C PHE D 403 -43.89 -60.44 10.98
N GLU D 404 -45.20 -60.42 10.80
CA GLU D 404 -46.13 -61.14 11.67
C GLU D 404 -45.92 -62.67 11.62
N ALA D 405 -45.76 -63.20 10.41
CA ALA D 405 -45.59 -64.65 10.21
C ALA D 405 -44.24 -65.18 10.71
N SER D 406 -43.36 -64.28 11.13
CA SER D 406 -42.09 -64.68 11.75
C SER D 406 -42.16 -64.74 13.28
N ILE D 407 -43.34 -64.57 13.88
CA ILE D 407 -43.44 -64.71 15.33
C ILE D 407 -44.54 -65.70 15.72
N GLU D 408 -44.16 -66.77 16.43
CA GLU D 408 -45.12 -67.72 16.99
C GLU D 408 -45.15 -67.55 18.51
N GLN D 409 -46.37 -67.61 19.03
CA GLN D 409 -46.62 -67.46 20.46
C GLN D 409 -46.59 -68.84 21.17
N ILE D 410 -45.64 -69.04 22.08
CA ILE D 410 -45.29 -70.36 22.63
C ILE D 410 -45.34 -70.40 24.16
N THR D 411 -45.52 -71.60 24.73
CA THR D 411 -45.62 -71.77 26.21
C THR D 411 -44.39 -72.44 26.85
N THR D 412 -43.87 -73.50 26.22
CA THR D 412 -42.72 -74.22 26.77
C THR D 412 -41.48 -74.09 25.91
N PHE D 413 -40.32 -74.31 26.53
CA PHE D 413 -39.04 -74.39 25.83
C PHE D 413 -39.10 -75.43 24.67
N ASP D 414 -40.08 -76.36 24.73
CA ASP D 414 -40.33 -77.39 23.69
C ASP D 414 -40.43 -76.82 22.25
N GLU D 415 -41.15 -75.72 22.09
CA GLU D 415 -41.28 -75.11 20.76
C GLU D 415 -40.14 -74.15 20.39
N VAL D 416 -39.29 -73.81 21.36
CA VAL D 416 -38.20 -72.86 21.13
C VAL D 416 -37.11 -73.25 20.11
N MET D 417 -36.57 -74.44 20.15
CA MET D 417 -35.58 -74.75 19.15
C MET D 417 -36.14 -74.92 17.75
N PRO D 418 -37.37 -75.43 17.63
CA PRO D 418 -38.05 -75.50 16.31
C PRO D 418 -38.43 -74.17 15.61
N ALA D 419 -39.10 -73.24 16.31
CA ALA D 419 -39.33 -71.89 15.77
C ALA D 419 -38.00 -71.19 15.50
N LEU D 420 -37.11 -71.17 16.51
CA LEU D 420 -35.78 -70.54 16.35
C LEU D 420 -35.07 -70.99 15.07
N ASN D 421 -35.30 -72.25 14.66
CA ASN D 421 -34.68 -72.84 13.44
C ASN D 421 -35.39 -72.50 12.14
N ARG D 422 -36.70 -72.29 12.20
CA ARG D 422 -37.49 -71.77 11.06
C ARG D 422 -37.15 -70.30 10.69
N ARG D 423 -36.06 -69.77 11.27
CA ARG D 423 -35.69 -68.35 11.18
C ARG D 423 -36.73 -67.40 11.89
N HIS D 424 -37.42 -67.90 12.92
CA HIS D 424 -38.46 -67.12 13.61
C HIS D 424 -38.03 -66.63 15.02
N VAL D 425 -38.90 -65.78 15.61
CA VAL D 425 -38.69 -65.19 16.91
C VAL D 425 -39.90 -65.61 17.76
N VAL D 426 -39.75 -65.61 19.08
CA VAL D 426 -40.77 -66.22 19.96
C VAL D 426 -41.33 -65.28 21.03
N LEU D 427 -42.61 -65.48 21.34
CA LEU D 427 -43.35 -64.69 22.32
C LEU D 427 -43.80 -65.59 23.48
N ALA D 428 -43.11 -65.49 24.61
CA ALA D 428 -43.32 -66.40 25.73
C ALA D 428 -43.74 -65.67 26.98
N PRO D 429 -44.57 -66.31 27.86
CA PRO D 429 -44.76 -65.74 29.18
C PRO D 429 -43.44 -65.77 29.96
N TRP D 430 -43.28 -64.92 30.97
CA TRP D 430 -42.00 -64.85 31.65
C TRP D 430 -42.01 -64.33 33.13
N CYS D 431 -41.11 -64.93 33.91
CA CYS D 431 -40.79 -64.52 35.28
C CYS D 431 -39.95 -63.24 35.34
N GLU D 432 -39.33 -62.88 34.23
CA GLU D 432 -38.52 -61.67 34.14
C GLU D 432 -37.41 -61.64 35.17
N ASP D 433 -36.98 -62.80 35.65
CA ASP D 433 -35.87 -62.85 36.60
C ASP D 433 -34.55 -62.61 35.84
N PRO D 434 -33.91 -61.45 36.07
CA PRO D 434 -32.63 -61.09 35.43
C PRO D 434 -31.60 -62.23 35.28
N GLU D 435 -31.46 -63.05 36.33
CA GLU D 435 -30.54 -64.18 36.32
C GLU D 435 -30.82 -65.05 35.09
N THR D 436 -32.09 -65.44 34.92
CA THR D 436 -32.51 -66.34 33.83
C THR D 436 -32.14 -65.80 32.44
N GLU D 437 -32.16 -64.48 32.24
CA GLU D 437 -31.79 -63.89 30.92
C GLU D 437 -30.62 -64.56 30.22
N THR D 438 -29.49 -64.69 30.92
CA THR D 438 -28.31 -65.38 30.36
C THR D 438 -28.26 -66.88 30.76
N GLN D 439 -29.18 -67.32 31.62
CA GLN D 439 -29.49 -68.76 31.76
C GLN D 439 -30.09 -69.32 30.45
N ILE D 440 -30.84 -68.46 29.75
CA ILE D 440 -31.46 -68.79 28.45
C ILE D 440 -30.47 -68.49 27.31
N LYS D 441 -29.71 -67.40 27.43
CA LYS D 441 -28.78 -67.02 26.36
C LYS D 441 -27.57 -67.97 26.25
N ARG D 442 -27.44 -68.94 27.17
CA ARG D 442 -26.36 -69.96 27.14
C ARG D 442 -26.90 -71.39 26.85
N GLU D 443 -28.05 -71.77 27.42
CA GLU D 443 -28.74 -73.04 27.07
C GLU D 443 -28.93 -73.15 25.56
N THR D 444 -29.71 -72.21 25.00
CA THR D 444 -29.86 -71.98 23.54
C THR D 444 -28.52 -71.79 22.79
N GLN D 445 -27.67 -70.89 23.30
CA GLN D 445 -26.38 -70.52 22.67
C GLN D 445 -25.43 -71.67 22.43
N ARG D 446 -25.67 -72.83 23.07
CA ARG D 446 -24.98 -74.09 22.73
C ARG D 446 -25.62 -74.75 21.50
N LEU D 447 -26.89 -75.16 21.67
CA LEU D 447 -27.63 -75.98 20.71
C LEU D 447 -27.87 -75.19 19.41
N GLY D 461 -25.50 -66.66 16.96
CA GLY D 461 -25.81 -67.96 17.53
C GLY D 461 -26.87 -67.91 18.63
N ALA D 462 -26.53 -67.21 19.72
CA ALA D 462 -27.39 -67.12 20.95
C ALA D 462 -28.77 -66.45 20.78
N MET D 463 -29.72 -66.95 21.56
CA MET D 463 -31.00 -66.27 21.71
C MET D 463 -30.96 -65.32 22.91
N LYS D 464 -31.26 -64.04 22.68
CA LYS D 464 -31.63 -63.11 23.77
C LYS D 464 -33.14 -62.68 23.76
N PRO D 465 -33.63 -62.11 24.89
CA PRO D 465 -34.90 -61.39 24.80
C PRO D 465 -34.68 -60.13 23.99
N LEU D 466 -35.79 -59.56 23.53
CA LEU D 466 -35.72 -58.41 22.62
C LEU D 466 -36.47 -57.23 23.20
N CYS D 467 -37.71 -57.50 23.61
CA CYS D 467 -38.51 -56.53 24.31
C CYS D 467 -39.82 -57.11 24.74
N ILE D 468 -40.42 -56.51 25.76
CA ILE D 468 -41.75 -56.88 26.18
C ILE D 468 -42.78 -55.93 25.55
N PRO D 469 -43.58 -56.43 24.61
CA PRO D 469 -44.51 -55.61 23.82
C PRO D 469 -45.58 -54.92 24.64
N PHE D 470 -45.77 -53.62 24.46
CA PHE D 470 -46.89 -52.91 25.12
C PHE D 470 -48.23 -53.54 24.77
N ASP D 471 -48.44 -53.79 23.48
CA ASP D 471 -49.65 -54.46 23.04
C ASP D 471 -49.46 -55.92 23.49
N GLN D 472 -50.19 -56.33 24.53
CA GLN D 472 -49.94 -57.61 25.23
C GLN D 472 -51.08 -58.60 25.05
N PRO D 473 -50.76 -59.84 24.73
CA PRO D 473 -51.76 -60.90 24.56
C PRO D 473 -52.39 -61.25 25.90
N PRO D 474 -53.64 -61.74 25.88
CA PRO D 474 -54.35 -62.09 27.11
C PRO D 474 -53.65 -63.23 27.85
N MET D 475 -53.65 -63.16 29.18
CA MET D 475 -52.98 -64.18 29.99
C MET D 475 -53.92 -64.99 30.89
N CYS D 481 -44.37 -69.53 33.88
CA CYS D 481 -43.20 -68.98 33.21
C CYS D 481 -42.65 -70.07 32.28
N PHE D 482 -42.22 -69.68 31.09
CA PHE D 482 -41.73 -70.62 30.08
C PHE D 482 -40.35 -71.22 30.44
N PHE D 483 -39.70 -70.72 31.49
CA PHE D 483 -38.34 -71.17 31.87
C PHE D 483 -38.19 -71.72 33.31
N THR D 484 -39.25 -71.59 34.11
CA THR D 484 -39.25 -72.00 35.52
C THR D 484 -40.59 -72.58 35.97
N GLY D 485 -41.70 -72.13 35.37
CA GLY D 485 -43.05 -72.65 35.68
C GLY D 485 -43.83 -71.76 36.64
N ARG D 486 -43.24 -70.63 37.03
CA ARG D 486 -43.80 -69.74 38.06
C ARG D 486 -45.01 -68.92 37.59
N TRP D 491 -45.15 -61.91 29.22
CA TRP D 491 -45.26 -62.12 27.77
C TRP D 491 -44.14 -61.48 26.94
N CYS D 492 -42.89 -61.74 27.30
CA CYS D 492 -41.75 -61.15 26.59
C CYS D 492 -41.51 -61.79 25.20
N LEU D 493 -40.56 -61.20 24.48
CA LEU D 493 -40.20 -61.59 23.14
C LEU D 493 -38.69 -61.89 23.07
N PHE D 494 -38.36 -63.04 22.48
CA PHE D 494 -36.97 -63.48 22.35
C PHE D 494 -36.71 -64.00 20.95
N GLY D 495 -35.46 -63.88 20.52
CA GLY D 495 -35.01 -64.34 19.19
C GLY D 495 -33.54 -64.01 19.04
N ARG D 496 -32.92 -64.38 17.92
CA ARG D 496 -31.48 -64.06 17.67
C ARG D 496 -31.25 -62.56 17.53
N SER D 497 -29.99 -62.16 17.60
CA SER D 497 -29.65 -60.74 17.68
C SER D 497 -28.83 -60.27 16.48
N TYR D 498 -28.69 -58.95 16.35
CA TYR D 498 -27.60 -58.33 15.60
C TYR D 498 -26.75 -57.55 16.62
PG ANP E . 32.15 52.83 -12.51
O1G ANP E . 31.04 51.93 -12.22
O2G ANP E . 31.66 54.26 -12.90
O3G ANP E . 33.07 53.03 -11.26
PB ANP E . 33.85 50.93 -13.18
O1B ANP E . 33.45 50.45 -11.77
O2B ANP E . 35.27 51.03 -13.31
N3B ANP E . 33.02 52.18 -13.72
PA ANP E . 33.88 48.21 -14.30
O1A ANP E . 34.72 47.87 -13.13
O2A ANP E . 34.42 47.99 -15.66
O3A ANP E . 33.41 49.75 -14.17
O5' ANP E . 32.48 47.42 -14.17
C5' ANP E . 31.94 46.74 -15.31
C4' ANP E . 30.42 46.83 -15.28
O4' ANP E . 29.91 46.27 -14.06
C3' ANP E . 30.01 48.28 -15.21
O3' ANP E . 30.00 48.85 -16.53
C2' ANP E . 28.60 48.18 -14.68
O2' ANP E . 27.71 47.69 -15.70
C1' ANP E . 28.79 47.08 -13.62
N9 ANP E . 29.09 47.67 -12.30
C8 ANP E . 30.10 48.54 -11.99
N7 ANP E . 30.12 48.90 -10.71
C5 ANP E . 29.05 48.22 -10.16
C6 ANP E . 28.53 48.18 -8.85
N6 ANP E . 29.06 48.86 -7.84
N1 ANP E . 27.45 47.41 -8.62
C2 ANP E . 26.91 46.71 -9.62
N3 ANP E . 27.32 46.69 -10.90
C4 ANP E . 28.41 47.46 -11.13
MG MG F . 33.58 51.40 -10.16
O4' HFG G . 37.01 45.85 -13.41
C21 HFG G . 37.70 46.51 -14.17
C3' HFG G . 38.24 45.92 -15.49
C2' HFG G . 37.46 44.65 -15.83
N1' HFG G . 37.68 43.60 -14.81
C6' HFG G . 36.92 42.38 -15.12
C5' HFG G . 35.43 42.68 -15.20
C4' HFG G . 35.17 43.73 -16.27
C39 HFG G . 35.98 44.98 -15.95
O7' HFG G . 35.78 45.95 -17.00
C1' HFG G . 38.11 47.96 -13.88
N3 HFG G . 38.18 48.16 -12.42
C4 HFG G . 39.37 47.85 -11.77
O11 HFG G . 40.35 47.42 -12.39
C10 HFG G . 39.37 48.08 -10.33
C5 HFG G . 40.51 47.81 -9.58
C2 HFG G . 37.13 48.63 -11.71
N1 HFG G . 37.08 48.85 -10.44
C9 HFG G . 38.22 48.58 -9.71
C8 HFG G . 38.22 48.79 -8.33
C7 HFG G . 39.37 48.52 -7.58
BR1 HFG G . 39.35 48.83 -5.73
C6 HFG G . 40.50 48.04 -8.20
CL1 HFG G . 41.92 47.69 -7.28
PG ANP H . 33.98 20.58 10.75
O1G ANP H . 34.36 21.03 12.19
O2G ANP H . 34.34 21.77 9.81
O3G ANP H . 34.69 19.35 10.36
PB ANP H . 31.57 21.63 10.81
O1B ANP H . 30.38 21.53 11.60
O2B ANP H . 32.42 22.85 11.20
N3B ANP H . 32.39 20.26 10.67
PA ANP H . 29.62 21.89 8.73
O1A ANP H . 28.96 20.62 9.14
O2A ANP H . 28.96 23.17 9.06
O3A ANP H . 31.08 21.91 9.33
O5' ANP H . 29.90 21.85 7.16
C5' ANP H . 29.09 21.01 6.35
C4' ANP H . 29.97 20.08 5.57
O4' ANP H . 30.81 20.95 4.78
C3' ANP H . 30.91 19.30 6.49
O3' ANP H . 30.31 18.04 6.86
C2' ANP H . 32.09 19.12 5.60
O2' ANP H . 31.89 18.03 4.69
C1' ANP H . 32.14 20.40 4.79
N9 ANP H . 33.14 21.40 5.30
C8 ANP H . 33.18 21.95 6.55
N7 ANP H . 34.18 22.81 6.73
C5 ANP H . 34.83 22.80 5.49
C6 ANP H . 35.97 23.50 5.02
N6 ANP H . 36.65 24.35 5.77
N1 ANP H . 36.37 23.30 3.76
C2 ANP H . 35.68 22.44 2.99
N3 ANP H . 34.60 21.73 3.34
C4 ANP H . 34.20 21.94 4.61
MG MG I . 34.26 23.46 11.24
O4' HFG J . 27.43 25.75 9.61
C21 HFG J . 27.08 25.06 10.56
C3' HFG J . 25.71 24.35 10.58
C2' HFG J . 25.07 24.44 9.19
N1' HFG J . 25.10 25.82 8.69
C6' HFG J . 24.49 25.91 7.35
C5' HFG J . 25.22 25.02 6.37
C4' HFG J . 25.18 23.58 6.85
C39 HFG J . 25.79 23.50 8.24
O7' HFG J . 25.70 22.15 8.74
C1' HFG J . 27.96 24.85 11.79
N3 HFG J . 28.97 25.93 11.86
C4 HFG J . 28.59 27.15 12.41
O11 HFG J . 27.44 27.35 12.82
C10 HFG J . 29.65 28.16 12.44
C5 HFG J . 29.39 29.42 12.97
C2 HFG J . 30.23 25.73 11.42
N1 HFG J . 31.20 26.60 11.43
C9 HFG J . 30.92 27.86 11.95
C8 HFG J . 31.92 28.82 11.98
C7 HFG J . 31.66 30.08 12.51
BR1 HFG J . 33.02 31.37 12.54
C6 HFG J . 30.39 30.38 13.00
CL1 HFG J . 30.06 31.95 13.64
PG ANP K . -8.42 -17.57 7.60
O1G ANP K . -8.14 -18.76 8.55
O2G ANP K . -7.06 -16.89 7.33
O3G ANP K . -9.38 -16.63 8.14
PB ANP K . -9.29 -19.85 5.83
O1B ANP K . -9.08 -20.74 7.05
O2B ANP K . -8.59 -20.34 4.70
N3B ANP K . -9.06 -18.20 6.13
PA ANP K . -11.75 -20.95 4.60
O1A ANP K . -11.18 -22.29 4.75
O2A ANP K . -12.03 -20.39 3.28
O3A ANP K . -10.85 -19.92 5.43
O5' ANP K . -13.09 -20.93 5.47
C5' ANP K . -14.34 -20.60 4.90
C4' ANP K . -14.92 -19.38 5.63
O4' ANP K . -15.20 -19.72 6.98
C3' ANP K . -13.91 -18.25 5.64
O3' ANP K . -14.12 -17.39 4.51
C2' ANP K . -14.19 -17.55 6.93
O2' ANP K . -15.18 -16.53 6.80
C1' ANP K . -14.76 -18.64 7.81
N9 ANP K . -13.81 -19.23 8.75
C8 ANP K . -12.50 -19.53 8.55
N7 ANP K . -11.89 -20.10 9.59
C5 ANP K . -12.89 -20.21 10.54
C6 ANP K . -13.01 -20.67 11.89
N6 ANP K . -12.01 -21.22 12.55
N1 ANP K . -14.18 -20.60 12.58
C2 ANP K . -15.20 -20.06 11.92
N3 ANP K . -15.23 -19.59 10.69
C4 ANP K . -14.06 -19.65 10.03
MG MG L . -7.91 -20.58 8.42
O4' HFG M . -11.06 -24.63 3.09
C21 HFG M . -10.46 -23.92 2.29
C3' HFG M . -10.93 -23.73 0.84
C2' HFG M . -12.40 -24.12 0.74
N1' HFG M . -12.64 -25.46 1.32
C6' HFG M . -14.05 -25.84 1.23
C5' HFG M . -14.94 -24.83 1.95
C4' HFG M . -14.74 -23.45 1.35
C39 HFG M . -13.26 -23.07 1.43
O7' HFG M . -13.06 -21.81 0.79
C1' HFG M . -9.18 -23.17 2.68
N3 HFG M . -8.48 -23.91 3.77
C4 HFG M . -8.02 -25.18 3.50
O11 HFG M . -8.16 -25.72 2.40
C10 HFG M . -7.35 -25.83 4.62
C5 HFG M . -6.83 -27.12 4.49
C2 HFG M . -8.31 -23.34 4.98
N1 HFG M . -7.73 -23.88 6.01
C9 HFG M . -7.22 -25.17 5.84
C8 HFG M . -6.58 -25.80 6.91
C7 HFG M . -6.07 -27.08 6.76
BR1 HFG M . -5.22 -27.90 8.22
C6 HFG M . -6.20 -27.74 5.54
CL1 HFG M . -5.57 -29.34 5.36
PG ANP N . -25.09 -51.62 20.75
O1G ANP N . -24.56 -52.81 21.62
O2G ANP N . -23.82 -50.77 20.40
O3G ANP N . -25.76 -52.11 19.54
PB ANP N . -25.82 -49.15 22.16
O1B ANP N . -25.78 -48.98 23.58
O2B ANP N . -24.62 -48.49 21.47
N3B ANP N . -26.19 -50.69 21.65
PA ANP N . -27.41 -46.75 21.80
O1A ANP N . -28.61 -46.57 22.65
O2A ANP N . -26.16 -46.04 22.18
O3A ANP N . -27.09 -48.31 21.68
O5' ANP N . -27.78 -46.36 20.28
C5' ANP N . -29.07 -45.79 19.95
C4' ANP N . -29.69 -46.57 18.77
O4' ANP N . -28.84 -46.38 17.61
C3' ANP N . -29.75 -48.06 19.06
O3' ANP N . -31.06 -48.43 19.50
C2' ANP N . -29.35 -48.74 17.77
O2' ANP N . -30.50 -49.06 16.96
C1' ANP N . -28.53 -47.68 17.04
N9 ANP N . -27.06 -47.90 17.04
C8 ANP N . -26.28 -48.36 18.06
N7 ANP N . -24.97 -48.40 17.72
C5 ANP N . -24.89 -47.96 16.39
C6 ANP N . -23.86 -47.74 15.42
N6 ANP N . -22.58 -48.01 15.68
N1 ANP N . -24.17 -47.30 14.20
C2 ANP N . -25.45 -47.06 13.94
N3 ANP N . -26.48 -47.22 14.76
C4 ANP N . -26.19 -47.66 16.00
MG MG O . -22.78 -49.73 21.40
O4' HFG P . -25.55 -43.85 24.22
C21 HFG P . -26.13 -44.74 24.82
C3' HFG P . -27.65 -44.76 24.90
C2' HFG P . -28.24 -43.35 24.72
N1' HFG P . -27.20 -42.34 24.49
C6' HFG P . -27.78 -41.01 24.33
C5' HFG P . -28.70 -40.98 23.15
C4' HFG P . -29.82 -41.98 23.37
C39 HFG P . -29.25 -43.36 23.60
O7' HFG P . -30.32 -44.24 23.95
C1' HFG P . -25.40 -45.80 25.63
N3 HFG P . -23.96 -45.79 25.28
C4 HFG P . -23.11 -45.01 26.05
O11 HFG P . -23.52 -44.32 26.96
C10 HFG P . -21.71 -45.07 25.66
C5 HFG P . -20.77 -44.33 26.34
C2 HFG P . -23.48 -46.55 24.30
N1 HFG P . -22.25 -46.63 23.92
C9 HFG P . -21.32 -45.87 24.60
C8 HFG P . -19.99 -45.93 24.23
C7 HFG P . -19.05 -45.18 24.92
BR1 HFG P . -17.25 -45.26 24.38
C6 HFG P . -19.44 -44.39 25.97
CL1 HFG P . -18.31 -43.46 26.84
#